data_3VU2
#
_entry.id   3VU2
#
_cell.length_a   73.810
_cell.length_b   66.560
_cell.length_c   169.625
_cell.angle_alpha   90.00
_cell.angle_beta   89.97
_cell.angle_gamma   90.00
#
_symmetry.space_group_name_H-M   'P 1 21 1'
#
loop_
_entity.id
_entity.type
_entity.pdbx_description
1 polymer '1,4-alpha-glucan-branching enzyme, chloroplastic/amyloplastic'
2 branched alpha-D-glucopyranose-(1-4)-alpha-D-glucopyranose-(1-4)-alpha-D-glucopyranose-(1-4)-alpha-D-glucopyranose-(1-4)-alpha-D-glucopyranose
3 non-polymer beta-D-glucopyranose
4 non-polymer GLYCEROL
5 water water
#
_entity_poly.entity_id   1
_entity_poly.type   'polypeptide(L)'
_entity_poly.pdbx_seq_one_letter_code
;MVTVVEEVDHLPIYDLDPKLEEFKDHFNYRIKRYLDQKCLIEKHEGGLEEFSKGYLKFGINTVDGATIYREWAPAAQEAQ
LIGEFNNWNGAKHKMEKDKFGIWSIKISHVNGKPAIPHNSKVKFRFRHGGGAWVDRIPAWIRYATFDASKFGAPYDGVHW
DPPACERYVFKHPRPPKPDAPRIYEAHVGMSGEEPEVSTYREFADNVLPRIRANNYNTVQLMAIMEHSYYASFGYHVTNF
FAVSSRSGTPEDLKYLVDKAHSLGLRVLMDVVHSHASNNVTDGLNGYDVGQNTHESYFHTGDRGYHKLWDSRLFNYANWE
VLRFLLSNLRYWMDEFMFDGFRFDGVTSMLYHHHGINKGFTGNYKEYFSLDTDVDAIVYMMLANHLMHKLLPEATIVAQD
VSGMPVLCRPVDEGGVGFDFRLAMAIPDRWIDYLKNKEDRKWSMSEIVQTLTNRRYTEKCIAYAESHDQSIVGDKTIAFL
LMDKEMYTGMSDLQPASPTINRGIALQKMIHFITMALGGDGYLNFMGNEFGHPEWIDFPREGNNWSYDKCRRQWSLVDTD
HLRYKYMNAFDQAMNALEEEFSFLSSSKQIVSDMNEKDKVIVFERGDLVFVFNFHPNKTYKGYKVGCDLPGKYRVALDSD
ALVFGGHGRVGHDVDHFTSPEGMPGVPETNFNNRPNSFKVLSPPRTCVAYYRVDEDREELRR
;
_entity_poly.pdbx_strand_id   A,B
#
# COMPACT_ATOMS: atom_id res chain seq x y z
N VAL A 8 30.43 28.54 -19.94
CA VAL A 8 29.25 29.45 -19.95
C VAL A 8 28.54 29.43 -18.59
N ASP A 9 28.42 28.24 -18.01
CA ASP A 9 27.70 28.03 -16.76
C ASP A 9 28.62 27.50 -15.66
N HIS A 10 28.77 28.29 -14.61
CA HIS A 10 29.56 27.91 -13.43
C HIS A 10 28.77 28.17 -12.15
N LEU A 11 28.77 27.20 -11.26
CA LEU A 11 27.98 27.26 -10.04
C LEU A 11 28.88 27.36 -8.82
N PRO A 12 28.58 28.31 -7.91
CA PRO A 12 29.36 28.53 -6.67
C PRO A 12 29.54 27.28 -5.81
N ILE A 13 28.70 26.27 -6.03
CA ILE A 13 28.86 24.98 -5.33
C ILE A 13 30.10 24.22 -5.78
N TYR A 14 30.49 24.42 -7.05
CA TYR A 14 31.69 23.78 -7.60
C TYR A 14 32.97 24.25 -6.90
N ASP A 15 32.93 25.47 -6.37
CA ASP A 15 34.06 26.03 -5.61
C ASP A 15 34.26 25.28 -4.29
N LEU A 16 33.14 24.91 -3.65
CA LEU A 16 33.16 24.28 -2.34
C LEU A 16 33.55 22.80 -2.40
N ASP A 17 33.23 22.15 -3.52
CA ASP A 17 33.43 20.72 -3.67
C ASP A 17 33.73 20.42 -5.14
N PRO A 18 34.98 20.03 -5.45
CA PRO A 18 35.45 19.81 -6.82
C PRO A 18 34.77 18.66 -7.56
N LYS A 19 34.48 17.56 -6.85
CA LYS A 19 33.84 16.38 -7.44
C LYS A 19 32.51 16.68 -8.14
N LEU A 20 31.94 17.84 -7.84
CA LEU A 20 30.61 18.21 -8.34
C LEU A 20 30.56 18.48 -9.84
N GLU A 21 31.56 19.19 -10.36
CA GLU A 21 31.58 19.60 -11.77
C GLU A 21 31.54 18.44 -12.76
N GLU A 22 31.93 17.26 -12.29
CA GLU A 22 31.80 16.01 -13.04
C GLU A 22 30.34 15.73 -13.43
N PHE A 23 29.41 16.40 -12.76
CA PHE A 23 27.98 16.21 -13.01
C PHE A 23 27.28 17.51 -13.43
N LYS A 24 28.01 18.37 -14.14
CA LYS A 24 27.50 19.64 -14.67
C LYS A 24 26.22 19.47 -15.49
N ASP A 25 26.16 18.41 -16.30
CA ASP A 25 25.00 18.11 -17.15
C ASP A 25 23.72 17.91 -16.32
N HIS A 26 23.84 17.24 -15.17
CA HIS A 26 22.71 17.00 -14.27
C HIS A 26 22.24 18.29 -13.59
N PHE A 27 23.19 19.09 -13.12
CA PHE A 27 22.89 20.37 -12.47
C PHE A 27 22.32 21.40 -13.43
N ASN A 28 22.88 21.49 -14.63
CA ASN A 28 22.35 22.41 -15.64
C ASN A 28 20.87 22.18 -15.87
N TYR A 29 20.50 20.90 -16.02
CA TYR A 29 19.12 20.51 -16.22
C TYR A 29 18.26 20.87 -15.01
N ARG A 30 18.76 20.54 -13.83
CA ARG A 30 18.07 20.82 -12.58
C ARG A 30 17.78 22.32 -12.40
N ILE A 31 18.81 23.13 -12.67
CA ILE A 31 18.69 24.58 -12.56
C ILE A 31 17.78 25.15 -13.65
N LYS A 32 17.91 24.65 -14.88
CA LYS A 32 17.04 25.05 -15.98
C LYS A 32 15.58 24.73 -15.64
N ARG A 33 15.34 23.55 -15.09
CA ARG A 33 14.00 23.15 -14.65
C ARG A 33 13.46 24.06 -13.56
N TYR A 34 14.29 24.38 -12.58
CA TYR A 34 13.91 25.25 -11.47
C TYR A 34 13.62 26.67 -11.95
N LEU A 35 14.54 27.22 -12.76
CA LEU A 35 14.38 28.57 -13.29
C LEU A 35 13.16 28.69 -14.21
N ASP A 36 12.95 27.72 -15.09
CA ASP A 36 11.78 27.72 -15.96
C ASP A 36 10.47 27.70 -15.19
N GLN A 37 10.39 26.86 -14.14
CA GLN A 37 9.18 26.75 -13.34
C GLN A 37 8.92 28.04 -12.55
N LYS A 38 10.00 28.59 -11.98
CA LYS A 38 9.94 29.85 -11.27
C LYS A 38 9.51 30.97 -12.21
N CYS A 39 10.14 31.03 -13.38
CA CYS A 39 9.78 32.02 -14.40
C CYS A 39 8.29 31.97 -14.72
N LEU A 40 7.78 30.76 -14.92
CA LEU A 40 6.36 30.55 -15.26
C LEU A 40 5.42 30.92 -14.11
N ILE A 41 5.84 30.64 -12.88
CA ILE A 41 5.07 31.04 -11.70
C ILE A 41 5.06 32.56 -11.58
N GLU A 42 6.20 33.19 -11.87
CA GLU A 42 6.32 34.65 -11.81
C GLU A 42 5.44 35.37 -12.84
N LYS A 43 5.46 34.89 -14.09
CA LYS A 43 4.64 35.48 -15.15
C LYS A 43 3.15 35.29 -14.92
N HIS A 44 2.75 34.08 -14.53
CA HIS A 44 1.33 33.69 -14.54
C HIS A 44 0.65 33.66 -13.18
N GLU A 45 1.41 33.78 -12.10
CA GLU A 45 0.86 33.70 -10.75
C GLU A 45 1.33 34.82 -9.80
N GLY A 46 2.17 35.73 -10.31
CA GLY A 46 2.67 36.86 -9.53
C GLY A 46 3.88 36.55 -8.67
N GLY A 47 4.58 35.46 -8.96
CA GLY A 47 5.74 35.05 -8.18
C GLY A 47 5.41 34.13 -7.03
N LEU A 48 6.44 33.56 -6.41
CA LEU A 48 6.28 32.53 -5.37
C LEU A 48 5.51 32.96 -4.13
N GLU A 49 5.80 34.14 -3.62
CA GLU A 49 5.10 34.68 -2.45
C GLU A 49 3.59 34.77 -2.69
N GLU A 50 3.21 35.25 -3.87
CA GLU A 50 1.81 35.37 -4.26
C GLU A 50 1.18 34.00 -4.57
N PHE A 51 1.95 33.13 -5.22
CA PHE A 51 1.50 31.78 -5.54
C PHE A 51 1.19 30.97 -4.27
N SER A 52 1.92 31.26 -3.20
CA SER A 52 1.76 30.54 -1.92
C SER A 52 0.62 31.08 -1.05
N LYS A 53 -0.12 32.07 -1.54
CA LYS A 53 -1.31 32.58 -0.85
C LYS A 53 -2.55 31.78 -1.22
N GLY A 54 -2.32 30.58 -1.77
CA GLY A 54 -3.37 29.72 -2.29
C GLY A 54 -4.49 29.37 -1.33
N TYR A 55 -4.17 29.28 -0.03
CA TYR A 55 -5.18 28.93 0.97
C TYR A 55 -6.21 30.03 1.20
N LEU A 56 -5.91 31.25 0.75
CA LEU A 56 -6.89 32.32 0.75
C LEU A 56 -7.84 32.23 -0.45
N LYS A 57 -7.53 31.32 -1.37
CA LYS A 57 -8.33 31.12 -2.58
C LYS A 57 -9.00 29.75 -2.66
N PHE A 58 -8.32 28.73 -2.13
CA PHE A 58 -8.85 27.37 -2.11
C PHE A 58 -9.39 27.02 -0.72
N GLY A 59 -10.28 26.03 -0.65
CA GLY A 59 -11.04 25.78 0.56
C GLY A 59 -12.09 26.87 0.72
N ILE A 60 -12.51 27.09 1.97
CA ILE A 60 -13.58 28.05 2.25
C ILE A 60 -13.01 29.36 2.81
N ASN A 61 -13.30 30.46 2.12
CA ASN A 61 -12.88 31.78 2.56
C ASN A 61 -14.04 32.78 2.51
N THR A 62 -14.03 33.72 3.46
CA THR A 62 -15.01 34.80 3.50
C THR A 62 -14.45 36.02 2.77
N VAL A 63 -15.24 36.60 1.86
CA VAL A 63 -14.89 37.84 1.19
C VAL A 63 -16.07 38.80 1.24
N ASP A 64 -15.82 40.07 0.87
CA ASP A 64 -16.86 41.07 0.63
C ASP A 64 -18.29 40.53 0.84
N GLY A 65 -18.70 40.41 2.10
CA GLY A 65 -20.04 39.95 2.48
C GLY A 65 -20.52 38.63 1.90
N ALA A 66 -19.59 37.79 1.46
CA ALA A 66 -19.91 36.48 0.86
C ALA A 66 -18.88 35.41 1.22
N THR A 67 -19.25 34.16 0.98
CA THR A 67 -18.35 33.04 1.21
C THR A 67 -18.02 32.35 -0.11
N ILE A 68 -16.73 32.15 -0.35
CA ILE A 68 -16.25 31.48 -1.55
C ILE A 68 -15.56 30.15 -1.20
N TYR A 69 -16.01 29.08 -1.86
CA TYR A 69 -15.40 27.76 -1.73
C TYR A 69 -14.88 27.25 -3.07
N ARG A 70 -13.57 26.99 -3.13
CA ARG A 70 -12.95 26.44 -4.32
C ARG A 70 -12.27 25.09 -4.06
N GLU A 71 -12.43 24.19 -5.02
CA GLU A 71 -11.89 22.85 -4.93
C GLU A 71 -11.46 22.35 -6.32
N TRP A 72 -10.17 22.12 -6.47
CA TRP A 72 -9.62 21.50 -7.66
C TRP A 72 -10.02 20.02 -7.69
N ALA A 73 -10.77 19.64 -8.73
CA ALA A 73 -11.13 18.24 -8.98
C ALA A 73 -11.57 18.09 -10.44
N PRO A 74 -10.59 18.08 -11.36
CA PRO A 74 -10.81 18.06 -12.81
C PRO A 74 -11.59 16.82 -13.27
N ALA A 75 -11.50 15.75 -12.48
CA ALA A 75 -12.11 14.46 -12.84
C ALA A 75 -13.61 14.39 -12.59
N ALA A 76 -14.12 15.24 -11.70
CA ALA A 76 -15.55 15.24 -11.36
C ALA A 76 -16.37 15.90 -12.47
N GLN A 77 -17.59 15.40 -12.68
CA GLN A 77 -18.51 15.97 -13.67
C GLN A 77 -19.58 16.86 -13.04
N GLU A 78 -19.94 16.54 -11.81
CA GLU A 78 -20.87 17.33 -11.00
C GLU A 78 -20.28 17.47 -9.61
N ALA A 79 -20.48 18.64 -9.00
CA ALA A 79 -19.96 18.90 -7.67
C ALA A 79 -20.84 19.84 -6.89
N GLN A 80 -21.00 19.53 -5.61
CA GLN A 80 -21.79 20.34 -4.69
C GLN A 80 -21.06 20.45 -3.37
N LEU A 81 -21.33 21.51 -2.63
CA LEU A 81 -20.89 21.58 -1.24
C LEU A 81 -22.02 21.12 -0.35
N ILE A 82 -21.75 20.08 0.44
CA ILE A 82 -22.69 19.62 1.45
C ILE A 82 -22.14 19.86 2.85
N GLY A 83 -23.05 20.00 3.81
CA GLY A 83 -22.67 20.21 5.19
C GLY A 83 -23.86 20.30 6.12
N GLU A 84 -23.59 20.53 7.39
CA GLU A 84 -24.64 20.76 8.39
C GLU A 84 -25.47 21.97 8.00
N PHE A 85 -24.80 22.98 7.46
CA PHE A 85 -25.42 24.23 7.01
C PHE A 85 -26.56 24.08 6.00
N ASN A 86 -26.51 23.03 5.19
CA ASN A 86 -27.60 22.73 4.26
C ASN A 86 -28.19 21.33 4.46
N ASN A 87 -28.04 20.80 5.68
CA ASN A 87 -28.65 19.51 6.06
C ASN A 87 -28.18 18.38 5.15
N TRP A 88 -26.94 18.49 4.66
CA TRP A 88 -26.29 17.49 3.82
C TRP A 88 -26.98 17.29 2.46
N ASN A 89 -27.56 18.38 1.95
CA ASN A 89 -28.18 18.40 0.64
C ASN A 89 -27.64 19.59 -0.15
N GLY A 90 -26.91 19.29 -1.23
CA GLY A 90 -26.24 20.32 -2.02
C GLY A 90 -26.96 20.74 -3.27
N ALA A 91 -28.25 20.39 -3.38
CA ALA A 91 -29.06 20.73 -4.56
C ALA A 91 -29.17 22.23 -4.82
N LYS A 92 -28.92 23.03 -3.78
CA LYS A 92 -28.94 24.48 -3.91
C LYS A 92 -27.56 25.08 -3.70
N HIS A 93 -26.54 24.22 -3.68
CA HIS A 93 -25.16 24.69 -3.53
C HIS A 93 -24.24 23.97 -4.53
N LYS A 94 -24.75 23.85 -5.75
CA LYS A 94 -24.03 23.25 -6.88
C LYS A 94 -22.88 24.16 -7.29
N MET A 95 -21.73 23.56 -7.54
CA MET A 95 -20.54 24.31 -7.91
C MET A 95 -20.34 24.29 -9.41
N GLU A 96 -19.54 25.23 -9.93
CA GLU A 96 -19.23 25.24 -11.35
C GLU A 96 -17.72 25.13 -11.63
N LYS A 97 -17.43 24.41 -12.72
CA LYS A 97 -16.08 24.04 -13.10
C LYS A 97 -15.50 25.03 -14.11
N ASP A 98 -14.28 25.49 -13.86
CA ASP A 98 -13.57 26.36 -14.79
C ASP A 98 -12.69 25.53 -15.74
N LYS A 99 -11.99 26.21 -16.67
CA LYS A 99 -11.20 25.53 -17.71
C LYS A 99 -10.04 24.66 -17.17
N PHE A 100 -9.72 24.86 -15.89
CA PHE A 100 -8.63 24.14 -15.24
C PHE A 100 -9.13 23.02 -14.32
N GLY A 101 -10.44 22.80 -14.31
CA GLY A 101 -11.05 21.79 -13.44
C GLY A 101 -11.11 22.23 -11.99
N ILE A 102 -11.13 23.54 -11.77
CA ILE A 102 -11.30 24.11 -10.44
C ILE A 102 -12.79 24.39 -10.24
N TRP A 103 -13.37 23.80 -9.20
CA TRP A 103 -14.77 24.02 -8.86
C TRP A 103 -14.90 25.17 -7.88
N SER A 104 -15.93 26.00 -8.09
CA SER A 104 -16.14 27.20 -7.28
C SER A 104 -17.62 27.44 -6.97
N ILE A 105 -17.85 28.21 -5.92
CA ILE A 105 -19.20 28.66 -5.55
C ILE A 105 -19.09 29.91 -4.69
N LYS A 106 -20.04 30.81 -4.86
CA LYS A 106 -20.17 31.98 -3.99
C LYS A 106 -21.48 31.89 -3.22
N ILE A 107 -21.38 31.88 -1.89
CA ILE A 107 -22.55 31.78 -1.04
C ILE A 107 -22.70 33.05 -0.21
N SER A 108 -23.75 33.81 -0.49
CA SER A 108 -24.00 35.07 0.21
C SER A 108 -24.36 34.81 1.68
N HIS A 109 -24.02 35.78 2.51
CA HIS A 109 -24.36 35.76 3.93
C HIS A 109 -25.87 35.61 4.12
N VAL A 110 -26.25 34.89 5.17
CA VAL A 110 -27.65 34.79 5.55
C VAL A 110 -27.79 35.54 6.87
N ASN A 111 -28.79 36.41 6.96
CA ASN A 111 -29.06 37.22 8.16
C ASN A 111 -27.86 38.08 8.57
N GLY A 112 -27.06 38.49 7.60
CA GLY A 112 -25.85 39.28 7.86
C GLY A 112 -24.66 38.46 8.34
N LYS A 113 -24.87 37.16 8.54
CA LYS A 113 -23.80 36.25 8.97
C LYS A 113 -23.45 35.18 7.92
N PRO A 114 -22.16 34.83 7.81
CA PRO A 114 -21.65 33.76 6.95
C PRO A 114 -22.55 32.52 6.93
N ALA A 115 -22.84 32.05 5.72
CA ALA A 115 -23.76 30.91 5.50
C ALA A 115 -23.31 29.60 6.16
N ILE A 116 -21.99 29.39 6.28
CA ILE A 116 -21.48 28.19 6.93
C ILE A 116 -21.00 28.57 8.32
N PRO A 117 -21.73 28.13 9.36
CA PRO A 117 -21.28 28.48 10.71
C PRO A 117 -19.86 27.97 10.97
N HIS A 118 -19.09 28.78 11.69
CA HIS A 118 -17.82 28.33 12.26
C HIS A 118 -18.05 27.06 13.05
N ASN A 119 -17.10 26.13 12.97
CA ASN A 119 -17.11 24.88 13.71
C ASN A 119 -18.22 23.90 13.29
N SER A 120 -18.74 24.07 12.07
CA SER A 120 -19.72 23.12 11.52
C SER A 120 -19.07 22.22 10.46
N LYS A 121 -19.70 21.09 10.18
CA LYS A 121 -19.12 20.07 9.31
C LYS A 121 -19.49 20.23 7.83
N VAL A 122 -18.52 19.94 6.96
CA VAL A 122 -18.68 20.05 5.51
C VAL A 122 -18.00 18.92 4.75
N LYS A 123 -18.49 18.67 3.53
CA LYS A 123 -17.88 17.73 2.60
C LYS A 123 -18.00 18.23 1.16
N PHE A 124 -17.02 17.84 0.35
CA PHE A 124 -17.04 18.04 -1.09
C PHE A 124 -17.78 16.86 -1.71
N ARG A 125 -18.90 17.14 -2.38
CA ARG A 125 -19.72 16.11 -2.99
C ARG A 125 -19.56 16.15 -4.50
N PHE A 126 -19.19 15.01 -5.08
CA PHE A 126 -19.01 14.93 -6.53
C PHE A 126 -19.34 13.55 -7.08
N ARG A 127 -19.69 13.49 -8.35
CA ARG A 127 -19.82 12.21 -9.04
C ARG A 127 -18.87 12.13 -10.23
N HIS A 128 -18.33 10.94 -10.45
CA HIS A 128 -17.31 10.74 -11.47
C HIS A 128 -17.91 10.43 -12.84
N GLY A 129 -18.99 9.66 -12.86
CA GLY A 129 -19.67 9.32 -14.11
C GLY A 129 -21.06 8.71 -14.01
N GLY A 130 -22.05 9.54 -13.69
CA GLY A 130 -23.45 9.13 -13.70
C GLY A 130 -23.88 8.22 -12.56
N GLY A 131 -22.96 7.88 -11.67
CA GLY A 131 -23.24 6.98 -10.56
C GLY A 131 -23.53 7.68 -9.24
N ALA A 132 -23.19 7.01 -8.15
CA ALA A 132 -23.44 7.51 -6.80
C ALA A 132 -22.52 8.69 -6.48
N TRP A 133 -23.01 9.60 -5.64
CA TRP A 133 -22.21 10.71 -5.14
C TRP A 133 -21.02 10.19 -4.33
N VAL A 134 -19.89 10.87 -4.47
CA VAL A 134 -18.72 10.61 -3.63
C VAL A 134 -18.52 11.84 -2.75
N ASP A 135 -18.33 11.62 -1.46
CA ASP A 135 -18.18 12.72 -0.52
C ASP A 135 -16.80 12.72 0.14
N ARG A 136 -16.07 13.81 -0.04
CA ARG A 136 -14.71 13.94 0.49
C ARG A 136 -14.55 15.17 1.37
N ILE A 137 -13.63 15.08 2.32
CA ILE A 137 -13.16 16.22 3.08
C ILE A 137 -12.34 17.10 2.13
N PRO A 138 -12.67 18.40 2.05
CA PRO A 138 -11.91 19.34 1.24
C PRO A 138 -10.40 19.21 1.47
N ALA A 139 -9.64 19.24 0.37
CA ALA A 139 -8.18 19.12 0.41
C ALA A 139 -7.53 20.21 1.26
N TRP A 140 -8.19 21.36 1.33
CA TRP A 140 -7.64 22.52 2.02
C TRP A 140 -8.30 22.79 3.38
N ILE A 141 -9.04 21.82 3.91
CA ILE A 141 -9.73 22.00 5.20
C ILE A 141 -8.70 22.33 6.28
N ARG A 142 -9.10 23.11 7.28
CA ARG A 142 -8.14 23.59 8.29
C ARG A 142 -8.30 22.90 9.64
N TYR A 143 -9.30 22.04 9.74
CA TYR A 143 -9.60 21.29 10.95
C TYR A 143 -10.50 20.11 10.57
N ALA A 144 -10.26 18.97 11.20
CA ALA A 144 -11.03 17.76 10.94
C ALA A 144 -11.10 16.92 12.20
N THR A 145 -12.32 16.60 12.63
CA THR A 145 -12.53 15.90 13.90
C THR A 145 -13.05 14.49 13.73
N PHE A 146 -12.92 13.70 14.80
CA PHE A 146 -13.41 12.32 14.82
C PHE A 146 -13.90 11.97 16.22
N ASP A 147 -14.91 11.09 16.30
CA ASP A 147 -15.40 10.55 17.57
CA ASP A 147 -15.36 10.63 17.60
C ASP A 147 -14.35 9.63 18.17
N ALA A 148 -13.66 10.10 19.22
CA ALA A 148 -12.56 9.34 19.83
C ALA A 148 -13.02 8.11 20.61
N SER A 149 -14.32 8.00 20.87
CA SER A 149 -14.86 6.84 21.56
C SER A 149 -14.99 5.63 20.63
N LYS A 150 -15.17 5.92 19.34
CA LYS A 150 -15.38 4.86 18.35
C LYS A 150 -14.09 4.42 17.67
N PHE A 151 -13.85 3.11 17.67
CA PHE A 151 -12.67 2.57 17.02
C PHE A 151 -12.80 2.68 15.49
N GLY A 152 -11.73 3.10 14.84
CA GLY A 152 -11.69 3.28 13.38
C GLY A 152 -12.69 4.31 12.86
N ALA A 153 -12.98 5.32 13.66
CA ALA A 153 -13.99 6.33 13.33
C ALA A 153 -13.51 7.27 12.22
N PRO A 154 -14.38 7.53 11.22
CA PRO A 154 -13.99 8.41 10.12
C PRO A 154 -13.95 9.88 10.57
N TYR A 155 -13.23 10.70 9.82
CA TYR A 155 -13.11 12.11 10.15
C TYR A 155 -14.21 12.92 9.50
N ASP A 156 -14.55 14.04 10.12
CA ASP A 156 -15.43 15.04 9.52
C ASP A 156 -14.59 16.27 9.22
N GLY A 157 -14.77 16.83 8.01
CA GLY A 157 -14.19 18.13 7.69
C GLY A 157 -14.94 19.20 8.44
N VAL A 158 -14.22 20.08 9.12
CA VAL A 158 -14.85 21.12 9.92
C VAL A 158 -14.43 22.49 9.41
N HIS A 159 -15.41 23.35 9.13
CA HIS A 159 -15.11 24.72 8.73
C HIS A 159 -14.65 25.52 9.95
N TRP A 160 -13.36 25.86 9.98
CA TRP A 160 -12.79 26.60 11.09
C TRP A 160 -12.60 28.07 10.74
N ASP A 161 -13.41 28.91 11.38
CA ASP A 161 -13.41 30.34 11.14
C ASP A 161 -13.95 31.04 12.39
N PRO A 162 -13.18 31.01 13.49
CA PRO A 162 -13.68 31.53 14.76
C PRO A 162 -14.12 32.99 14.70
N PRO A 163 -15.08 33.38 15.55
CA PRO A 163 -15.37 34.80 15.74
C PRO A 163 -14.18 35.48 16.42
N ALA A 164 -14.12 36.81 16.32
CA ALA A 164 -13.00 37.59 16.86
C ALA A 164 -12.62 37.24 18.30
N CYS A 165 -13.63 37.06 19.15
CA CYS A 165 -13.41 36.78 20.57
C CYS A 165 -12.82 35.39 20.83
N GLU A 166 -12.81 34.54 19.81
CA GLU A 166 -12.26 33.19 19.92
C GLU A 166 -11.13 32.93 18.92
N ARG A 167 -10.51 34.01 18.46
CA ARG A 167 -9.36 33.96 17.55
C ARG A 167 -8.11 34.25 18.36
N TYR A 168 -7.14 33.33 18.35
CA TYR A 168 -5.93 33.62 19.13
C TYR A 168 -5.15 34.81 18.58
N VAL A 169 -4.73 35.67 19.49
CA VAL A 169 -4.00 36.88 19.14
C VAL A 169 -2.55 36.72 19.60
N PHE A 170 -1.62 36.77 18.65
CA PHE A 170 -0.19 36.65 18.98
C PHE A 170 0.31 37.87 19.75
N LYS A 171 0.94 37.60 20.90
CA LYS A 171 1.38 38.64 21.83
C LYS A 171 2.89 38.82 21.84
N HIS A 172 3.61 37.89 21.21
CA HIS A 172 5.05 37.84 21.33
C HIS A 172 5.74 37.74 19.97
N PRO A 173 6.92 38.39 19.84
CA PRO A 173 7.60 38.28 18.57
C PRO A 173 8.38 36.97 18.44
N ARG A 174 8.68 36.62 17.20
CA ARG A 174 9.61 35.54 16.90
C ARG A 174 10.97 35.89 17.50
N PRO A 175 11.59 34.92 18.21
CA PRO A 175 12.97 35.09 18.67
C PRO A 175 13.93 35.22 17.49
N PRO A 176 15.10 35.85 17.71
CA PRO A 176 16.13 35.90 16.68
C PRO A 176 16.69 34.52 16.38
N LYS A 177 17.25 34.35 15.18
CA LYS A 177 17.94 33.13 14.80
C LYS A 177 19.10 32.89 15.77
N PRO A 178 19.15 31.70 16.40
CA PRO A 178 20.26 31.43 17.31
C PRO A 178 21.54 31.10 16.53
N ASP A 179 22.70 31.30 17.16
CA ASP A 179 23.98 30.98 16.54
C ASP A 179 24.10 29.49 16.23
N ALA A 180 23.56 28.67 17.13
CA ALA A 180 23.42 27.23 16.89
C ALA A 180 22.09 26.72 17.44
N PRO A 181 21.37 25.89 16.66
CA PRO A 181 20.13 25.34 17.16
C PRO A 181 20.37 24.24 18.20
N ARG A 182 19.75 24.40 19.37
CA ARG A 182 19.69 23.36 20.37
C ARG A 182 18.23 22.96 20.44
N ILE A 183 17.92 21.83 19.82
CA ILE A 183 16.54 21.47 19.48
C ILE A 183 15.99 20.42 20.42
N TYR A 184 14.80 20.71 20.95
CA TYR A 184 14.07 19.78 21.76
C TYR A 184 12.94 19.19 20.89
N GLU A 185 13.14 17.96 20.45
CA GLU A 185 12.20 17.26 19.57
C GLU A 185 11.05 16.73 20.41
N ALA A 186 9.83 17.01 19.98
CA ALA A 186 8.66 16.71 20.81
C ALA A 186 7.41 16.28 20.06
N HIS A 187 6.58 15.52 20.75
CA HIS A 187 5.30 15.07 20.25
C HIS A 187 4.28 15.36 21.35
N VAL A 188 3.25 16.15 21.01
CA VAL A 188 2.30 16.69 21.98
C VAL A 188 1.45 15.61 22.66
N GLY A 189 0.92 14.69 21.86
CA GLY A 189 -0.01 13.67 22.35
C GLY A 189 0.57 12.80 23.44
N MET A 190 1.85 12.48 23.30
CA MET A 190 2.55 11.61 24.24
C MET A 190 3.37 12.39 25.27
N SER A 191 3.13 13.70 25.36
CA SER A 191 3.92 14.61 26.20
C SER A 191 3.41 14.74 27.64
N GLY A 192 2.24 14.18 27.92
CA GLY A 192 1.70 14.17 29.27
C GLY A 192 2.11 12.90 30.02
N GLU A 193 2.07 12.98 31.35
CA GLU A 193 2.38 11.84 32.20
C GLU A 193 1.22 10.85 32.29
N GLU A 194 0.00 11.35 32.07
CA GLU A 194 -1.21 10.52 32.08
C GLU A 194 -1.28 9.61 30.85
N PRO A 195 -1.74 8.36 31.03
CA PRO A 195 -1.87 7.42 29.92
C PRO A 195 -3.00 7.79 28.95
N GLU A 196 -2.79 8.84 28.15
CA GLU A 196 -3.82 9.40 27.27
C GLU A 196 -3.19 10.36 26.26
N VAL A 197 -3.96 10.77 25.26
CA VAL A 197 -3.53 11.80 24.33
C VAL A 197 -3.55 13.16 25.03
N SER A 198 -2.38 13.78 25.14
CA SER A 198 -2.26 15.08 25.80
C SER A 198 -2.56 16.23 24.81
N THR A 199 -2.65 17.44 25.34
CA THR A 199 -3.17 18.58 24.56
C THR A 199 -2.12 19.64 24.26
N TYR A 200 -2.39 20.46 23.25
CA TYR A 200 -1.51 21.58 22.91
C TYR A 200 -1.33 22.54 24.09
N ARG A 201 -2.41 22.78 24.82
CA ARG A 201 -2.38 23.68 25.97
C ARG A 201 -1.56 23.13 27.15
N GLU A 202 -1.77 21.85 27.48
CA GLU A 202 -0.98 21.19 28.54
C GLU A 202 0.49 21.18 28.19
N PHE A 203 0.81 20.91 26.94
CA PHE A 203 2.19 20.91 26.46
C PHE A 203 2.79 22.31 26.63
N ALA A 204 2.07 23.32 26.15
CA ALA A 204 2.51 24.71 26.23
C ALA A 204 2.77 25.16 27.67
N ASP A 205 1.84 24.83 28.55
CA ASP A 205 1.89 25.29 29.93
C ASP A 205 2.84 24.47 30.83
N ASN A 206 2.93 23.15 30.61
CA ASN A 206 3.74 22.32 31.48
CA ASN A 206 3.75 22.28 31.48
C ASN A 206 5.10 21.87 30.90
N VAL A 207 5.18 21.69 29.58
CA VAL A 207 6.41 21.17 28.96
C VAL A 207 7.36 22.23 28.41
N LEU A 208 6.82 23.22 27.70
CA LEU A 208 7.63 24.32 27.18
C LEU A 208 8.55 24.95 28.23
N PRO A 209 8.05 25.19 29.46
CA PRO A 209 8.97 25.73 30.48
C PRO A 209 10.12 24.78 30.83
N ARG A 210 9.88 23.47 30.76
CA ARG A 210 10.95 22.48 31.02
C ARG A 210 12.03 22.60 29.97
N ILE A 211 11.60 22.75 28.72
CA ILE A 211 12.48 22.88 27.56
C ILE A 211 13.38 24.12 27.71
N ARG A 212 12.77 25.25 28.08
CA ARG A 212 13.51 26.48 28.29
C ARG A 212 14.42 26.42 29.51
N ALA A 213 13.94 25.83 30.60
CA ALA A 213 14.76 25.65 31.80
C ALA A 213 16.01 24.81 31.52
N ASN A 214 15.95 23.95 30.51
CA ASN A 214 17.10 23.14 30.13
C ASN A 214 18.05 23.80 29.13
N ASN A 215 17.74 25.04 28.74
CA ASN A 215 18.57 25.84 27.83
C ASN A 215 18.58 25.35 26.37
N TYR A 216 17.49 24.73 25.94
CA TYR A 216 17.25 24.53 24.52
C TYR A 216 16.78 25.87 23.95
N ASN A 217 17.02 26.10 22.67
CA ASN A 217 16.56 27.34 22.04
C ASN A 217 15.53 27.11 20.93
N THR A 218 15.22 25.84 20.69
CA THR A 218 14.33 25.46 19.60
C THR A 218 13.51 24.22 19.99
N VAL A 219 12.28 24.17 19.50
CA VAL A 219 11.42 23.01 19.65
C VAL A 219 11.13 22.48 18.26
N GLN A 220 11.42 21.20 18.03
CA GLN A 220 10.95 20.53 16.82
C GLN A 220 9.63 19.88 17.14
N LEU A 221 8.58 20.45 16.57
CA LEU A 221 7.22 20.03 16.88
C LEU A 221 6.71 19.05 15.84
N MET A 222 6.61 17.78 16.24
CA MET A 222 6.18 16.74 15.34
C MET A 222 4.66 16.55 15.35
N ALA A 223 4.16 15.80 14.38
CA ALA A 223 2.77 15.33 14.35
C ALA A 223 1.70 16.43 14.48
N ILE A 224 1.92 17.53 13.77
CA ILE A 224 0.97 18.64 13.72
C ILE A 224 -0.01 18.47 12.56
N MET A 225 0.52 18.22 11.36
CA MET A 225 -0.30 17.98 10.18
C MET A 225 -1.17 16.76 10.42
N GLU A 226 -2.46 16.89 10.12
CA GLU A 226 -3.43 15.89 10.52
C GLU A 226 -3.12 14.50 9.95
N HIS A 227 -3.24 13.50 10.82
CA HIS A 227 -3.07 12.11 10.45
C HIS A 227 -4.10 11.25 11.19
N SER A 228 -4.69 10.31 10.47
CA SER A 228 -5.71 9.42 11.02
C SER A 228 -5.11 8.32 11.90
N TYR A 229 -3.88 7.91 11.59
CA TYR A 229 -3.20 6.83 12.30
C TYR A 229 -2.24 7.41 13.32
N TYR A 230 -2.64 7.37 14.59
CA TYR A 230 -1.88 7.95 15.70
C TYR A 230 -0.45 7.40 15.77
N ALA A 231 -0.32 6.09 15.58
CA ALA A 231 0.97 5.41 15.67
C ALA A 231 1.93 5.73 14.53
N SER A 232 1.48 6.50 13.54
CA SER A 232 2.36 6.94 12.46
C SER A 232 3.38 7.97 12.93
N PHE A 233 3.17 8.52 14.13
CA PHE A 233 3.99 9.59 14.68
C PHE A 233 3.89 10.84 13.78
N GLY A 234 2.77 10.95 13.08
CA GLY A 234 2.49 12.09 12.20
C GLY A 234 2.96 11.96 10.76
N TYR A 235 3.63 10.84 10.47
CA TYR A 235 4.25 10.62 9.16
C TYR A 235 3.31 10.36 7.99
N HIS A 236 2.08 9.93 8.27
CA HIS A 236 1.13 9.65 7.19
C HIS A 236 -0.06 10.60 7.24
N VAL A 237 0.07 11.68 6.46
CA VAL A 237 -0.83 12.83 6.53
C VAL A 237 -2.08 12.62 5.68
N THR A 238 -3.23 12.97 6.25
CA THR A 238 -4.53 12.87 5.61
C THR A 238 -5.05 14.24 5.17
N ASN A 239 -5.00 15.21 6.08
CA ASN A 239 -5.49 16.56 5.85
C ASN A 239 -4.36 17.55 6.07
N PHE A 240 -3.75 17.98 4.97
CA PHE A 240 -2.48 18.71 5.01
C PHE A 240 -2.53 20.11 5.63
N PHE A 241 -3.72 20.71 5.66
CA PHE A 241 -3.89 22.06 6.22
C PHE A 241 -4.52 22.05 7.60
N ALA A 242 -4.75 20.85 8.13
CA ALA A 242 -5.46 20.70 9.38
C ALA A 242 -4.51 20.40 10.52
N VAL A 243 -4.64 21.16 11.60
CA VAL A 243 -3.93 20.90 12.84
C VAL A 243 -4.53 19.65 13.45
N SER A 244 -3.67 18.68 13.79
CA SER A 244 -4.14 17.41 14.36
C SER A 244 -5.09 17.65 15.53
N SER A 245 -6.32 17.19 15.38
CA SER A 245 -7.43 17.54 16.28
C SER A 245 -7.51 16.75 17.59
N ARG A 246 -6.76 15.65 17.69
CA ARG A 246 -6.75 14.83 18.91
C ARG A 246 -6.15 15.57 20.10
N SER A 247 -5.39 16.63 19.83
CA SER A 247 -4.72 17.40 20.89
C SER A 247 -5.29 18.80 21.09
N GLY A 248 -6.19 19.24 20.20
CA GLY A 248 -6.83 20.55 20.35
C GLY A 248 -7.21 21.23 19.06
N THR A 249 -7.47 22.53 19.13
CA THR A 249 -7.88 23.32 17.97
C THR A 249 -6.69 24.03 17.33
N PRO A 250 -6.88 24.62 16.12
CA PRO A 250 -5.83 25.47 15.57
C PRO A 250 -5.43 26.63 16.49
N GLU A 251 -6.40 27.18 17.22
CA GLU A 251 -6.13 28.26 18.17
C GLU A 251 -5.28 27.81 19.36
N ASP A 252 -5.44 26.54 19.78
CA ASP A 252 -4.61 25.99 20.87
C ASP A 252 -3.15 25.88 20.44
N LEU A 253 -2.92 25.48 19.19
CA LEU A 253 -1.57 25.47 18.63
C LEU A 253 -0.95 26.87 18.51
N LYS A 254 -1.75 27.86 18.12
CA LYS A 254 -1.28 29.25 18.07
C LYS A 254 -0.82 29.73 19.44
N TYR A 255 -1.60 29.39 20.47
CA TYR A 255 -1.23 29.66 21.87
C TYR A 255 0.11 29.01 22.22
N LEU A 256 0.29 27.75 21.80
CA LEU A 256 1.53 27.01 22.03
C LEU A 256 2.74 27.71 21.44
N VAL A 257 2.67 28.06 20.16
CA VAL A 257 3.81 28.69 19.48
C VAL A 257 4.14 30.03 20.14
N ASP A 258 3.10 30.77 20.51
CA ASP A 258 3.25 32.08 21.13
C ASP A 258 3.88 31.98 22.51
N LYS A 259 3.44 30.99 23.30
CA LYS A 259 4.02 30.74 24.61
C LYS A 259 5.50 30.40 24.47
N ALA A 260 5.82 29.57 23.48
CA ALA A 260 7.21 29.24 23.20
C ALA A 260 8.05 30.49 22.92
N HIS A 261 7.58 31.35 22.03
CA HIS A 261 8.25 32.62 21.72
C HIS A 261 8.47 33.50 22.96
N SER A 262 7.48 33.54 23.86
CA SER A 262 7.59 34.28 25.12
C SER A 262 8.69 33.74 26.05
N LEU A 263 9.05 32.48 25.89
CA LEU A 263 10.13 31.87 26.67
C LEU A 263 11.46 31.98 25.94
N GLY A 264 11.43 32.57 24.74
CA GLY A 264 12.63 32.73 23.92
C GLY A 264 12.94 31.53 23.04
N LEU A 265 11.94 30.66 22.86
CA LEU A 265 12.09 29.44 22.09
C LEU A 265 11.57 29.59 20.67
N ARG A 266 12.40 29.21 19.70
CA ARG A 266 11.96 29.07 18.31
C ARG A 266 11.21 27.75 18.16
N VAL A 267 10.27 27.72 17.23
CA VAL A 267 9.48 26.53 16.97
C VAL A 267 9.59 26.15 15.49
N LEU A 268 9.99 24.91 15.24
CA LEU A 268 9.97 24.36 13.90
C LEU A 268 8.90 23.28 13.85
N MET A 269 8.26 23.15 12.70
CA MET A 269 7.24 22.13 12.49
C MET A 269 7.79 21.05 11.56
N ASP A 270 7.36 19.81 11.79
CA ASP A 270 7.64 18.72 10.87
C ASP A 270 6.71 18.89 9.68
N VAL A 271 7.29 19.10 8.50
CA VAL A 271 6.54 19.14 7.25
C VAL A 271 6.68 17.79 6.58
N VAL A 272 5.57 17.15 6.29
CA VAL A 272 5.61 15.87 5.60
C VAL A 272 5.06 16.04 4.19
N HIS A 273 5.95 16.28 3.24
CA HIS A 273 5.58 16.44 1.84
C HIS A 273 6.14 15.34 0.96
N SER A 274 6.66 14.29 1.58
CA SER A 274 7.24 13.16 0.89
C SER A 274 6.17 12.24 0.32
N HIS A 275 4.97 12.35 0.88
CA HIS A 275 3.84 11.51 0.50
C HIS A 275 2.57 11.92 1.22
N ALA A 276 1.48 11.30 0.82
CA ALA A 276 0.23 11.34 1.57
C ALA A 276 -0.08 9.94 2.09
N SER A 277 -0.90 9.86 3.13
CA SER A 277 -1.51 8.58 3.52
C SER A 277 -2.30 8.03 2.33
N ASN A 278 -2.42 6.71 2.24
CA ASN A 278 -3.30 6.11 1.23
C ASN A 278 -4.75 5.93 1.70
N ASN A 279 -5.04 6.50 2.88
CA ASN A 279 -6.38 6.55 3.46
C ASN A 279 -7.34 7.31 2.54
N VAL A 280 -8.21 6.55 1.90
CA VAL A 280 -9.15 7.04 0.88
C VAL A 280 -10.42 7.66 1.45
N THR A 281 -10.83 7.20 2.62
CA THR A 281 -12.05 7.73 3.23
C THR A 281 -11.84 9.09 3.93
N ASP A 282 -10.62 9.39 4.37
CA ASP A 282 -10.34 10.61 5.16
C ASP A 282 -9.42 11.62 4.49
N GLY A 283 -8.49 11.14 3.68
CA GLY A 283 -7.40 11.99 3.17
C GLY A 283 -7.39 12.31 1.68
N LEU A 284 -6.35 13.03 1.28
CA LEU A 284 -6.11 13.45 -0.11
C LEU A 284 -6.22 12.35 -1.14
N ASN A 285 -5.88 11.13 -0.74
CA ASN A 285 -5.90 10.00 -1.66
C ASN A 285 -7.31 9.66 -2.14
N GLY A 286 -8.31 10.24 -1.48
CA GLY A 286 -9.69 10.13 -1.91
C GLY A 286 -10.00 10.91 -3.19
N TYR A 287 -9.06 11.76 -3.61
CA TYR A 287 -9.26 12.53 -4.85
C TYR A 287 -8.77 11.81 -6.09
N ASP A 288 -8.04 10.72 -5.92
CA ASP A 288 -7.73 9.87 -7.07
C ASP A 288 -8.92 8.96 -7.35
N VAL A 289 -9.57 9.22 -8.48
CA VAL A 289 -10.68 8.39 -8.95
C VAL A 289 -10.31 7.64 -10.26
N GLY A 290 -9.02 7.61 -10.58
CA GLY A 290 -8.53 6.88 -11.74
C GLY A 290 -8.24 7.74 -12.97
N GLN A 291 -8.11 9.04 -12.78
CA GLN A 291 -7.79 9.96 -13.87
C GLN A 291 -6.29 9.90 -14.20
N ASN A 292 -5.88 10.67 -15.20
CA ASN A 292 -4.47 10.85 -15.55
C ASN A 292 -3.76 11.60 -14.43
N THR A 293 -2.45 11.39 -14.27
CA THR A 293 -1.71 12.06 -13.20
C THR A 293 -1.71 13.59 -13.29
N HIS A 294 -1.84 14.11 -14.51
CA HIS A 294 -1.88 15.54 -14.76
C HIS A 294 -3.06 16.20 -14.05
N GLU A 295 -4.15 15.45 -13.87
CA GLU A 295 -5.35 15.92 -13.19
C GLU A 295 -5.49 15.35 -11.77
N SER A 296 -4.36 14.96 -11.19
CA SER A 296 -4.35 14.34 -9.86
C SER A 296 -3.25 14.93 -9.00
N TYR A 297 -3.39 14.79 -7.69
CA TYR A 297 -2.28 15.11 -6.80
C TYR A 297 -1.11 14.17 -7.03
N PHE A 298 -1.42 12.96 -7.50
CA PHE A 298 -0.46 11.87 -7.49
C PHE A 298 -0.16 11.24 -8.84
N HIS A 299 1.01 10.62 -8.92
CA HIS A 299 1.30 9.69 -9.99
C HIS A 299 0.38 8.50 -9.90
N THR A 300 0.26 7.78 -11.00
CA THR A 300 -0.59 6.61 -11.10
C THR A 300 0.29 5.37 -11.22
N GLY A 301 -0.33 4.20 -11.12
CA GLY A 301 0.38 2.93 -11.22
C GLY A 301 1.50 2.82 -10.20
N ASP A 302 2.58 2.15 -10.62
CA ASP A 302 3.73 1.92 -9.76
C ASP A 302 4.34 3.22 -9.23
N ARG A 303 4.47 4.19 -10.14
CA ARG A 303 5.02 5.51 -9.83
C ARG A 303 4.31 6.20 -8.67
N GLY A 304 3.03 5.87 -8.47
CA GLY A 304 2.22 6.49 -7.45
C GLY A 304 2.30 5.89 -6.05
N TYR A 305 3.05 4.81 -5.89
CA TYR A 305 3.22 4.22 -4.57
CA TYR A 305 3.12 4.01 -4.65
C TYR A 305 4.53 3.48 -4.36
N HIS A 306 5.07 2.80 -5.39
CA HIS A 306 6.34 2.07 -5.31
C HIS A 306 6.39 1.05 -4.17
N LYS A 307 5.23 0.46 -3.87
CA LYS A 307 5.10 -0.54 -2.80
C LYS A 307 5.37 0.02 -1.41
N LEU A 308 5.29 1.34 -1.28
CA LEU A 308 5.49 2.00 0.00
C LEU A 308 4.26 1.85 0.88
N TRP A 309 4.49 1.49 2.15
CA TRP A 309 3.41 1.33 3.11
C TRP A 309 2.74 2.68 3.39
N ASP A 310 1.42 2.67 3.38
CA ASP A 310 0.57 3.83 3.65
C ASP A 310 1.03 5.10 2.93
N SER A 311 1.23 5.00 1.62
CA SER A 311 1.83 6.11 0.91
C SER A 311 1.30 6.30 -0.49
N ARG A 312 0.89 7.52 -0.77
CA ARG A 312 0.64 7.95 -2.13
C ARG A 312 1.66 9.03 -2.48
N LEU A 313 2.28 8.89 -3.65
CA LEU A 313 3.38 9.77 -4.06
C LEU A 313 2.93 10.91 -4.98
N PHE A 314 3.31 12.12 -4.58
CA PHE A 314 2.98 13.34 -5.32
C PHE A 314 3.60 13.40 -6.71
N ASN A 315 2.83 13.92 -7.66
CA ASN A 315 3.37 14.43 -8.91
C ASN A 315 3.76 15.87 -8.65
N TYR A 316 5.04 16.08 -8.34
CA TYR A 316 5.57 17.39 -7.98
C TYR A 316 5.66 18.36 -9.16
N ALA A 317 5.49 17.86 -10.37
CA ALA A 317 5.52 18.69 -11.58
C ALA A 317 4.18 19.38 -11.85
N ASN A 318 3.12 18.89 -11.20
CA ASN A 318 1.78 19.45 -11.37
C ASN A 318 1.63 20.81 -10.72
N TRP A 319 1.13 21.76 -11.51
CA TRP A 319 0.95 23.15 -11.12
C TRP A 319 0.14 23.29 -9.83
N GLU A 320 -1.01 22.64 -9.79
CA GLU A 320 -1.88 22.69 -8.61
C GLU A 320 -1.27 21.97 -7.42
N VAL A 321 -0.35 21.03 -7.67
CA VAL A 321 0.37 20.35 -6.59
C VAL A 321 1.41 21.29 -5.98
N LEU A 322 2.05 22.08 -6.84
CA LEU A 322 2.99 23.10 -6.37
C LEU A 322 2.25 24.16 -5.57
N ARG A 323 1.11 24.63 -6.08
CA ARG A 323 0.32 25.62 -5.34
C ARG A 323 -0.09 25.09 -3.97
N PHE A 324 -0.51 23.83 -3.94
CA PHE A 324 -0.96 23.17 -2.72
C PHE A 324 0.16 23.16 -1.68
N LEU A 325 1.32 22.60 -2.04
CA LEU A 325 2.43 22.39 -1.10
C LEU A 325 3.12 23.69 -0.67
N LEU A 326 3.36 24.58 -1.64
CA LEU A 326 3.96 25.89 -1.37
C LEU A 326 3.07 26.77 -0.49
N SER A 327 1.76 26.70 -0.72
CA SER A 327 0.79 27.42 0.11
C SER A 327 0.70 26.82 1.51
N ASN A 328 0.77 25.49 1.58
CA ASN A 328 0.85 24.79 2.85
C ASN A 328 1.97 25.35 3.72
N LEU A 329 3.13 25.57 3.11
CA LEU A 329 4.27 26.13 3.83
C LEU A 329 4.03 27.55 4.34
N ARG A 330 3.42 28.41 3.52
CA ARG A 330 3.10 29.77 3.95
C ARG A 330 2.07 29.74 5.05
N TYR A 331 1.04 28.90 4.87
CA TYR A 331 -0.01 28.72 5.86
C TYR A 331 0.53 28.48 7.26
N TRP A 332 1.45 27.52 7.39
CA TRP A 332 2.05 27.19 8.69
C TRP A 332 2.87 28.34 9.25
N MET A 333 3.65 28.99 8.40
CA MET A 333 4.48 30.13 8.81
C MET A 333 3.67 31.36 9.19
N ASP A 334 2.77 31.76 8.30
CA ASP A 334 1.96 32.96 8.52
C ASP A 334 0.95 32.79 9.65
N GLU A 335 0.16 31.72 9.59
CA GLU A 335 -0.95 31.57 10.55
C GLU A 335 -0.52 31.14 11.95
N PHE A 336 0.63 30.48 12.07
CA PHE A 336 1.04 29.91 13.35
C PHE A 336 2.39 30.38 13.84
N MET A 337 3.04 31.25 13.06
CA MET A 337 4.27 31.94 13.48
C MET A 337 5.46 31.02 13.70
N PHE A 338 5.43 29.85 13.07
CA PHE A 338 6.58 28.95 13.07
C PHE A 338 7.83 29.65 12.54
N ASP A 339 8.98 29.22 13.04
CA ASP A 339 10.26 29.83 12.69
C ASP A 339 11.01 29.01 11.66
N GLY A 340 10.31 28.02 11.11
CA GLY A 340 10.88 27.13 10.13
C GLY A 340 10.29 25.74 10.25
N PHE A 341 10.96 24.78 9.61
CA PHE A 341 10.40 23.46 9.42
C PHE A 341 11.47 22.38 9.39
N ARG A 342 11.04 21.14 9.57
CA ARG A 342 11.82 20.01 9.12
C ARG A 342 11.03 19.28 8.05
N PHE A 343 11.62 19.18 6.86
CA PHE A 343 11.03 18.34 5.82
C PHE A 343 11.40 16.90 6.12
N ASP A 344 10.40 16.09 6.46
CA ASP A 344 10.63 14.67 6.69
C ASP A 344 10.57 13.89 5.39
N GLY A 345 11.28 12.76 5.35
CA GLY A 345 11.29 11.86 4.20
C GLY A 345 11.96 12.40 2.95
N VAL A 346 12.99 13.22 3.14
CA VAL A 346 13.68 13.85 2.01
C VAL A 346 14.43 12.81 1.15
N THR A 347 14.95 11.77 1.80
CA THR A 347 15.54 10.62 1.10
C THR A 347 14.55 10.03 0.08
N SER A 348 13.28 9.92 0.49
CA SER A 348 12.23 9.40 -0.38
C SER A 348 11.95 10.32 -1.57
N MET A 349 12.07 11.62 -1.36
CA MET A 349 11.78 12.62 -2.39
C MET A 349 12.91 12.73 -3.41
N LEU A 350 14.14 12.55 -2.95
CA LEU A 350 15.31 12.75 -3.79
C LEU A 350 15.52 11.69 -4.87
N TYR A 351 15.01 10.48 -4.63
CA TYR A 351 15.27 9.36 -5.53
C TYR A 351 14.01 8.57 -5.87
N HIS A 352 13.95 8.09 -7.12
CA HIS A 352 12.83 7.29 -7.57
C HIS A 352 12.78 5.93 -6.87
N HIS A 353 13.93 5.46 -6.41
CA HIS A 353 14.01 4.26 -5.56
C HIS A 353 13.93 4.59 -4.06
N HIS A 354 13.78 5.88 -3.75
CA HIS A 354 13.61 6.38 -2.36
C HIS A 354 14.72 5.95 -1.40
N GLY A 355 15.85 5.54 -1.96
CA GLY A 355 17.01 5.07 -1.19
C GLY A 355 16.73 3.85 -0.33
N ILE A 356 15.76 3.03 -0.75
CA ILE A 356 15.20 1.97 0.10
C ILE A 356 16.19 0.87 0.48
N ASN A 357 16.85 0.27 -0.52
CA ASN A 357 17.88 -0.73 -0.23
C ASN A 357 19.31 -0.26 -0.50
N LYS A 358 19.45 1.07 -0.56
CA LYS A 358 20.75 1.69 -0.73
C LYS A 358 21.23 2.16 0.65
N GLY A 359 22.54 2.07 0.92
CA GLY A 359 23.53 1.60 -0.05
C GLY A 359 24.33 2.75 -0.64
N PHE A 360 24.66 3.73 0.22
CA PHE A 360 25.40 4.91 -0.21
C PHE A 360 26.85 4.88 0.27
N THR A 361 27.75 4.45 -0.63
CA THR A 361 29.16 4.27 -0.31
C THR A 361 29.97 5.55 -0.46
N GLY A 362 29.41 6.53 -1.17
CA GLY A 362 30.09 7.79 -1.41
C GLY A 362 30.41 8.07 -2.87
N ASN A 363 30.20 7.08 -3.73
CA ASN A 363 30.29 7.30 -5.18
C ASN A 363 29.19 8.26 -5.61
N TYR A 364 29.60 9.45 -6.07
CA TYR A 364 28.67 10.53 -6.40
C TYR A 364 27.61 10.17 -7.44
N LYS A 365 27.89 9.13 -8.24
CA LYS A 365 26.94 8.65 -9.25
C LYS A 365 25.64 8.17 -8.60
N GLU A 366 25.74 7.70 -7.35
CA GLU A 366 24.57 7.30 -6.57
C GLU A 366 23.65 8.49 -6.23
N TYR A 367 24.23 9.69 -6.18
CA TYR A 367 23.47 10.91 -5.91
C TYR A 367 22.90 11.55 -7.17
N PHE A 368 23.67 11.54 -8.24
CA PHE A 368 23.31 12.28 -9.45
C PHE A 368 23.26 11.38 -10.68
N SER A 369 22.07 10.91 -10.98
CA SER A 369 21.80 10.04 -12.13
C SER A 369 20.31 10.10 -12.46
N LEU A 370 19.87 9.23 -13.36
CA LEU A 370 18.47 9.18 -13.79
C LEU A 370 17.52 8.82 -12.65
N ASP A 371 18.08 8.27 -11.57
CA ASP A 371 17.35 7.94 -10.35
C ASP A 371 17.03 9.15 -9.49
N THR A 372 17.79 10.22 -9.68
CA THR A 372 17.54 11.47 -8.95
C THR A 372 16.24 12.08 -9.43
N ASP A 373 15.36 12.41 -8.49
CA ASP A 373 14.07 13.00 -8.80
C ASP A 373 14.19 14.51 -8.94
N VAL A 374 14.15 14.96 -10.20
CA VAL A 374 14.24 16.39 -10.52
C VAL A 374 12.96 17.13 -10.16
N ASP A 375 11.80 16.52 -10.42
CA ASP A 375 10.51 17.11 -10.03
C ASP A 375 10.52 17.49 -8.55
N ALA A 376 10.90 16.53 -7.71
CA ALA A 376 10.90 16.71 -6.25
C ALA A 376 11.92 17.75 -5.78
N ILE A 377 13.10 17.72 -6.39
CA ILE A 377 14.15 18.69 -6.07
C ILE A 377 13.75 20.12 -6.44
N VAL A 378 13.22 20.31 -7.65
CA VAL A 378 12.71 21.62 -8.08
C VAL A 378 11.70 22.16 -7.07
N TYR A 379 10.78 21.30 -6.62
CA TYR A 379 9.83 21.70 -5.60
C TYR A 379 10.52 22.24 -4.35
N MET A 380 11.52 21.49 -3.85
CA MET A 380 12.19 21.84 -2.60
C MET A 380 13.02 23.12 -2.72
N MET A 381 13.60 23.33 -3.90
CA MET A 381 14.30 24.57 -4.22
C MET A 381 13.33 25.75 -4.22
N LEU A 382 12.19 25.58 -4.87
CA LEU A 382 11.14 26.61 -4.87
C LEU A 382 10.65 26.86 -3.45
N ALA A 383 10.52 25.77 -2.68
CA ALA A 383 10.08 25.84 -1.28
C ALA A 383 11.06 26.62 -0.43
N ASN A 384 12.35 26.31 -0.58
CA ASN A 384 13.40 26.95 0.20
C ASN A 384 13.61 28.41 -0.17
N HIS A 385 13.49 28.72 -1.46
CA HIS A 385 13.55 30.11 -1.92
C HIS A 385 12.39 30.90 -1.31
N LEU A 386 11.18 30.33 -1.40
CA LEU A 386 10.00 30.93 -0.81
C LEU A 386 10.17 31.17 0.68
N MET A 387 10.52 30.12 1.42
CA MET A 387 10.55 30.18 2.88
C MET A 387 11.57 31.18 3.43
N HIS A 388 12.74 31.26 2.79
CA HIS A 388 13.76 32.22 3.20
C HIS A 388 13.46 33.66 2.78
N LYS A 389 12.50 33.82 1.85
CA LYS A 389 12.05 35.15 1.46
C LYS A 389 10.94 35.61 2.41
N LEU A 390 10.06 34.68 2.78
CA LEU A 390 8.99 34.97 3.74
C LEU A 390 9.56 35.22 5.13
N LEU A 391 10.60 34.45 5.47
CA LEU A 391 11.25 34.56 6.77
C LEU A 391 12.75 34.32 6.60
N PRO A 392 13.51 35.40 6.36
CA PRO A 392 14.96 35.31 6.11
C PRO A 392 15.72 34.59 7.23
N GLU A 393 15.21 34.67 8.46
CA GLU A 393 15.82 34.04 9.62
C GLU A 393 15.35 32.59 9.85
N ALA A 394 14.61 32.05 8.90
CA ALA A 394 14.07 30.70 9.03
C ALA A 394 15.15 29.63 9.07
N THR A 395 14.83 28.53 9.72
CA THR A 395 15.65 27.34 9.70
C THR A 395 14.84 26.20 9.11
N ILE A 396 15.33 25.66 8.00
CA ILE A 396 14.71 24.51 7.35
C ILE A 396 15.67 23.34 7.42
N VAL A 397 15.26 22.29 8.11
CA VAL A 397 16.06 21.08 8.28
C VAL A 397 15.57 20.02 7.31
N ALA A 398 16.51 19.29 6.71
CA ALA A 398 16.18 18.15 5.88
C ALA A 398 16.39 16.86 6.67
N GLN A 399 15.44 15.93 6.56
CA GLN A 399 15.62 14.59 7.10
C GLN A 399 16.00 13.66 5.95
N ASP A 400 17.31 13.46 5.78
CA ASP A 400 17.85 12.68 4.65
C ASP A 400 19.00 11.76 5.07
N VAL A 401 18.77 10.45 5.04
CA VAL A 401 19.80 9.49 5.48
C VAL A 401 20.95 9.36 4.47
N SER A 402 20.69 9.71 3.21
CA SER A 402 21.65 9.48 2.13
C SER A 402 22.85 10.42 2.13
N GLY A 403 22.68 11.59 2.74
CA GLY A 403 23.74 12.59 2.83
C GLY A 403 24.10 13.17 1.49
N MET A 404 23.09 13.57 0.72
CA MET A 404 23.31 14.14 -0.61
C MET A 404 24.07 15.47 -0.54
N PRO A 405 25.13 15.60 -1.36
CA PRO A 405 25.90 16.84 -1.44
C PRO A 405 25.04 18.02 -1.92
N VAL A 406 25.38 19.21 -1.42
CA VAL A 406 24.67 20.48 -1.69
C VAL A 406 23.16 20.53 -1.37
N LEU A 407 22.69 19.54 -0.61
CA LEU A 407 21.32 19.59 -0.09
C LEU A 407 21.17 20.83 0.78
N CYS A 408 22.22 21.14 1.52
CA CYS A 408 22.19 22.22 2.49
C CYS A 408 23.05 23.41 2.08
N ARG A 409 22.97 23.76 0.80
CA ARG A 409 23.58 24.97 0.28
C ARG A 409 22.49 25.84 -0.33
N PRO A 410 22.66 27.17 -0.28
CA PRO A 410 21.65 28.09 -0.80
C PRO A 410 21.23 27.76 -2.22
N VAL A 411 19.93 27.92 -2.48
CA VAL A 411 19.37 27.75 -3.82
C VAL A 411 20.17 28.54 -4.86
N ASP A 412 20.49 29.79 -4.53
CA ASP A 412 21.14 30.70 -5.47
C ASP A 412 22.60 30.33 -5.77
N GLU A 413 23.20 29.52 -4.90
CA GLU A 413 24.50 28.89 -5.16
C GLU A 413 24.36 27.68 -6.07
N GLY A 414 23.15 27.13 -6.15
CA GLY A 414 22.91 25.92 -6.93
C GLY A 414 22.57 24.72 -6.07
N GLY A 415 22.44 24.94 -4.76
CA GLY A 415 22.05 23.89 -3.82
C GLY A 415 20.54 23.73 -3.73
N VAL A 416 20.09 22.84 -2.85
CA VAL A 416 18.65 22.59 -2.68
C VAL A 416 18.00 23.58 -1.71
N GLY A 417 18.81 24.23 -0.88
CA GLY A 417 18.35 25.36 -0.06
C GLY A 417 18.14 25.10 1.42
N PHE A 418 18.34 23.86 1.86
CA PHE A 418 18.16 23.51 3.26
C PHE A 418 19.27 24.10 4.12
N ASP A 419 18.94 24.42 5.36
CA ASP A 419 19.92 25.01 6.28
C ASP A 419 20.74 23.96 7.00
N PHE A 420 20.10 22.84 7.32
CA PHE A 420 20.73 21.79 8.11
C PHE A 420 20.27 20.42 7.63
N ARG A 421 21.17 19.45 7.73
CA ARG A 421 20.78 18.05 7.60
C ARG A 421 20.86 17.43 8.98
N LEU A 422 20.18 16.29 9.17
CA LEU A 422 20.29 15.56 10.42
C LEU A 422 21.38 14.51 10.30
N ALA A 423 22.26 14.44 11.30
CA ALA A 423 23.30 13.42 11.32
C ALA A 423 22.70 12.10 11.78
N MET A 424 22.00 11.44 10.87
CA MET A 424 21.15 10.28 11.18
C MET A 424 21.91 8.97 11.41
N ALA A 425 23.20 8.94 11.07
CA ALA A 425 24.02 7.74 11.24
C ALA A 425 24.52 7.56 12.68
N ILE A 426 24.67 8.67 13.40
CA ILE A 426 25.20 8.67 14.77
C ILE A 426 24.54 7.68 15.74
N PRO A 427 23.19 7.66 15.82
CA PRO A 427 22.61 6.78 16.84
C PRO A 427 22.91 5.29 16.69
N ASP A 428 23.02 4.80 15.45
CA ASP A 428 23.33 3.39 15.20
C ASP A 428 24.69 2.96 15.75
N ARG A 429 25.63 3.91 15.83
CA ARG A 429 26.93 3.64 16.45
C ARG A 429 26.76 3.31 17.93
N TRP A 430 26.10 4.21 18.67
CA TRP A 430 25.87 4.01 20.10
C TRP A 430 25.03 2.74 20.35
N ILE A 431 24.03 2.52 19.50
CA ILE A 431 23.17 1.35 19.62
C ILE A 431 23.95 0.04 19.46
N ASP A 432 24.74 -0.06 18.39
CA ASP A 432 25.57 -1.25 18.16
C ASP A 432 26.54 -1.45 19.31
N TYR A 433 27.24 -0.39 19.69
CA TYR A 433 28.18 -0.43 20.81
C TYR A 433 27.54 -0.92 22.10
N LEU A 434 26.36 -0.38 22.43
CA LEU A 434 25.68 -0.72 23.67
C LEU A 434 25.07 -2.13 23.68
N LYS A 435 24.77 -2.67 22.50
CA LYS A 435 24.21 -4.01 22.40
C LYS A 435 25.26 -5.11 22.27
N ASN A 436 26.33 -4.82 21.54
CA ASN A 436 27.21 -5.87 21.02
C ASN A 436 28.66 -5.83 21.51
N LYS A 437 29.18 -4.63 21.72
CA LYS A 437 30.59 -4.47 22.07
C LYS A 437 30.79 -4.16 23.55
N GLU A 438 31.49 -5.06 24.24
CA GLU A 438 31.88 -4.85 25.62
C GLU A 438 32.68 -3.56 25.75
N ASP A 439 32.53 -2.87 26.88
CA ASP A 439 33.21 -1.58 27.12
C ASP A 439 34.68 -1.58 26.71
N ARG A 440 35.39 -2.67 27.05
CA ARG A 440 36.80 -2.85 26.72
C ARG A 440 37.10 -2.82 25.22
N LYS A 441 36.12 -3.20 24.40
CA LYS A 441 36.29 -3.32 22.96
C LYS A 441 35.86 -2.07 22.18
N TRP A 442 35.48 -1.02 22.90
CA TRP A 442 35.06 0.23 22.30
C TRP A 442 36.24 0.95 21.66
N SER A 443 36.12 1.28 20.38
CA SER A 443 37.19 1.99 19.69
C SER A 443 36.99 3.49 19.76
N MET A 444 38.03 4.20 20.20
CA MET A 444 38.01 5.65 20.32
C MET A 444 38.00 6.31 18.95
N SER A 445 38.73 5.70 18.01
CA SER A 445 38.82 6.19 16.64
C SER A 445 37.53 5.95 15.86
N GLU A 446 36.84 4.85 16.16
CA GLU A 446 35.57 4.52 15.51
C GLU A 446 34.46 5.48 15.94
N ILE A 447 34.42 5.81 17.23
CA ILE A 447 33.48 6.81 17.75
C ILE A 447 33.74 8.16 17.06
N VAL A 448 35.00 8.58 17.07
CA VAL A 448 35.40 9.85 16.47
C VAL A 448 35.06 9.90 14.98
N GLN A 449 35.27 8.78 14.27
CA GLN A 449 34.93 8.68 12.86
C GLN A 449 33.43 8.88 12.59
N THR A 450 32.59 8.21 13.38
CA THR A 450 31.14 8.38 13.26
C THR A 450 30.75 9.85 13.43
N LEU A 451 31.27 10.48 14.48
CA LEU A 451 30.95 11.87 14.80
C LEU A 451 31.52 12.87 13.80
N THR A 452 32.77 12.67 13.39
CA THR A 452 33.47 13.65 12.55
C THR A 452 33.28 13.46 11.06
N ASN A 453 32.99 12.23 10.63
CA ASN A 453 32.73 11.98 9.21
C ASN A 453 31.43 12.63 8.77
N ARG A 454 31.57 13.84 8.24
CA ARG A 454 30.47 14.63 7.74
C ARG A 454 31.02 15.66 6.78
N ARG A 455 30.14 16.37 6.09
CA ARG A 455 30.55 17.42 5.17
C ARG A 455 30.63 18.74 5.92
N TYR A 456 31.78 19.38 5.83
CA TYR A 456 32.06 20.60 6.60
C TYR A 456 31.70 21.88 5.83
N THR A 457 31.35 21.70 4.56
CA THR A 457 30.83 22.78 3.73
C THR A 457 29.32 22.96 3.99
N GLU A 458 28.74 22.02 4.74
CA GLU A 458 27.33 22.05 5.09
C GLU A 458 27.12 21.79 6.58
N LYS A 459 25.94 22.17 7.07
CA LYS A 459 25.63 22.08 8.49
C LYS A 459 24.72 20.91 8.79
N CYS A 460 24.96 20.27 9.92
CA CYS A 460 24.13 19.17 10.36
C CYS A 460 23.75 19.32 11.83
N ILE A 461 22.67 18.64 12.23
CA ILE A 461 22.24 18.60 13.62
C ILE A 461 22.47 17.20 14.15
N ALA A 462 23.24 17.13 15.23
CA ALA A 462 23.68 15.85 15.77
C ALA A 462 22.87 15.47 16.99
N TYR A 463 22.67 14.17 17.15
CA TYR A 463 21.93 13.62 18.27
C TYR A 463 22.34 12.18 18.53
N ALA A 464 22.32 11.80 19.80
CA ALA A 464 22.68 10.45 20.20
C ALA A 464 21.51 9.50 20.00
N GLU A 465 20.28 10.04 20.02
CA GLU A 465 19.05 9.28 19.91
C GLU A 465 17.87 10.22 19.65
N SER A 466 16.85 9.73 18.96
CA SER A 466 15.64 10.51 18.74
C SER A 466 14.41 9.62 18.48
N HIS A 467 13.38 10.21 17.87
CA HIS A 467 12.14 9.49 17.59
C HIS A 467 12.37 8.38 16.56
N ASP A 468 13.47 8.50 15.80
CA ASP A 468 13.89 7.50 14.81
C ASP A 468 13.94 6.10 15.42
N GLN A 469 14.72 5.99 16.49
CA GLN A 469 14.97 4.71 17.17
C GLN A 469 13.71 4.18 17.81
N SER A 470 12.80 5.08 18.17
CA SER A 470 11.52 4.73 18.76
C SER A 470 10.59 4.03 17.77
N ILE A 471 10.54 4.53 16.52
CA ILE A 471 9.65 3.98 15.50
C ILE A 471 10.12 2.62 14.95
N VAL A 472 11.42 2.35 15.02
CA VAL A 472 11.94 1.01 14.69
C VAL A 472 11.89 0.08 15.90
N GLY A 473 11.41 0.62 17.02
CA GLY A 473 11.18 -0.17 18.23
C GLY A 473 12.42 -0.38 19.09
N ASP A 474 13.46 0.42 18.86
CA ASP A 474 14.66 0.32 19.66
C ASP A 474 14.48 0.93 21.05
N LYS A 475 15.33 0.50 21.97
CA LYS A 475 15.31 0.90 23.37
C LYS A 475 16.09 2.21 23.49
N THR A 476 15.83 2.99 24.55
CA THR A 476 16.60 4.22 24.79
C THR A 476 18.03 3.88 25.21
N ILE A 477 18.95 4.82 25.00
CA ILE A 477 20.33 4.64 25.44
C ILE A 477 20.39 4.32 26.94
N ALA A 478 19.54 4.98 27.71
CA ALA A 478 19.47 4.78 29.16
C ALA A 478 19.10 3.34 29.54
N PHE A 479 18.04 2.81 28.92
CA PHE A 479 17.56 1.45 29.18
C PHE A 479 18.53 0.41 28.66
N LEU A 480 19.17 0.69 27.52
CA LEU A 480 20.26 -0.15 27.03
C LEU A 480 21.39 -0.23 28.06
N LEU A 481 21.66 0.90 28.71
CA LEU A 481 22.68 0.97 29.75
C LEU A 481 22.26 0.27 31.04
N MET A 482 21.01 0.48 31.46
CA MET A 482 20.62 0.14 32.82
C MET A 482 19.44 -0.84 32.96
N ASP A 483 18.66 -1.00 31.90
CA ASP A 483 17.56 -1.97 31.84
C ASP A 483 16.54 -1.79 32.97
N LYS A 484 15.95 -2.89 33.44
CA LYS A 484 14.89 -2.84 34.45
C LYS A 484 15.41 -2.49 35.85
N GLU A 485 16.73 -2.43 36.01
CA GLU A 485 17.32 -2.03 37.29
C GLU A 485 16.89 -0.60 37.66
N MET A 486 16.68 0.22 36.63
CA MET A 486 16.25 1.61 36.76
C MET A 486 15.00 1.82 37.63
N TYR A 487 14.09 0.86 37.59
CA TYR A 487 12.83 0.97 38.32
C TYR A 487 13.02 0.99 39.85
N THR A 488 14.02 0.24 40.33
CA THR A 488 14.27 0.10 41.77
C THR A 488 15.62 0.66 42.20
N GLY A 489 16.48 0.96 41.22
CA GLY A 489 17.85 1.39 41.49
C GLY A 489 18.13 2.86 41.23
N MET A 490 17.09 3.69 41.24
CA MET A 490 17.27 5.12 40.98
C MET A 490 17.10 6.01 42.21
N SER A 491 17.11 5.41 43.40
CA SER A 491 16.99 6.18 44.63
C SER A 491 18.25 6.98 44.95
N ASP A 492 18.03 8.21 45.41
CA ASP A 492 19.09 9.13 45.78
C ASP A 492 19.42 8.95 47.27
N LEU A 493 18.48 8.34 48.00
CA LEU A 493 18.62 8.07 49.43
C LEU A 493 19.73 7.07 49.74
N GLN A 494 19.82 6.03 48.92
CA GLN A 494 20.85 5.00 49.07
CA GLN A 494 20.84 4.99 49.07
C GLN A 494 21.87 5.10 47.95
N PRO A 495 23.16 4.79 48.25
CA PRO A 495 24.15 4.82 47.18
C PRO A 495 23.75 3.87 46.04
N ALA A 496 24.08 4.26 44.82
CA ALA A 496 23.69 3.49 43.64
C ALA A 496 24.63 2.31 43.41
N SER A 497 24.12 1.29 42.74
CA SER A 497 24.92 0.13 42.34
C SER A 497 25.95 0.53 41.28
N PRO A 498 27.02 -0.28 41.13
CA PRO A 498 28.02 -0.02 40.09
C PRO A 498 27.42 0.18 38.69
N THR A 499 26.40 -0.62 38.34
CA THR A 499 25.82 -0.55 37.00
C THR A 499 24.97 0.70 36.77
N ILE A 500 24.27 1.16 37.82
CA ILE A 500 23.56 2.44 37.76
C ILE A 500 24.55 3.61 37.64
N ASN A 501 25.56 3.64 38.50
CA ASN A 501 26.65 4.61 38.40
C ASN A 501 27.21 4.63 36.99
N ARG A 502 27.43 3.43 36.45
CA ARG A 502 27.93 3.24 35.09
C ARG A 502 27.04 3.92 34.05
N GLY A 503 25.75 3.63 34.10
CA GLY A 503 24.79 4.14 33.13
C GLY A 503 24.64 5.65 33.14
N ILE A 504 24.48 6.22 34.34
CA ILE A 504 24.38 7.67 34.52
C ILE A 504 25.57 8.40 33.91
N ALA A 505 26.78 7.88 34.16
CA ALA A 505 28.01 8.47 33.65
C ALA A 505 28.09 8.40 32.12
N LEU A 506 27.84 7.21 31.57
CA LEU A 506 27.89 7.02 30.12
C LEU A 506 26.82 7.81 29.39
N GLN A 507 25.61 7.86 29.95
CA GLN A 507 24.53 8.69 29.42
C GLN A 507 25.01 10.12 29.19
N LYS A 508 25.62 10.71 30.22
CA LYS A 508 26.19 12.05 30.14
C LYS A 508 27.27 12.13 29.07
N MET A 509 28.20 11.19 29.11
CA MET A 509 29.34 11.20 28.20
C MET A 509 28.92 11.06 26.74
N ILE A 510 27.97 10.16 26.49
CA ILE A 510 27.46 9.91 25.13
C ILE A 510 26.80 11.16 24.55
N HIS A 511 25.85 11.74 25.29
CA HIS A 511 25.19 12.99 24.89
C HIS A 511 26.19 14.11 24.63
N PHE A 512 27.15 14.27 25.55
CA PHE A 512 28.10 15.38 25.50
C PHE A 512 29.04 15.32 24.29
N ILE A 513 29.68 14.16 24.09
CA ILE A 513 30.61 14.02 22.96
C ILE A 513 29.88 14.13 21.63
N THR A 514 28.63 13.67 21.60
CA THR A 514 27.78 13.77 20.42
C THR A 514 27.47 15.24 20.12
N MET A 515 27.20 16.02 21.16
CA MET A 515 27.00 17.45 21.00
C MET A 515 28.28 18.13 20.55
N ALA A 516 29.36 17.90 21.29
CA ALA A 516 30.62 18.61 21.06
C ALA A 516 31.28 18.28 19.72
N LEU A 517 31.28 17.01 19.33
CA LEU A 517 31.98 16.57 18.10
C LEU A 517 31.05 16.26 16.93
N GLY A 518 29.76 16.14 17.22
CA GLY A 518 28.78 15.65 16.26
C GLY A 518 28.37 16.59 15.15
N GLY A 519 28.36 17.89 15.42
CA GLY A 519 27.95 18.84 14.40
C GLY A 519 27.72 20.29 14.81
N ASP A 520 26.90 20.96 14.00
CA ASP A 520 26.71 22.41 14.07
C ASP A 520 25.39 22.75 14.76
N GLY A 521 24.75 21.71 15.30
CA GLY A 521 23.48 21.82 16.02
C GLY A 521 23.24 20.56 16.84
N TYR A 522 22.30 20.64 17.78
CA TYR A 522 22.00 19.53 18.67
C TYR A 522 20.51 19.26 18.74
N LEU A 523 20.16 17.99 18.92
CA LEU A 523 18.77 17.59 19.09
C LEU A 523 18.64 16.57 20.21
N ASN A 524 17.52 16.68 20.92
CA ASN A 524 17.19 15.83 22.05
C ASN A 524 15.70 15.55 22.03
N PHE A 525 15.35 14.26 22.03
CA PHE A 525 13.94 13.92 22.09
C PHE A 525 13.41 13.92 23.52
N MET A 526 12.28 14.59 23.67
CA MET A 526 11.49 14.64 24.89
C MET A 526 11.67 13.46 25.84
N GLY A 527 12.24 13.73 27.01
CA GLY A 527 12.44 12.70 28.03
C GLY A 527 13.88 12.19 28.11
N ASN A 528 14.53 12.08 26.96
CA ASN A 528 15.89 11.53 26.91
C ASN A 528 16.94 12.42 27.57
N GLU A 529 16.61 13.70 27.77
CA GLU A 529 17.51 14.61 28.46
C GLU A 529 17.81 14.16 29.89
N PHE A 530 16.86 13.47 30.53
CA PHE A 530 17.08 12.94 31.87
C PHE A 530 17.13 11.41 31.94
N GLY A 531 17.40 10.77 30.80
CA GLY A 531 17.50 9.31 30.75
C GLY A 531 16.24 8.55 31.10
N HIS A 532 15.10 9.07 30.63
CA HIS A 532 13.79 8.43 30.79
C HIS A 532 13.86 6.93 30.45
N PRO A 533 13.31 6.07 31.33
CA PRO A 533 13.45 4.62 31.14
C PRO A 533 12.48 4.07 30.09
N GLU A 534 12.30 2.76 30.08
CA GLU A 534 11.41 2.08 29.15
C GLU A 534 11.66 2.47 27.68
N TRP A 535 10.56 2.69 26.95
CA TRP A 535 10.58 2.89 25.52
C TRP A 535 9.22 3.44 25.05
N ILE A 536 9.14 3.87 23.79
CA ILE A 536 7.88 4.38 23.22
C ILE A 536 7.12 3.30 22.47
N ASP A 537 5.86 3.09 22.84
CA ASP A 537 5.00 2.12 22.17
C ASP A 537 3.58 2.66 22.17
N PHE A 538 3.03 2.86 20.98
CA PHE A 538 1.68 3.38 20.81
C PHE A 538 0.64 2.30 21.11
N PRO A 539 -0.57 2.71 21.56
CA PRO A 539 -1.67 1.78 21.69
C PRO A 539 -1.88 0.98 20.39
N ARG A 540 -1.88 -0.34 20.51
CA ARG A 540 -2.11 -1.26 19.40
C ARG A 540 -2.68 -2.56 19.98
N GLU A 541 -3.18 -3.45 19.12
CA GLU A 541 -3.81 -4.68 19.60
C GLU A 541 -2.86 -5.49 20.49
N GLY A 542 -1.59 -5.52 20.10
CA GLY A 542 -0.55 -6.29 20.80
C GLY A 542 -0.19 -5.85 22.21
N ASN A 543 -0.49 -4.60 22.56
CA ASN A 543 -0.34 -4.15 23.95
C ASN A 543 -1.67 -3.85 24.64
N ASN A 544 -2.75 -4.36 24.04
CA ASN A 544 -4.11 -4.17 24.55
C ASN A 544 -4.56 -2.71 24.55
N TRP A 545 -4.04 -1.93 23.61
CA TRP A 545 -4.39 -0.51 23.44
C TRP A 545 -3.99 0.32 24.66
N SER A 546 -2.84 -0.03 25.23
CA SER A 546 -2.32 0.63 26.41
C SER A 546 -1.52 1.89 26.06
N TYR A 547 -1.75 2.93 26.84
CA TYR A 547 -1.03 4.18 26.69
C TYR A 547 0.18 4.26 27.62
N ASP A 548 0.39 3.19 28.39
CA ASP A 548 1.44 3.16 29.41
C ASP A 548 2.83 3.53 28.89
N LYS A 549 3.10 3.15 27.64
CA LYS A 549 4.34 3.58 26.98
C LYS A 549 4.09 4.63 25.90
N CYS A 550 2.99 5.36 26.04
CA CYS A 550 2.70 6.49 25.14
C CYS A 550 2.43 7.73 25.99
N ARG A 551 3.48 8.16 26.68
CA ARG A 551 3.41 9.17 27.72
C ARG A 551 4.84 9.50 28.16
N ARG A 552 4.99 10.51 29.00
CA ARG A 552 6.29 10.87 29.57
C ARG A 552 6.17 10.94 31.09
N GLN A 553 7.04 10.19 31.79
CA GLN A 553 6.99 10.15 33.25
C GLN A 553 7.79 11.30 33.85
N TRP A 554 7.19 12.49 33.86
CA TRP A 554 7.83 13.70 34.41
C TRP A 554 8.14 13.56 35.90
N SER A 555 7.25 12.90 36.63
CA SER A 555 7.44 12.65 38.08
C SER A 555 8.86 12.21 38.43
N LEU A 556 9.45 11.37 37.57
CA LEU A 556 10.80 10.83 37.79
C LEU A 556 11.88 11.92 37.83
N VAL A 557 11.80 12.88 36.91
CA VAL A 557 12.75 13.98 36.89
C VAL A 557 12.42 15.05 37.94
N ASP A 558 11.16 15.12 38.33
CA ASP A 558 10.71 16.12 39.31
C ASP A 558 10.98 15.71 40.76
N THR A 559 10.86 14.42 41.06
CA THR A 559 11.06 13.92 42.43
C THR A 559 12.52 14.03 42.86
N ASP A 560 12.73 14.61 44.05
CA ASP A 560 14.07 14.92 44.51
C ASP A 560 14.85 13.72 45.03
N HIS A 561 14.14 12.65 45.42
CA HIS A 561 14.80 11.47 45.97
CA HIS A 561 14.79 11.46 45.97
C HIS A 561 15.17 10.43 44.91
N LEU A 562 15.15 10.85 43.66
CA LEU A 562 15.60 9.99 42.56
C LEU A 562 16.82 10.58 41.87
N ARG A 563 17.44 9.81 40.98
CA ARG A 563 18.71 10.21 40.35
C ARG A 563 18.55 10.74 38.92
N TYR A 564 17.31 10.82 38.43
CA TYR A 564 17.06 11.37 37.08
C TYR A 564 17.44 12.84 37.01
N LYS A 565 17.20 13.57 38.10
CA LYS A 565 17.56 14.98 38.23
C LYS A 565 19.01 15.29 37.84
N TYR A 566 19.91 14.34 38.10
CA TYR A 566 21.34 14.50 37.86
C TYR A 566 21.71 14.53 36.38
N MET A 567 21.02 13.69 35.60
CA MET A 567 21.19 13.66 34.15
C MET A 567 20.57 14.90 33.53
N ASN A 568 19.46 15.37 34.11
CA ASN A 568 18.79 16.57 33.64
C ASN A 568 19.60 17.83 33.94
N ALA A 569 20.08 17.93 35.18
CA ALA A 569 20.97 19.02 35.57
C ALA A 569 22.19 19.08 34.65
N PHE A 570 22.75 17.92 34.33
CA PHE A 570 23.87 17.87 33.39
C PHE A 570 23.48 18.32 32.00
N ASP A 571 22.27 17.93 31.57
CA ASP A 571 21.79 18.33 30.25
C ASP A 571 21.54 19.83 30.21
N GLN A 572 20.97 20.35 31.29
CA GLN A 572 20.76 21.78 31.49
C GLN A 572 22.08 22.54 31.40
N ALA A 573 23.10 22.06 32.10
CA ALA A 573 24.43 22.70 32.13
C ALA A 573 25.21 22.54 30.83
N MET A 574 24.99 21.42 30.14
CA MET A 574 25.61 21.13 28.86
C MET A 574 25.16 22.13 27.80
N ASN A 575 23.85 22.41 27.80
CA ASN A 575 23.26 23.43 26.92
C ASN A 575 23.68 24.86 27.29
N ALA A 576 23.78 25.12 28.59
CA ALA A 576 24.26 26.42 29.08
C ALA A 576 25.72 26.64 28.68
N LEU A 577 26.53 25.58 28.75
CA LEU A 577 27.93 25.67 28.32
C LEU A 577 28.02 26.10 26.87
N GLU A 578 27.13 25.57 26.04
CA GLU A 578 27.09 25.92 24.61
C GLU A 578 26.63 27.35 24.40
N GLU A 579 25.66 27.81 25.20
CA GLU A 579 25.21 29.19 25.14
C GLU A 579 26.35 30.15 25.48
N GLU A 580 27.12 29.82 26.51
CA GLU A 580 28.26 30.65 26.92
C GLU A 580 29.38 30.65 25.88
N PHE A 581 29.82 29.46 25.46
CA PHE A 581 31.02 29.33 24.63
C PHE A 581 30.82 29.21 23.11
N SER A 582 29.57 28.98 22.68
CA SER A 582 29.22 28.95 21.25
C SER A 582 30.02 27.95 20.39
N PHE A 583 30.38 26.81 20.97
CA PHE A 583 31.22 25.85 20.25
C PHE A 583 30.54 25.10 19.10
N LEU A 584 29.21 25.05 19.09
CA LEU A 584 28.48 24.41 17.98
C LEU A 584 28.62 25.21 16.68
N SER A 585 28.80 26.52 16.79
CA SER A 585 28.95 27.40 15.63
C SER A 585 30.42 27.58 15.21
N SER A 586 31.32 26.86 15.87
CA SER A 586 32.74 26.97 15.60
C SER A 586 33.22 25.91 14.62
N SER A 587 33.99 26.36 13.62
CA SER A 587 34.64 25.46 12.67
C SER A 587 35.94 24.89 13.24
N LYS A 588 36.39 25.47 14.35
CA LYS A 588 37.58 24.98 15.03
C LYS A 588 37.29 23.64 15.68
N GLN A 589 37.73 22.57 15.02
CA GLN A 589 37.56 21.22 15.53
C GLN A 589 38.83 20.42 15.27
N ILE A 590 39.46 19.98 16.36
CA ILE A 590 40.73 19.26 16.28
C ILE A 590 40.77 18.12 17.30
N VAL A 591 40.85 16.89 16.81
CA VAL A 591 40.97 15.70 17.65
C VAL A 591 42.45 15.33 17.78
N SER A 592 43.03 15.70 18.92
CA SER A 592 44.48 15.60 19.12
C SER A 592 44.94 14.24 19.61
N ASP A 593 44.06 13.52 20.29
CA ASP A 593 44.44 12.28 20.96
C ASP A 593 43.30 11.27 20.95
N MET A 594 43.56 10.09 20.40
CA MET A 594 42.63 8.95 20.43
C MET A 594 43.32 7.73 21.04
N ASN A 595 43.43 7.72 22.36
CA ASN A 595 44.18 6.70 23.09
C ASN A 595 43.39 5.40 23.26
N GLU A 596 43.73 4.39 22.46
CA GLU A 596 42.99 3.13 22.42
C GLU A 596 43.16 2.25 23.66
N LYS A 597 44.39 2.15 24.16
CA LYS A 597 44.67 1.36 25.37
C LYS A 597 43.99 1.91 26.62
N ASP A 598 44.11 3.22 26.80
CA ASP A 598 43.58 3.89 27.99
C ASP A 598 42.11 4.27 27.87
N LYS A 599 41.58 4.22 26.64
CA LYS A 599 40.20 4.61 26.33
C LYS A 599 39.92 6.07 26.67
N VAL A 600 40.67 6.96 26.02
CA VAL A 600 40.57 8.39 26.25
C VAL A 600 40.55 9.14 24.92
N ILE A 601 39.56 10.03 24.77
CA ILE A 601 39.47 10.93 23.61
C ILE A 601 39.75 12.35 24.08
N VAL A 602 40.60 13.06 23.35
CA VAL A 602 40.86 14.47 23.63
C VAL A 602 40.73 15.28 22.34
N PHE A 603 39.99 16.38 22.40
CA PHE A 603 39.74 17.20 21.23
C PHE A 603 39.49 18.67 21.57
N GLU A 604 39.57 19.51 20.54
CA GLU A 604 39.31 20.94 20.65
C GLU A 604 38.15 21.35 19.77
N ARG A 605 37.13 21.95 20.38
CA ARG A 605 35.99 22.52 19.66
C ARG A 605 35.72 23.92 20.22
N GLY A 606 35.80 24.92 19.34
CA GLY A 606 35.73 26.31 19.78
C GLY A 606 36.91 26.65 20.67
N ASP A 607 36.64 27.31 21.79
CA ASP A 607 37.68 27.69 22.75
C ASP A 607 37.76 26.72 23.93
N LEU A 608 37.16 25.53 23.76
CA LEU A 608 37.15 24.55 24.84
C LEU A 608 38.04 23.36 24.53
N VAL A 609 38.56 22.74 25.59
CA VAL A 609 39.36 21.53 25.48
C VAL A 609 38.61 20.44 26.21
N PHE A 610 38.35 19.34 25.51
CA PHE A 610 37.53 18.27 26.06
C PHE A 610 38.37 17.05 26.33
N VAL A 611 38.13 16.42 27.48
CA VAL A 611 38.80 15.15 27.81
C VAL A 611 37.75 14.12 28.20
N PHE A 612 37.73 13.01 27.48
CA PHE A 612 36.78 11.94 27.75
C PHE A 612 37.51 10.68 28.16
N ASN A 613 37.12 10.11 29.30
CA ASN A 613 37.70 8.87 29.78
C ASN A 613 36.61 7.82 29.83
N PHE A 614 36.60 6.93 28.84
CA PHE A 614 35.59 5.88 28.78
C PHE A 614 36.03 4.61 29.51
N HIS A 615 37.25 4.64 30.07
CA HIS A 615 37.77 3.50 30.81
C HIS A 615 36.91 3.21 32.04
N PRO A 616 36.60 1.93 32.27
CA PRO A 616 35.80 1.47 33.41
C PRO A 616 36.35 1.81 34.80
N ASN A 617 37.66 1.88 34.98
CA ASN A 617 38.23 1.99 36.33
C ASN A 617 39.48 2.87 36.57
N LYS A 618 40.30 3.04 35.53
CA LYS A 618 41.58 3.76 35.68
C LYS A 618 41.45 5.28 35.77
N THR A 619 42.07 5.85 36.81
CA THR A 619 42.19 7.30 36.94
C THR A 619 43.57 7.73 36.44
N TYR A 620 43.58 8.57 35.40
CA TYR A 620 44.82 9.06 34.81
C TYR A 620 45.20 10.42 35.39
N LYS A 621 46.33 10.44 36.10
CA LYS A 621 46.80 11.64 36.79
C LYS A 621 47.94 12.28 36.03
N GLY A 622 47.86 13.59 35.82
CA GLY A 622 48.87 14.32 35.07
C GLY A 622 48.84 14.00 33.58
N TYR A 623 47.64 13.73 33.07
CA TYR A 623 47.44 13.40 31.67
C TYR A 623 47.65 14.64 30.81
N LYS A 624 48.63 14.56 29.92
CA LYS A 624 49.02 15.67 29.08
C LYS A 624 48.05 15.84 27.92
N VAL A 625 47.52 17.06 27.76
CA VAL A 625 46.59 17.34 26.68
C VAL A 625 47.01 18.58 25.89
N GLY A 626 46.96 18.47 24.58
CA GLY A 626 47.32 19.57 23.69
C GLY A 626 46.24 20.63 23.63
N CYS A 627 46.65 21.87 23.46
CA CYS A 627 45.73 23.00 23.36
C CYS A 627 46.33 24.05 22.44
N ASP A 628 45.50 25.01 22.02
CA ASP A 628 45.96 26.05 21.10
C ASP A 628 46.73 27.15 21.82
N LEU A 629 46.01 28.00 22.55
CA LEU A 629 46.59 29.17 23.19
C LEU A 629 47.24 28.83 24.52
N PRO A 630 48.40 29.43 24.82
CA PRO A 630 49.03 29.20 26.12
C PRO A 630 48.41 30.08 27.21
N GLY A 631 48.47 29.60 28.45
CA GLY A 631 47.95 30.34 29.58
C GLY A 631 47.53 29.45 30.73
N LYS A 632 46.35 29.74 31.26
CA LYS A 632 45.84 29.12 32.48
C LYS A 632 44.45 28.56 32.20
N TYR A 633 44.23 27.29 32.53
CA TYR A 633 42.98 26.61 32.22
C TYR A 633 42.23 26.10 33.45
N ARG A 634 40.92 26.32 33.46
CA ARG A 634 40.05 25.83 34.54
C ARG A 634 38.90 24.99 33.99
N VAL A 635 38.27 24.22 34.86
CA VAL A 635 37.11 23.41 34.50
C VAL A 635 36.00 24.31 33.95
N ALA A 636 35.54 24.00 32.74
CA ALA A 636 34.40 24.69 32.15
C ALA A 636 33.12 23.95 32.52
N LEU A 637 33.16 22.63 32.36
CA LEU A 637 32.06 21.74 32.72
C LEU A 637 32.63 20.35 33.02
N ASP A 638 32.17 19.75 34.12
CA ASP A 638 32.71 18.47 34.58
C ASP A 638 31.60 17.52 35.04
N SER A 639 31.48 16.39 34.34
CA SER A 639 30.40 15.42 34.60
C SER A 639 30.50 14.73 35.95
N ASP A 640 31.67 14.78 36.58
CA ASP A 640 31.87 14.15 37.89
C ASP A 640 31.47 15.04 39.06
N ALA A 641 31.04 16.27 38.77
CA ALA A 641 30.54 17.17 39.81
C ALA A 641 29.35 16.55 40.52
N LEU A 642 29.28 16.76 41.84
CA LEU A 642 28.21 16.19 42.68
C LEU A 642 26.81 16.55 42.19
N VAL A 643 26.66 17.74 41.63
CA VAL A 643 25.37 18.21 41.10
C VAL A 643 24.87 17.36 39.92
N PHE A 644 25.78 16.69 39.24
CA PHE A 644 25.44 15.79 38.13
C PHE A 644 25.52 14.32 38.55
N GLY A 645 25.50 14.08 39.86
CA GLY A 645 25.54 12.72 40.41
C GLY A 645 26.90 12.07 40.38
N GLY A 646 27.95 12.88 40.22
CA GLY A 646 29.32 12.36 40.21
C GLY A 646 29.93 12.23 41.59
N HIS A 647 31.24 12.02 41.64
CA HIS A 647 31.95 11.78 42.90
C HIS A 647 32.69 13.02 43.43
N GLY A 648 32.80 14.05 42.59
CA GLY A 648 33.42 15.31 42.98
C GLY A 648 34.93 15.22 43.13
N ARG A 649 35.54 14.37 42.30
CA ARG A 649 36.97 14.09 42.35
C ARG A 649 37.81 15.16 41.65
N VAL A 650 37.19 15.87 40.72
CA VAL A 650 37.86 16.93 39.96
C VAL A 650 37.61 18.29 40.61
N GLY A 651 38.68 19.09 40.70
CA GLY A 651 38.60 20.43 41.30
C GLY A 651 38.24 21.51 40.30
N HIS A 652 37.18 22.26 40.60
CA HIS A 652 36.66 23.30 39.73
C HIS A 652 37.50 24.58 39.75
N ASP A 653 38.28 24.77 40.82
CA ASP A 653 39.04 26.00 41.02
C ASP A 653 40.53 25.87 40.66
N VAL A 654 41.01 24.63 40.54
CA VAL A 654 42.42 24.34 40.26
C VAL A 654 42.89 24.92 38.93
N ASP A 655 44.03 25.59 38.95
CA ASP A 655 44.66 26.11 37.73
C ASP A 655 45.42 25.02 37.00
N HIS A 656 45.35 25.05 35.67
CA HIS A 656 46.15 24.19 34.82
C HIS A 656 46.94 25.07 33.84
N PHE A 657 48.22 25.26 34.13
CA PHE A 657 49.10 26.14 33.36
C PHE A 657 49.70 25.41 32.15
N THR A 658 49.92 26.15 31.06
CA THR A 658 50.40 25.55 29.80
C THR A 658 51.91 25.52 29.65
N SER A 659 52.40 24.48 28.98
CA SER A 659 53.80 24.36 28.60
C SER A 659 53.93 24.55 27.08
N PRO A 660 54.98 25.27 26.64
CA PRO A 660 55.35 25.29 25.23
C PRO A 660 55.71 23.89 24.70
N GLU A 661 55.35 23.63 23.44
CA GLU A 661 55.65 22.37 22.78
C GLU A 661 56.09 22.64 21.34
N GLY A 662 57.37 22.93 21.17
CA GLY A 662 57.90 23.34 19.87
C GLY A 662 57.52 24.78 19.56
N MET A 663 57.07 25.01 18.33
CA MET A 663 56.75 26.36 17.87
C MET A 663 55.53 26.40 16.92
N PRO A 664 54.95 27.60 16.70
CA PRO A 664 53.76 27.74 15.86
C PRO A 664 53.91 27.16 14.44
N GLY A 665 53.12 26.13 14.14
CA GLY A 665 53.02 25.57 12.80
C GLY A 665 54.15 24.67 12.34
N VAL A 666 54.75 23.93 13.27
CA VAL A 666 55.76 22.92 12.93
C VAL A 666 55.44 21.55 13.55
N PRO A 667 54.62 20.74 12.84
CA PRO A 667 54.05 19.45 13.26
C PRO A 667 55.03 18.41 13.81
N GLU A 668 56.33 18.59 13.58
CA GLU A 668 57.35 17.65 14.05
C GLU A 668 57.59 17.81 15.54
N THR A 669 57.73 19.06 15.97
CA THR A 669 58.06 19.40 17.37
C THR A 669 56.84 19.47 18.29
N ASN A 670 55.70 19.87 17.72
CA ASN A 670 54.44 20.03 18.46
C ASN A 670 54.00 18.77 19.24
N PHE A 671 53.15 18.95 20.25
CA PHE A 671 52.57 17.83 21.00
C PHE A 671 51.20 17.46 20.44
N ASN A 672 51.11 16.24 19.91
CA ASN A 672 49.92 15.77 19.20
C ASN A 672 49.39 16.83 18.22
N ASN A 673 50.32 17.41 17.46
CA ASN A 673 50.07 18.48 16.48
C ASN A 673 49.67 19.85 17.08
N ARG A 674 49.64 19.94 18.40
CA ARG A 674 49.24 21.17 19.10
C ARG A 674 50.45 21.97 19.60
N PRO A 675 50.37 23.32 19.55
CA PRO A 675 51.52 24.17 19.90
C PRO A 675 51.74 24.38 21.40
N ASN A 676 50.76 24.01 22.23
CA ASN A 676 50.90 24.05 23.69
C ASN A 676 50.32 22.80 24.35
N SER A 677 50.46 22.70 25.67
CA SER A 677 49.94 21.56 26.43
C SER A 677 49.72 21.87 27.91
N PHE A 678 48.78 21.15 28.53
CA PHE A 678 48.63 21.17 30.00
C PHE A 678 48.20 19.81 30.54
N LYS A 679 48.25 19.67 31.86
CA LYS A 679 47.94 18.40 32.53
C LYS A 679 46.57 18.40 33.21
N VAL A 680 45.96 17.23 33.30
CA VAL A 680 44.65 17.07 33.93
C VAL A 680 44.57 15.84 34.82
N LEU A 681 43.56 15.83 35.70
CA LEU A 681 43.15 14.63 36.40
C LEU A 681 41.92 14.08 35.68
N SER A 682 41.92 12.77 35.42
CA SER A 682 40.83 12.14 34.68
C SER A 682 40.42 10.81 35.28
N PRO A 683 39.38 10.83 36.15
CA PRO A 683 38.78 9.63 36.73
C PRO A 683 38.05 8.81 35.68
N PRO A 684 37.75 7.53 35.99
CA PRO A 684 37.09 6.69 34.98
C PRO A 684 35.70 7.18 34.63
N ARG A 685 35.34 7.08 33.34
CA ARG A 685 34.02 7.44 32.84
C ARG A 685 33.60 8.86 33.24
N THR A 686 34.44 9.82 32.88
CA THR A 686 34.14 11.22 33.10
C THR A 686 34.41 11.96 31.81
N CYS A 687 33.72 13.08 31.62
CA CYS A 687 34.04 14.01 30.56
C CYS A 687 34.17 15.39 31.15
N VAL A 688 35.28 16.06 30.84
CA VAL A 688 35.54 17.39 31.35
C VAL A 688 35.93 18.31 30.19
N ALA A 689 35.28 19.46 30.12
CA ALA A 689 35.65 20.52 29.19
C ALA A 689 36.46 21.56 29.96
N TYR A 690 37.39 22.21 29.27
CA TYR A 690 38.26 23.21 29.89
C TYR A 690 38.27 24.49 29.09
N TYR A 691 38.35 25.62 29.78
CA TYR A 691 38.45 26.92 29.13
C TYR A 691 39.66 27.69 29.65
N ARG A 692 40.14 28.62 28.83
CA ARG A 692 41.28 29.44 29.19
C ARG A 692 40.81 30.67 29.97
N VAL A 693 41.30 30.79 31.21
CA VAL A 693 41.01 31.96 32.04
C VAL A 693 41.51 33.21 31.32
N ASP A 694 40.64 34.19 31.15
CA ASP A 694 40.99 35.42 30.45
C ASP A 694 41.90 36.31 31.29
N GLU A 695 43.16 36.41 30.84
CA GLU A 695 44.13 37.37 31.35
C GLU A 695 44.77 38.04 30.14
N ASP A 696 44.75 39.37 30.04
CA ASP A 696 44.40 40.28 31.12
C ASP A 696 43.07 40.10 31.78
N ARG A 697 42.15 41.03 31.79
CA ARG A 697 40.71 41.12 31.90
C ARG A 697 40.69 41.94 33.16
N GLU A 698 40.24 41.34 34.26
CA GLU A 698 40.42 42.01 35.53
C GLU A 698 41.04 41.09 36.58
N GLU A 699 42.23 41.45 37.04
CA GLU A 699 42.98 42.58 36.48
C GLU A 699 44.31 42.12 35.89
N ASP B 9 -21.10 -50.32 -2.94
CA ASP B 9 -20.71 -50.36 -4.39
C ASP B 9 -21.35 -49.19 -5.13
N HIS B 10 -22.67 -49.15 -5.10
CA HIS B 10 -23.44 -48.11 -5.77
C HIS B 10 -23.14 -46.74 -5.19
N LEU B 11 -23.10 -45.76 -6.08
CA LEU B 11 -22.76 -44.40 -5.72
C LEU B 11 -23.90 -43.50 -6.12
N PRO B 12 -24.15 -42.46 -5.29
CA PRO B 12 -25.25 -41.55 -5.49
C PRO B 12 -25.28 -40.95 -6.88
N ILE B 13 -24.10 -40.76 -7.48
CA ILE B 13 -24.01 -40.22 -8.83
C ILE B 13 -24.75 -41.08 -9.86
N TYR B 14 -24.84 -42.39 -9.61
CA TYR B 14 -25.55 -43.31 -10.52
C TYR B 14 -27.05 -43.00 -10.62
N ASP B 15 -27.61 -42.39 -9.57
CA ASP B 15 -29.03 -42.02 -9.54
C ASP B 15 -29.35 -40.90 -10.53
N LEU B 16 -28.53 -39.86 -10.53
CA LEU B 16 -28.77 -38.65 -11.34
C LEU B 16 -28.53 -38.87 -12.83
N ASP B 17 -27.75 -39.90 -13.15
CA ASP B 17 -27.36 -40.21 -14.52
C ASP B 17 -27.13 -41.71 -14.62
N PRO B 18 -27.97 -42.41 -15.40
CA PRO B 18 -27.88 -43.87 -15.49
C PRO B 18 -26.61 -44.34 -16.21
N LYS B 19 -26.27 -43.67 -17.31
CA LYS B 19 -25.15 -44.05 -18.19
C LYS B 19 -23.81 -44.23 -17.48
N LEU B 20 -23.73 -43.78 -16.24
CA LEU B 20 -22.49 -43.85 -15.45
C LEU B 20 -22.16 -45.25 -14.96
N GLU B 21 -23.19 -46.03 -14.62
CA GLU B 21 -23.00 -47.40 -14.12
C GLU B 21 -22.23 -48.31 -15.08
N GLU B 22 -22.28 -47.98 -16.37
CA GLU B 22 -21.50 -48.68 -17.39
C GLU B 22 -20.00 -48.64 -17.08
N PHE B 23 -19.56 -47.58 -16.39
CA PHE B 23 -18.14 -47.38 -16.10
C PHE B 23 -17.86 -47.48 -14.61
N LYS B 24 -18.59 -48.37 -13.94
CA LYS B 24 -18.43 -48.60 -12.50
C LYS B 24 -16.99 -49.02 -12.14
N ASP B 25 -16.34 -49.75 -13.04
CA ASP B 25 -14.96 -50.20 -12.87
C ASP B 25 -13.99 -49.01 -12.80
N HIS B 26 -14.25 -47.99 -13.62
CA HIS B 26 -13.42 -46.79 -13.62
C HIS B 26 -13.59 -45.99 -12.33
N PHE B 27 -14.84 -45.87 -11.88
CA PHE B 27 -15.16 -45.13 -10.66
C PHE B 27 -14.72 -45.83 -9.39
N ASN B 28 -14.87 -47.16 -9.34
CA ASN B 28 -14.40 -47.94 -8.19
C ASN B 28 -12.93 -47.67 -7.93
N TYR B 29 -12.14 -47.71 -9.01
CA TYR B 29 -10.70 -47.44 -8.95
C TYR B 29 -10.42 -46.00 -8.52
N ARG B 30 -11.15 -45.07 -9.12
CA ARG B 30 -11.01 -43.64 -8.81
C ARG B 30 -11.25 -43.39 -7.31
N ILE B 31 -12.36 -43.92 -6.81
CA ILE B 31 -12.72 -43.79 -5.39
C ILE B 31 -11.72 -44.48 -4.47
N LYS B 32 -11.33 -45.70 -4.82
CA LYS B 32 -10.35 -46.46 -4.04
C LYS B 32 -9.04 -45.68 -3.91
N ARG B 33 -8.61 -45.04 -4.99
CA ARG B 33 -7.37 -44.26 -4.98
C ARG B 33 -7.49 -43.02 -4.10
N TYR B 34 -8.63 -42.36 -4.17
CA TYR B 34 -8.91 -41.18 -3.35
C TYR B 34 -8.99 -41.56 -1.87
N LEU B 35 -9.80 -42.58 -1.56
CA LEU B 35 -9.94 -43.06 -0.18
C LEU B 35 -8.61 -43.53 0.40
N ASP B 36 -7.85 -44.29 -0.39
CA ASP B 36 -6.54 -44.78 0.05
C ASP B 36 -5.56 -43.65 0.37
N GLN B 37 -5.47 -42.66 -0.53
CA GLN B 37 -4.55 -41.52 -0.34
C GLN B 37 -4.98 -40.63 0.82
N LYS B 38 -6.29 -40.40 0.94
CA LYS B 38 -6.85 -39.62 2.05
C LYS B 38 -6.59 -40.32 3.38
N CYS B 39 -6.77 -41.64 3.39
CA CYS B 39 -6.48 -42.47 4.56
C CYS B 39 -5.02 -42.31 5.01
N LEU B 40 -4.10 -42.39 4.05
CA LEU B 40 -2.66 -42.28 4.33
C LEU B 40 -2.27 -40.89 4.87
N ILE B 41 -2.89 -39.86 4.30
CA ILE B 41 -2.72 -38.48 4.76
C ILE B 41 -3.24 -38.34 6.19
N GLU B 42 -4.40 -38.94 6.46
CA GLU B 42 -5.03 -38.85 7.78
C GLU B 42 -4.18 -39.50 8.86
N LYS B 43 -3.64 -40.69 8.55
CA LYS B 43 -2.87 -41.45 9.52
C LYS B 43 -1.47 -40.88 9.76
N HIS B 44 -0.83 -40.39 8.70
CA HIS B 44 0.58 -39.97 8.77
C HIS B 44 0.82 -38.46 8.78
N GLU B 45 -0.22 -37.68 8.51
CA GLU B 45 -0.09 -36.21 8.47
C GLU B 45 -1.12 -35.47 9.33
N GLY B 46 -2.18 -36.18 9.75
CA GLY B 46 -3.19 -35.60 10.64
C GLY B 46 -4.44 -35.13 9.94
N GLY B 47 -4.67 -35.64 8.73
CA GLY B 47 -5.84 -35.26 7.94
C GLY B 47 -5.58 -34.08 7.03
N LEU B 48 -6.47 -33.88 6.06
CA LEU B 48 -6.29 -32.86 5.01
C LEU B 48 -6.08 -31.44 5.53
N GLU B 49 -6.88 -31.03 6.50
CA GLU B 49 -6.78 -29.68 7.07
C GLU B 49 -5.38 -29.39 7.63
N GLU B 50 -4.78 -30.41 8.26
CA GLU B 50 -3.46 -30.29 8.88
C GLU B 50 -2.34 -30.37 7.83
N PHE B 51 -2.52 -31.26 6.87
CA PHE B 51 -1.58 -31.45 5.76
C PHE B 51 -1.46 -30.18 4.90
N SER B 52 -2.53 -29.40 4.85
CA SER B 52 -2.55 -28.16 4.07
C SER B 52 -1.95 -26.95 4.82
N LYS B 53 -1.46 -27.19 6.04
CA LYS B 53 -0.77 -26.14 6.78
C LYS B 53 0.72 -26.07 6.43
N GLY B 54 1.09 -26.69 5.31
CA GLY B 54 2.47 -26.82 4.88
C GLY B 54 3.28 -25.54 4.75
N TYR B 55 2.61 -24.41 4.48
CA TYR B 55 3.33 -23.14 4.30
C TYR B 55 3.87 -22.57 5.61
N LEU B 56 3.36 -23.09 6.73
CA LEU B 56 3.89 -22.76 8.05
C LEU B 56 5.09 -23.64 8.41
N LYS B 57 5.38 -24.61 7.55
CA LYS B 57 6.51 -25.54 7.74
C LYS B 57 7.60 -25.34 6.69
N PHE B 58 7.18 -25.03 5.46
CA PHE B 58 8.07 -24.89 4.33
C PHE B 58 8.23 -23.42 3.96
N GLY B 59 9.32 -23.10 3.28
CA GLY B 59 9.75 -21.72 3.13
C GLY B 59 10.29 -21.20 4.45
N ILE B 60 10.26 -19.89 4.61
CA ILE B 60 10.78 -19.24 5.81
C ILE B 60 9.67 -18.83 6.77
N ASN B 61 9.71 -19.41 7.96
CA ASN B 61 8.77 -19.08 9.04
C ASN B 61 9.50 -18.71 10.32
N THR B 62 8.95 -17.75 11.06
CA THR B 62 9.38 -17.46 12.42
C THR B 62 8.69 -18.44 13.37
N VAL B 63 9.43 -18.98 14.33
CA VAL B 63 8.87 -19.98 15.25
C VAL B 63 8.82 -19.49 16.71
N ASP B 64 9.72 -20.00 17.54
CA ASP B 64 9.82 -19.62 18.94
C ASP B 64 11.16 -18.90 19.14
N GLY B 65 11.14 -17.59 18.91
CA GLY B 65 12.34 -16.78 18.96
C GLY B 65 13.39 -17.15 17.92
N ALA B 66 13.00 -17.93 16.91
CA ALA B 66 13.93 -18.36 15.87
C ALA B 66 13.30 -18.35 14.48
N THR B 67 14.16 -18.42 13.46
CA THR B 67 13.71 -18.52 12.07
C THR B 67 14.00 -19.94 11.55
N ILE B 68 13.03 -20.51 10.85
CA ILE B 68 13.19 -21.84 10.28
C ILE B 68 12.90 -21.84 8.79
N TYR B 69 13.87 -22.35 8.02
CA TYR B 69 13.72 -22.50 6.57
C TYR B 69 13.80 -23.95 6.12
N ARG B 70 12.73 -24.41 5.46
CA ARG B 70 12.69 -25.75 4.88
C ARG B 70 12.45 -25.72 3.37
N GLU B 71 13.14 -26.61 2.67
CA GLU B 71 13.05 -26.72 1.23
C GLU B 71 13.22 -28.19 0.79
N TRP B 72 12.19 -28.74 0.18
CA TRP B 72 12.25 -30.07 -0.44
C TRP B 72 13.12 -30.01 -1.68
N ALA B 73 14.21 -30.77 -1.67
CA ALA B 73 15.11 -30.90 -2.82
C ALA B 73 15.97 -32.16 -2.66
N PRO B 74 15.35 -33.33 -2.88
CA PRO B 74 16.00 -34.64 -2.68
C PRO B 74 17.22 -34.82 -3.58
N ALA B 75 17.20 -34.16 -4.74
CA ALA B 75 18.26 -34.27 -5.73
C ALA B 75 19.56 -33.57 -5.33
N ALA B 76 19.48 -32.57 -4.45
CA ALA B 76 20.66 -31.83 -4.00
C ALA B 76 21.50 -32.66 -3.02
N GLN B 77 22.82 -32.43 -3.06
CA GLN B 77 23.78 -33.08 -2.17
C GLN B 77 24.31 -32.10 -1.13
N GLU B 78 24.24 -30.81 -1.47
CA GLU B 78 24.66 -29.74 -0.59
C GLU B 78 23.72 -28.56 -0.76
N ALA B 79 23.23 -28.02 0.35
CA ALA B 79 22.30 -26.90 0.31
C ALA B 79 22.53 -25.89 1.42
N GLN B 80 22.41 -24.61 1.06
CA GLN B 80 22.49 -23.52 2.02
C GLN B 80 21.54 -22.39 1.64
N LEU B 81 21.26 -21.52 2.59
CA LEU B 81 20.45 -20.34 2.35
C LEU B 81 21.35 -19.14 2.13
N ILE B 82 21.15 -18.46 1.01
CA ILE B 82 21.85 -17.23 0.71
C ILE B 82 20.87 -16.07 0.59
N GLY B 83 21.39 -14.85 0.73
CA GLY B 83 20.56 -13.67 0.68
C GLY B 83 21.34 -12.43 1.10
N GLU B 84 20.64 -11.30 1.15
CA GLU B 84 21.24 -10.04 1.56
C GLU B 84 21.70 -10.09 3.01
N PHE B 85 20.92 -10.80 3.84
CA PHE B 85 21.21 -10.99 5.26
C PHE B 85 22.58 -11.63 5.57
N ASN B 86 23.14 -12.37 4.60
CA ASN B 86 24.48 -12.94 4.77
C ASN B 86 25.41 -12.62 3.60
N ASN B 87 25.04 -11.58 2.84
CA ASN B 87 25.82 -11.12 1.69
C ASN B 87 26.02 -12.19 0.62
N TRP B 88 24.99 -13.01 0.41
CA TRP B 88 25.01 -14.04 -0.63
C TRP B 88 26.15 -15.05 -0.44
N ASN B 89 26.44 -15.35 0.83
CA ASN B 89 27.43 -16.35 1.18
C ASN B 89 26.85 -17.24 2.28
N GLY B 90 26.58 -18.50 1.93
CA GLY B 90 25.91 -19.43 2.84
C GLY B 90 26.82 -20.37 3.62
N ALA B 91 28.13 -20.09 3.64
CA ALA B 91 29.10 -20.92 4.36
C ALA B 91 28.76 -21.09 5.85
N LYS B 92 28.05 -20.12 6.41
CA LYS B 92 27.62 -20.19 7.80
C LYS B 92 26.13 -20.46 7.94
N HIS B 93 25.48 -20.79 6.84
CA HIS B 93 24.04 -21.08 6.86
C HIS B 93 23.74 -22.34 6.05
N LYS B 94 24.43 -23.42 6.43
CA LYS B 94 24.32 -24.70 5.76
C LYS B 94 23.08 -25.45 6.24
N MET B 95 22.38 -26.06 5.29
CA MET B 95 21.20 -26.86 5.62
C MET B 95 21.55 -28.33 5.70
N GLU B 96 20.70 -29.10 6.40
CA GLU B 96 20.86 -30.54 6.49
C GLU B 96 19.66 -31.26 5.90
N LYS B 97 19.94 -32.34 5.18
CA LYS B 97 18.92 -33.12 4.49
C LYS B 97 18.39 -34.23 5.40
N ASP B 98 17.07 -34.29 5.56
CA ASP B 98 16.42 -35.41 6.24
C ASP B 98 16.22 -36.58 5.26
N LYS B 99 15.64 -37.67 5.73
CA LYS B 99 15.50 -38.90 4.92
C LYS B 99 14.50 -38.80 3.75
N PHE B 100 13.71 -37.74 3.75
CA PHE B 100 12.74 -37.50 2.68
C PHE B 100 13.29 -36.52 1.64
N GLY B 101 14.53 -36.10 1.82
CA GLY B 101 15.15 -35.11 0.93
C GLY B 101 14.69 -33.69 1.24
N ILE B 102 14.27 -33.46 2.48
CA ILE B 102 13.87 -32.14 2.94
C ILE B 102 15.01 -31.47 3.66
N TRP B 103 15.40 -30.29 3.18
CA TRP B 103 16.44 -29.49 3.80
C TRP B 103 15.85 -28.51 4.79
N SER B 104 16.51 -28.37 5.93
CA SER B 104 16.06 -27.47 6.98
C SER B 104 17.23 -26.73 7.64
N ILE B 105 16.90 -25.64 8.34
CA ILE B 105 17.85 -24.89 9.15
C ILE B 105 17.09 -24.05 10.17
N LYS B 106 17.64 -23.97 11.38
CA LYS B 106 17.12 -23.07 12.39
C LYS B 106 18.12 -21.93 12.59
N ILE B 107 17.66 -20.71 12.30
CA ILE B 107 18.51 -19.54 12.39
C ILE B 107 18.09 -18.66 13.56
N SER B 108 19.02 -18.50 14.50
CA SER B 108 18.78 -17.71 15.71
C SER B 108 18.61 -16.23 15.41
N HIS B 109 17.73 -15.60 16.17
CA HIS B 109 17.56 -14.15 16.14
C HIS B 109 18.88 -13.45 16.45
N VAL B 110 19.13 -12.35 15.76
CA VAL B 110 20.23 -11.46 16.08
C VAL B 110 19.61 -10.24 16.76
N ASN B 111 20.20 -9.80 17.86
CA ASN B 111 19.71 -8.65 18.64
C ASN B 111 18.23 -8.76 19.03
N GLY B 112 17.76 -9.98 19.26
CA GLY B 112 16.35 -10.25 19.57
C GLY B 112 15.40 -10.00 18.41
N LYS B 113 15.95 -9.94 17.19
CA LYS B 113 15.15 -9.69 15.99
C LYS B 113 15.44 -10.74 14.90
N PRO B 114 14.43 -11.06 14.07
CA PRO B 114 14.58 -12.10 13.05
C PRO B 114 15.84 -11.90 12.21
N ALA B 115 16.61 -12.97 12.03
CA ALA B 115 17.87 -12.90 11.30
C ALA B 115 17.75 -12.51 9.83
N ILE B 116 16.59 -12.78 9.23
CA ILE B 116 16.33 -12.36 7.86
C ILE B 116 15.35 -11.19 7.86
N PRO B 117 15.84 -9.98 7.51
CA PRO B 117 14.92 -8.85 7.52
C PRO B 117 13.77 -9.04 6.55
N HIS B 118 12.58 -8.61 6.98
CA HIS B 118 11.44 -8.44 6.11
C HIS B 118 11.87 -7.64 4.89
N ASN B 119 11.33 -8.02 3.72
CA ASN B 119 11.59 -7.34 2.46
C ASN B 119 13.04 -7.41 1.95
N SER B 120 13.79 -8.43 2.40
CA SER B 120 15.15 -8.66 1.90
C SER B 120 15.16 -9.86 0.95
N LYS B 121 16.20 -9.95 0.12
CA LYS B 121 16.27 -10.99 -0.92
C LYS B 121 16.99 -12.25 -0.47
N VAL B 122 16.48 -13.40 -0.90
CA VAL B 122 17.04 -14.71 -0.57
C VAL B 122 17.01 -15.68 -1.74
N LYS B 123 17.92 -16.65 -1.73
CA LYS B 123 17.91 -17.76 -2.67
C LYS B 123 18.28 -19.07 -2.00
N PHE B 124 17.74 -20.15 -2.56
CA PHE B 124 18.10 -21.50 -2.17
C PHE B 124 19.33 -21.89 -3.00
N ARG B 125 20.42 -22.16 -2.30
CA ARG B 125 21.68 -22.52 -2.95
C ARG B 125 21.96 -24.00 -2.79
N PHE B 126 22.16 -24.70 -3.90
CA PHE B 126 22.48 -26.10 -3.85
C PHE B 126 23.40 -26.53 -4.98
N ARG B 127 24.09 -27.65 -4.78
CA ARG B 127 24.80 -28.27 -5.90
C ARG B 127 24.44 -29.72 -6.17
N HIS B 128 24.61 -30.09 -7.43
CA HIS B 128 24.21 -31.37 -7.96
C HIS B 128 25.39 -31.88 -8.78
N GLY B 129 26.32 -32.54 -8.10
CA GLY B 129 27.50 -33.12 -8.75
C GLY B 129 28.85 -32.57 -8.33
N GLY B 130 28.86 -31.70 -7.33
CA GLY B 130 30.09 -31.08 -6.87
C GLY B 130 30.66 -30.07 -7.85
N GLY B 131 29.81 -29.58 -8.75
CA GLY B 131 30.18 -28.53 -9.69
C GLY B 131 29.78 -27.17 -9.15
N ALA B 132 29.30 -26.30 -10.03
CA ALA B 132 28.86 -24.97 -9.64
C ALA B 132 27.57 -25.03 -8.80
N TRP B 133 27.47 -24.12 -7.85
CA TRP B 133 26.23 -23.92 -7.09
C TRP B 133 25.10 -23.50 -8.03
N VAL B 134 23.91 -23.98 -7.73
CA VAL B 134 22.71 -23.54 -8.42
C VAL B 134 21.86 -22.77 -7.42
N ASP B 135 21.40 -21.58 -7.83
CA ASP B 135 20.65 -20.70 -6.95
C ASP B 135 19.23 -20.47 -7.45
N ARG B 136 18.26 -20.88 -6.63
CA ARG B 136 16.84 -20.81 -6.99
C ARG B 136 16.03 -19.98 -6.02
N ILE B 137 15.00 -19.33 -6.54
CA ILE B 137 13.96 -18.76 -5.69
C ILE B 137 13.27 -19.95 -4.99
N PRO B 138 13.17 -19.90 -3.65
CA PRO B 138 12.50 -20.95 -2.90
C PRO B 138 11.09 -21.23 -3.41
N ALA B 139 10.70 -22.51 -3.38
CA ALA B 139 9.44 -22.97 -3.95
C ALA B 139 8.21 -22.34 -3.28
N TRP B 140 8.35 -22.04 -1.99
CA TRP B 140 7.25 -21.51 -1.18
C TRP B 140 7.37 -20.01 -0.90
N ILE B 141 8.22 -19.30 -1.64
CA ILE B 141 8.38 -17.86 -1.47
C ILE B 141 7.03 -17.15 -1.64
N ARG B 142 6.79 -16.11 -0.84
CA ARG B 142 5.49 -15.44 -0.81
C ARG B 142 5.47 -14.11 -1.56
N TYR B 143 6.63 -13.69 -2.04
CA TYR B 143 6.78 -12.46 -2.80
C TYR B 143 8.05 -12.56 -3.62
N ALA B 144 7.98 -12.10 -4.86
CA ALA B 144 9.13 -12.12 -5.75
C ALA B 144 9.10 -10.91 -6.68
N THR B 145 10.16 -10.10 -6.61
CA THR B 145 10.23 -8.85 -7.35
C THR B 145 11.20 -8.90 -8.52
N PHE B 146 11.05 -7.95 -9.43
CA PHE B 146 11.92 -7.83 -10.60
C PHE B 146 12.15 -6.37 -10.95
N ASP B 147 13.25 -6.10 -11.65
CA ASP B 147 13.54 -4.75 -12.13
C ASP B 147 12.69 -4.45 -13.36
N ALA B 148 11.65 -3.63 -13.16
CA ALA B 148 10.67 -3.33 -14.21
C ALA B 148 11.22 -2.53 -15.38
N SER B 149 12.34 -1.83 -15.16
CA SER B 149 12.98 -1.05 -16.22
C SER B 149 13.78 -1.92 -17.19
N LYS B 150 14.21 -3.10 -16.71
CA LYS B 150 15.03 -4.01 -17.50
C LYS B 150 14.20 -5.07 -18.22
N PHE B 151 14.34 -5.09 -19.55
CA PHE B 151 13.68 -6.09 -20.40
C PHE B 151 14.20 -7.49 -20.07
N GLY B 152 13.27 -8.41 -19.78
CA GLY B 152 13.60 -9.79 -19.45
C GLY B 152 14.33 -10.00 -18.12
N ALA B 153 14.17 -9.04 -17.20
CA ALA B 153 14.86 -9.07 -15.91
C ALA B 153 14.47 -10.29 -15.08
N PRO B 154 15.47 -10.98 -14.50
CA PRO B 154 15.17 -12.12 -13.63
C PRO B 154 14.51 -11.68 -12.33
N TYR B 155 13.88 -12.63 -11.64
CA TYR B 155 13.20 -12.34 -10.40
C TYR B 155 14.10 -12.56 -9.20
N ASP B 156 13.82 -11.81 -8.15
CA ASP B 156 14.45 -11.98 -6.85
C ASP B 156 13.40 -12.52 -5.89
N GLY B 157 13.73 -13.62 -5.21
CA GLY B 157 12.88 -14.12 -4.13
C GLY B 157 12.98 -13.19 -2.94
N VAL B 158 11.84 -12.83 -2.36
CA VAL B 158 11.80 -11.85 -1.27
C VAL B 158 11.14 -12.41 -0.03
N HIS B 159 11.84 -12.34 1.10
CA HIS B 159 11.27 -12.75 2.38
C HIS B 159 10.24 -11.71 2.81
N TRP B 160 8.98 -12.15 2.86
CA TRP B 160 7.88 -11.26 3.20
C TRP B 160 7.29 -11.64 4.55
N ASP B 161 7.47 -10.74 5.51
CA ASP B 161 7.07 -10.96 6.88
C ASP B 161 7.06 -9.59 7.55
N PRO B 162 6.05 -8.77 7.23
CA PRO B 162 6.03 -7.37 7.67
C PRO B 162 5.99 -7.21 9.19
N PRO B 163 6.48 -6.07 9.70
CA PRO B 163 6.24 -5.74 11.10
C PRO B 163 4.75 -5.48 11.34
N ALA B 164 4.28 -5.64 12.58
CA ALA B 164 2.86 -5.52 12.91
C ALA B 164 2.17 -4.27 12.36
N CYS B 165 2.89 -3.15 12.31
CA CYS B 165 2.33 -1.90 11.80
C CYS B 165 2.15 -1.88 10.28
N GLU B 166 2.81 -2.81 9.59
CA GLU B 166 2.71 -2.90 8.13
C GLU B 166 2.06 -4.19 7.66
N ARG B 167 1.29 -4.81 8.55
CA ARG B 167 0.54 -6.02 8.23
CA ARG B 167 0.53 -6.02 8.25
C ARG B 167 -0.94 -5.65 8.10
N TYR B 168 -1.55 -6.01 6.97
CA TYR B 168 -2.96 -5.67 6.80
C TYR B 168 -3.85 -6.43 7.78
N VAL B 169 -4.81 -5.70 8.35
CA VAL B 169 -5.76 -6.26 9.30
C VAL B 169 -7.15 -6.24 8.68
N PHE B 170 -7.74 -7.43 8.53
CA PHE B 170 -9.08 -7.55 7.94
C PHE B 170 -10.15 -6.98 8.86
N LYS B 171 -10.99 -6.11 8.29
CA LYS B 171 -11.98 -5.36 9.05
C LYS B 171 -13.40 -5.83 8.77
N HIS B 172 -13.55 -6.70 7.78
CA HIS B 172 -14.87 -7.06 7.27
C HIS B 172 -15.04 -8.56 7.13
N PRO B 173 -16.28 -9.04 7.35
CA PRO B 173 -16.52 -10.47 7.20
C PRO B 173 -16.71 -10.88 5.74
N ARG B 174 -16.49 -12.15 5.47
CA ARG B 174 -16.89 -12.76 4.22
C ARG B 174 -18.41 -12.63 4.13
N PRO B 175 -18.91 -12.10 3.01
CA PRO B 175 -20.35 -12.13 2.76
C PRO B 175 -20.87 -13.57 2.65
N PRO B 176 -22.19 -13.77 2.85
CA PRO B 176 -22.79 -15.09 2.68
C PRO B 176 -22.70 -15.56 1.22
N LYS B 177 -22.79 -16.87 1.00
CA LYS B 177 -22.89 -17.40 -0.35
C LYS B 177 -24.17 -16.86 -0.99
N PRO B 178 -24.08 -16.30 -2.20
CA PRO B 178 -25.30 -15.86 -2.87
C PRO B 178 -26.07 -17.06 -3.42
N ASP B 179 -27.36 -16.86 -3.71
CA ASP B 179 -28.17 -17.93 -4.31
C ASP B 179 -27.68 -18.26 -5.71
N ALA B 180 -27.21 -17.23 -6.42
CA ALA B 180 -26.56 -17.39 -7.71
C ALA B 180 -25.36 -16.45 -7.83
N PRO B 181 -24.23 -16.95 -8.38
CA PRO B 181 -23.09 -16.08 -8.59
C PRO B 181 -23.25 -15.23 -9.86
N ARG B 182 -23.12 -13.92 -9.69
CA ARG B 182 -23.05 -12.99 -10.79
C ARG B 182 -21.64 -12.42 -10.74
N ILE B 183 -20.78 -12.97 -11.60
CA ILE B 183 -19.34 -12.82 -11.49
C ILE B 183 -18.79 -11.77 -12.46
N TYR B 184 -17.98 -10.87 -11.91
CA TYR B 184 -17.26 -9.90 -12.69
C TYR B 184 -15.81 -10.37 -12.78
N GLU B 185 -15.43 -10.87 -13.96
CA GLU B 185 -14.09 -11.37 -14.23
C GLU B 185 -13.15 -10.20 -14.43
N ALA B 186 -12.01 -10.22 -13.75
CA ALA B 186 -11.14 -9.06 -13.74
C ALA B 186 -9.65 -9.38 -13.68
N HIS B 187 -8.85 -8.46 -14.19
CA HIS B 187 -7.40 -8.55 -14.19
C HIS B 187 -6.89 -7.17 -13.76
N VAL B 188 -6.15 -7.14 -12.66
CA VAL B 188 -5.73 -5.88 -12.01
C VAL B 188 -4.80 -5.04 -12.88
N GLY B 189 -3.79 -5.68 -13.48
CA GLY B 189 -2.78 -4.97 -14.27
C GLY B 189 -3.37 -4.10 -15.37
N MET B 190 -4.36 -4.62 -16.07
CA MET B 190 -5.00 -3.93 -17.19
C MET B 190 -6.29 -3.21 -16.79
N SER B 191 -6.50 -3.05 -15.47
CA SER B 191 -7.76 -2.51 -14.93
C SER B 191 -7.82 -0.99 -14.88
N GLY B 192 -6.68 -0.32 -15.11
CA GLY B 192 -6.63 1.14 -15.10
C GLY B 192 -6.83 1.73 -16.49
N GLU B 193 -7.16 3.01 -16.56
CA GLU B 193 -7.32 3.69 -17.84
C GLU B 193 -5.97 4.08 -18.46
N GLU B 194 -4.98 4.29 -17.60
CA GLU B 194 -3.61 4.60 -18.05
C GLU B 194 -2.93 3.44 -18.77
N PRO B 195 -2.16 3.73 -19.83
CA PRO B 195 -1.41 2.67 -20.52
C PRO B 195 -0.21 2.16 -19.71
N GLU B 196 -0.49 1.38 -18.66
CA GLU B 196 0.55 0.89 -17.76
C GLU B 196 -0.02 -0.26 -16.92
N VAL B 197 0.84 -0.93 -16.15
CA VAL B 197 0.37 -1.93 -15.18
C VAL B 197 -0.28 -1.22 -14.01
N SER B 198 -1.57 -1.47 -13.81
CA SER B 198 -2.31 -0.88 -12.69
C SER B 198 -2.09 -1.70 -11.42
N THR B 199 -2.54 -1.17 -10.29
CA THR B 199 -2.21 -1.74 -8.97
C THR B 199 -3.43 -2.32 -8.26
N TYR B 200 -3.18 -3.19 -7.27
CA TYR B 200 -4.25 -3.74 -6.42
C TYR B 200 -5.04 -2.65 -5.70
N ARG B 201 -4.36 -1.60 -5.25
CA ARG B 201 -5.00 -0.50 -4.55
C ARG B 201 -5.89 0.33 -5.47
N GLU B 202 -5.41 0.64 -6.67
CA GLU B 202 -6.23 1.36 -7.67
C GLU B 202 -7.46 0.55 -8.06
N PHE B 203 -7.27 -0.76 -8.26
CA PHE B 203 -8.38 -1.65 -8.58
C PHE B 203 -9.40 -1.67 -7.44
N ALA B 204 -8.90 -1.81 -6.20
CA ALA B 204 -9.77 -1.85 -5.02
C ALA B 204 -10.53 -0.55 -4.83
N ASP B 205 -9.81 0.56 -4.93
CA ASP B 205 -10.40 1.86 -4.69
C ASP B 205 -11.29 2.34 -5.84
N ASN B 206 -10.95 2.00 -7.08
CA ASN B 206 -11.67 2.57 -8.22
C ASN B 206 -12.53 1.61 -9.07
N VAL B 207 -12.19 0.32 -9.10
CA VAL B 207 -12.95 -0.64 -9.92
C VAL B 207 -13.97 -1.43 -9.10
N LEU B 208 -13.59 -1.89 -7.92
CA LEU B 208 -14.50 -2.60 -7.02
C LEU B 208 -15.85 -1.90 -6.83
N PRO B 209 -15.85 -0.57 -6.62
CA PRO B 209 -17.14 0.10 -6.48
C PRO B 209 -17.97 0.12 -7.77
N ARG B 210 -17.32 -0.06 -8.93
CA ARG B 210 -18.04 -0.14 -10.19
C ARG B 210 -18.75 -1.49 -10.28
N ILE B 211 -18.05 -2.53 -9.81
CA ILE B 211 -18.57 -3.90 -9.82
C ILE B 211 -19.82 -4.00 -8.94
N ARG B 212 -19.75 -3.42 -7.75
CA ARG B 212 -20.90 -3.42 -6.84
C ARG B 212 -22.06 -2.56 -7.36
N ALA B 213 -21.75 -1.40 -7.93
CA ALA B 213 -22.77 -0.52 -8.50
C ALA B 213 -23.55 -1.20 -9.63
N ASN B 214 -22.90 -2.13 -10.32
CA ASN B 214 -23.55 -2.89 -11.39
C ASN B 214 -24.30 -4.14 -10.91
N ASN B 215 -24.32 -4.35 -9.59
CA ASN B 215 -25.02 -5.47 -8.95
C ASN B 215 -24.50 -6.87 -9.25
N TYR B 216 -23.20 -6.97 -9.51
CA TYR B 216 -22.52 -8.25 -9.44
C TYR B 216 -22.38 -8.60 -7.97
N ASN B 217 -22.30 -9.89 -7.66
CA ASN B 217 -22.08 -10.29 -6.26
C ASN B 217 -20.73 -10.98 -6.03
N THR B 218 -20.00 -11.18 -7.12
CA THR B 218 -18.73 -11.91 -7.07
C THR B 218 -17.72 -11.29 -8.03
N VAL B 219 -16.45 -11.35 -7.63
CA VAL B 219 -15.35 -10.96 -8.49
C VAL B 219 -14.49 -12.21 -8.71
N GLN B 220 -14.21 -12.51 -9.98
CA GLN B 220 -13.24 -13.55 -10.33
C GLN B 220 -11.89 -12.89 -10.60
N LEU B 221 -10.98 -13.04 -9.66
CA LEU B 221 -9.71 -12.31 -9.71
C LEU B 221 -8.62 -13.15 -10.37
N MET B 222 -8.26 -12.75 -11.58
CA MET B 222 -7.26 -13.47 -12.36
C MET B 222 -5.85 -13.00 -12.05
N ALA B 223 -4.87 -13.79 -12.47
CA ALA B 223 -3.46 -13.38 -12.56
C ALA B 223 -2.84 -12.90 -11.23
N ILE B 224 -3.17 -13.60 -10.15
CA ILE B 224 -2.64 -13.30 -8.82
C ILE B 224 -1.36 -14.08 -8.55
N MET B 225 -1.40 -15.38 -8.81
CA MET B 225 -0.23 -16.25 -8.67
C MET B 225 0.87 -15.75 -9.59
N GLU B 226 2.08 -15.63 -9.04
CA GLU B 226 3.16 -14.96 -9.74
C GLU B 226 3.47 -15.61 -11.08
N HIS B 227 3.63 -14.76 -12.09
CA HIS B 227 3.98 -15.18 -13.43
C HIS B 227 4.93 -14.15 -14.05
N SER B 228 6.05 -14.62 -14.59
CA SER B 228 7.05 -13.75 -15.19
C SER B 228 6.60 -13.17 -16.54
N TYR B 229 5.81 -13.94 -17.28
CA TYR B 229 5.32 -13.53 -18.59
C TYR B 229 3.95 -12.88 -18.48
N TYR B 230 3.93 -11.54 -18.53
CA TYR B 230 2.72 -10.73 -18.33
C TYR B 230 1.57 -11.11 -19.27
N ALA B 231 1.90 -11.37 -20.54
CA ALA B 231 0.90 -11.70 -21.57
C ALA B 231 0.27 -13.09 -21.42
N SER B 232 0.78 -13.88 -20.48
CA SER B 232 0.20 -15.19 -20.21
C SER B 232 -1.17 -15.07 -19.53
N PHE B 233 -1.51 -13.86 -19.10
CA PHE B 233 -2.78 -13.56 -18.41
C PHE B 233 -2.86 -14.34 -17.08
N GLY B 234 -1.70 -14.66 -16.51
CA GLY B 234 -1.60 -15.40 -15.25
C GLY B 234 -1.49 -16.91 -15.37
N TYR B 235 -1.66 -17.42 -16.59
CA TYR B 235 -1.73 -18.86 -16.86
C TYR B 235 -0.43 -19.64 -16.64
N HIS B 236 0.72 -18.97 -16.75
CA HIS B 236 1.99 -19.68 -16.62
C HIS B 236 2.73 -19.25 -15.36
N VAL B 237 2.46 -19.98 -14.28
CA VAL B 237 2.88 -19.61 -12.93
C VAL B 237 4.33 -20.00 -12.67
N THR B 238 5.07 -19.05 -12.07
CA THR B 238 6.47 -19.25 -11.71
C THR B 238 6.64 -19.51 -10.21
N ASN B 239 6.04 -18.65 -9.39
CA ASN B 239 6.10 -18.76 -7.94
C ASN B 239 4.69 -18.90 -7.37
N PHE B 240 4.36 -20.12 -6.96
CA PHE B 240 2.98 -20.48 -6.62
C PHE B 240 2.41 -19.81 -5.38
N PHE B 241 3.27 -19.42 -4.45
CA PHE B 241 2.83 -18.79 -3.20
C PHE B 241 2.98 -17.26 -3.21
N ALA B 242 3.40 -16.72 -4.34
CA ALA B 242 3.68 -15.28 -4.44
C ALA B 242 2.58 -14.49 -5.13
N VAL B 243 2.13 -13.42 -4.47
CA VAL B 243 1.24 -12.48 -5.10
C VAL B 243 2.02 -11.75 -6.18
N SER B 244 1.46 -11.68 -7.39
CA SER B 244 2.11 -11.01 -8.51
C SER B 244 2.51 -9.59 -8.14
N SER B 245 3.82 -9.36 -8.15
CA SER B 245 4.44 -8.13 -7.64
C SER B 245 4.33 -6.90 -8.54
N ARG B 246 3.96 -7.09 -9.80
CA ARG B 246 3.84 -5.97 -10.73
C ARG B 246 2.71 -5.01 -10.36
N SER B 247 1.77 -5.49 -9.56
CA SER B 247 0.64 -4.66 -9.11
C SER B 247 0.65 -4.31 -7.62
N GLY B 248 1.62 -4.82 -6.87
CA GLY B 248 1.73 -4.50 -5.45
C GLY B 248 2.22 -5.61 -4.57
N THR B 249 2.03 -5.44 -3.26
CA THR B 249 2.49 -6.39 -2.25
C THR B 249 1.35 -7.33 -1.85
N PRO B 250 1.66 -8.40 -1.09
CA PRO B 250 0.59 -9.26 -0.57
C PRO B 250 -0.42 -8.50 0.31
N GLU B 251 0.06 -7.50 1.05
CA GLU B 251 -0.81 -6.67 1.89
C GLU B 251 -1.79 -5.83 1.06
N ASP B 252 -1.38 -5.41 -0.13
CA ASP B 252 -2.26 -4.67 -1.05
C ASP B 252 -3.40 -5.54 -1.55
N LEU B 253 -3.10 -6.79 -1.92
CA LEU B 253 -4.15 -7.75 -2.28
C LEU B 253 -5.13 -7.99 -1.12
N LYS B 254 -4.60 -8.06 0.11
CA LYS B 254 -5.41 -8.21 1.31
C LYS B 254 -6.36 -7.02 1.49
N TYR B 255 -5.82 -5.82 1.30
CA TYR B 255 -6.62 -4.59 1.25
C TYR B 255 -7.74 -4.74 0.20
N LEU B 256 -7.38 -5.24 -0.98
CA LEU B 256 -8.35 -5.45 -2.06
C LEU B 256 -9.48 -6.42 -1.68
N VAL B 257 -9.13 -7.59 -1.14
CA VAL B 257 -10.15 -8.58 -0.79
C VAL B 257 -11.08 -8.01 0.27
N ASP B 258 -10.50 -7.37 1.29
CA ASP B 258 -11.26 -6.79 2.39
C ASP B 258 -12.23 -5.70 1.92
N LYS B 259 -11.77 -4.84 1.02
CA LYS B 259 -12.64 -3.79 0.45
C LYS B 259 -13.79 -4.39 -0.35
N ALA B 260 -13.51 -5.47 -1.08
CA ALA B 260 -14.54 -6.19 -1.82
C ALA B 260 -15.63 -6.72 -0.88
N HIS B 261 -15.22 -7.34 0.21
CA HIS B 261 -16.16 -7.84 1.23
C HIS B 261 -16.99 -6.72 1.86
N SER B 262 -16.37 -5.56 2.05
CA SER B 262 -17.06 -4.38 2.58
C SER B 262 -18.14 -3.85 1.63
N LEU B 263 -18.00 -4.15 0.34
CA LEU B 263 -19.04 -3.77 -0.63
C LEU B 263 -20.07 -4.88 -0.80
N GLY B 264 -19.89 -5.96 -0.05
CA GLY B 264 -20.77 -7.12 -0.15
C GLY B 264 -20.41 -8.06 -1.29
N LEU B 265 -19.20 -7.95 -1.80
CA LEU B 265 -18.72 -8.78 -2.91
C LEU B 265 -17.85 -9.95 -2.44
N ARG B 266 -18.15 -11.13 -2.98
CA ARG B 266 -17.29 -12.29 -2.81
C ARG B 266 -16.16 -12.22 -3.82
N VAL B 267 -15.00 -12.75 -3.44
CA VAL B 267 -13.84 -12.76 -4.31
C VAL B 267 -13.36 -14.19 -4.50
N LEU B 268 -13.25 -14.59 -5.76
CA LEU B 268 -12.64 -15.87 -6.09
C LEU B 268 -11.35 -15.60 -6.83
N MET B 269 -10.35 -16.45 -6.57
CA MET B 269 -9.06 -16.34 -7.23
C MET B 269 -8.95 -17.43 -8.29
N ASP B 270 -8.27 -17.11 -9.38
CA ASP B 270 -7.88 -18.11 -10.37
C ASP B 270 -6.74 -18.93 -9.78
N VAL B 271 -6.97 -20.22 -9.62
CA VAL B 271 -5.92 -21.16 -9.23
C VAL B 271 -5.42 -21.87 -10.48
N VAL B 272 -4.11 -21.83 -10.71
CA VAL B 272 -3.54 -22.51 -11.86
C VAL B 272 -2.67 -23.68 -11.36
N HIS B 273 -3.28 -24.86 -11.28
CA HIS B 273 -2.58 -26.07 -10.86
C HIS B 273 -2.46 -27.11 -11.98
N SER B 274 -2.78 -26.68 -13.20
CA SER B 274 -2.75 -27.55 -14.36
C SER B 274 -1.32 -27.78 -14.86
N HIS B 275 -0.41 -26.92 -14.41
CA HIS B 275 0.99 -26.93 -14.83
C HIS B 275 1.78 -25.83 -14.16
N ALA B 276 3.11 -25.89 -14.33
CA ALA B 276 3.98 -24.76 -14.03
C ALA B 276 4.53 -24.20 -15.35
N SER B 277 4.95 -22.95 -15.34
CA SER B 277 5.76 -22.40 -16.41
C SER B 277 7.04 -23.22 -16.54
N ASN B 278 7.60 -23.31 -17.74
CA ASN B 278 8.89 -24.00 -17.92
C ASN B 278 10.10 -23.10 -17.71
N ASN B 279 9.84 -21.87 -17.25
CA ASN B 279 10.86 -20.89 -16.87
C ASN B 279 11.74 -21.43 -15.74
N VAL B 280 12.99 -21.72 -16.10
CA VAL B 280 13.96 -22.38 -15.25
C VAL B 280 14.70 -21.42 -14.32
N THR B 281 14.89 -20.19 -14.77
CA THR B 281 15.62 -19.22 -13.95
C THR B 281 14.77 -18.63 -12.81
N ASP B 282 13.44 -18.59 -12.97
CA ASP B 282 12.57 -17.95 -11.96
C ASP B 282 11.62 -18.90 -11.23
N GLY B 283 11.18 -19.95 -11.91
CA GLY B 283 10.08 -20.76 -11.38
C GLY B 283 10.42 -22.14 -10.86
N LEU B 284 9.37 -22.83 -10.42
CA LEU B 284 9.42 -24.22 -9.95
C LEU B 284 10.20 -25.16 -10.86
N ASN B 285 10.15 -24.90 -12.16
CA ASN B 285 10.84 -25.75 -13.13
C ASN B 285 12.35 -25.81 -12.92
N GLY B 286 12.88 -24.78 -12.25
CA GLY B 286 14.28 -24.75 -11.86
C GLY B 286 14.66 -25.82 -10.84
N TYR B 287 13.67 -26.54 -10.32
CA TYR B 287 13.96 -27.63 -9.37
C TYR B 287 14.08 -29.00 -10.02
N ASP B 288 13.88 -29.06 -11.34
CA ASP B 288 14.19 -30.27 -12.09
C ASP B 288 15.63 -30.24 -12.57
N VAL B 289 16.46 -31.07 -11.95
CA VAL B 289 17.86 -31.21 -12.35
C VAL B 289 18.13 -32.57 -12.99
N GLY B 290 17.07 -33.27 -13.40
CA GLY B 290 17.20 -34.55 -14.11
C GLY B 290 17.09 -35.77 -13.22
N GLN B 291 16.44 -35.62 -12.07
CA GLN B 291 16.20 -36.73 -11.16
C GLN B 291 14.95 -37.49 -11.58
N ASN B 292 14.67 -38.59 -10.89
CA ASN B 292 13.46 -39.37 -11.07
C ASN B 292 12.24 -38.55 -10.64
N THR B 293 11.09 -38.80 -11.26
CA THR B 293 9.86 -38.02 -11.00
C THR B 293 9.37 -38.10 -9.55
N HIS B 294 9.66 -39.22 -8.88
CA HIS B 294 9.28 -39.43 -7.49
C HIS B 294 9.94 -38.38 -6.59
N GLU B 295 11.09 -37.88 -7.01
CA GLU B 295 11.81 -36.83 -6.27
C GLU B 295 11.72 -35.48 -7.00
N SER B 296 10.67 -35.30 -7.78
CA SER B 296 10.46 -34.07 -8.54
C SER B 296 9.03 -33.57 -8.38
N TYR B 297 8.81 -32.29 -8.61
CA TYR B 297 7.46 -31.77 -8.72
C TYR B 297 6.79 -32.36 -9.96
N PHE B 298 7.61 -32.75 -10.94
CA PHE B 298 7.12 -33.06 -12.27
C PHE B 298 7.45 -34.44 -12.77
N HIS B 299 6.59 -34.94 -13.64
CA HIS B 299 6.92 -36.08 -14.48
C HIS B 299 8.13 -35.75 -15.33
N THR B 300 8.75 -36.78 -15.89
CA THR B 300 9.91 -36.59 -16.74
C THR B 300 9.59 -36.99 -18.17
N GLY B 301 10.50 -36.67 -19.07
CA GLY B 301 10.35 -36.98 -20.49
C GLY B 301 9.11 -36.36 -21.08
N ASP B 302 8.46 -37.12 -21.96
CA ASP B 302 7.24 -36.68 -22.66
C ASP B 302 6.11 -36.37 -21.68
N ARG B 303 5.96 -37.23 -20.68
CA ARG B 303 4.90 -37.14 -19.68
C ARG B 303 4.96 -35.84 -18.87
N GLY B 304 6.15 -35.23 -18.81
CA GLY B 304 6.35 -34.01 -18.06
C GLY B 304 6.13 -32.72 -18.83
N TYR B 305 5.68 -32.82 -20.08
CA TYR B 305 5.37 -31.62 -20.84
CA TYR B 305 5.57 -31.68 -21.01
C TYR B 305 4.39 -31.84 -21.99
N HIS B 306 4.42 -32.98 -22.67
CA HIS B 306 3.48 -33.31 -23.76
C HIS B 306 3.39 -32.27 -24.87
N LYS B 307 4.54 -31.69 -25.25
CA LYS B 307 4.64 -30.69 -26.31
C LYS B 307 3.86 -29.40 -25.99
N LEU B 308 3.55 -29.22 -24.70
CA LEU B 308 2.79 -28.06 -24.26
C LEU B 308 3.67 -26.84 -24.21
N TRP B 309 3.12 -25.71 -24.66
CA TRP B 309 3.83 -24.45 -24.62
C TRP B 309 3.91 -23.93 -23.20
N ASP B 310 5.13 -23.54 -22.80
CA ASP B 310 5.42 -22.98 -21.48
C ASP B 310 4.81 -23.78 -20.32
N SER B 311 5.05 -25.09 -20.33
CA SER B 311 4.38 -25.94 -19.35
C SER B 311 5.23 -27.11 -18.88
N ARG B 312 5.30 -27.27 -17.56
CA ARG B 312 5.72 -28.54 -16.95
C ARG B 312 4.54 -29.15 -16.23
N LEU B 313 4.34 -30.45 -16.43
CA LEU B 313 3.22 -31.16 -15.85
C LEU B 313 3.57 -31.84 -14.54
N PHE B 314 2.72 -31.61 -13.54
CA PHE B 314 2.92 -32.15 -12.21
C PHE B 314 2.74 -33.66 -12.15
N ASN B 315 3.54 -34.30 -11.31
CA ASN B 315 3.25 -35.64 -10.83
C ASN B 315 2.36 -35.48 -9.60
N TYR B 316 1.06 -35.59 -9.81
CA TYR B 316 0.06 -35.36 -8.76
C TYR B 316 -0.01 -36.49 -7.73
N ALA B 317 0.72 -37.58 -7.99
CA ALA B 317 0.74 -38.72 -7.07
C ALA B 317 1.80 -38.52 -5.99
N ASN B 318 2.74 -37.61 -6.24
CA ASN B 318 3.80 -37.30 -5.27
C ASN B 318 3.27 -36.61 -4.02
N TRP B 319 3.64 -37.18 -2.88
CA TRP B 319 3.25 -36.72 -1.56
C TRP B 319 3.53 -35.24 -1.35
N GLU B 320 4.76 -34.83 -1.66
CA GLU B 320 5.19 -33.44 -1.47
C GLU B 320 4.52 -32.50 -2.47
N VAL B 321 4.14 -33.02 -3.64
CA VAL B 321 3.38 -32.23 -4.62
C VAL B 321 1.97 -31.96 -4.11
N LEU B 322 1.38 -32.96 -3.45
CA LEU B 322 0.07 -32.79 -2.82
C LEU B 322 0.12 -31.81 -1.66
N ARG B 323 1.13 -31.92 -0.81
CA ARG B 323 1.31 -30.97 0.28
C ARG B 323 1.43 -29.55 -0.28
N PHE B 324 2.25 -29.41 -1.31
CA PHE B 324 2.50 -28.13 -1.96
C PHE B 324 1.20 -27.51 -2.46
N LEU B 325 0.44 -28.27 -3.25
CA LEU B 325 -0.78 -27.74 -3.89
C LEU B 325 -1.96 -27.57 -2.93
N LEU B 326 -2.13 -28.51 -2.01
CA LEU B 326 -3.19 -28.40 -1.01
C LEU B 326 -2.93 -27.27 -0.01
N SER B 327 -1.66 -27.09 0.35
CA SER B 327 -1.26 -25.96 1.20
C SER B 327 -1.42 -24.63 0.47
N ASN B 328 -1.10 -24.63 -0.83
CA ASN B 328 -1.33 -23.48 -1.68
C ASN B 328 -2.78 -23.00 -1.58
N LEU B 329 -3.72 -23.93 -1.69
CA LEU B 329 -5.15 -23.60 -1.58
C LEU B 329 -5.52 -23.01 -0.23
N ARG B 330 -5.00 -23.59 0.86
CA ARG B 330 -5.29 -23.07 2.20
C ARG B 330 -4.65 -21.71 2.37
N TYR B 331 -3.44 -21.55 1.86
CA TYR B 331 -2.72 -20.29 1.92
C TYR B 331 -3.53 -19.11 1.35
N TRP B 332 -4.12 -19.31 0.17
CA TRP B 332 -4.90 -18.23 -0.46
C TRP B 332 -6.18 -17.94 0.32
N MET B 333 -6.83 -19.01 0.77
CA MET B 333 -8.09 -18.88 1.52
C MET B 333 -7.90 -18.24 2.89
N ASP B 334 -6.95 -18.75 3.67
CA ASP B 334 -6.72 -18.27 5.03
C ASP B 334 -6.07 -16.91 5.06
N GLU B 335 -4.99 -16.73 4.30
CA GLU B 335 -4.20 -15.51 4.40
C GLU B 335 -4.83 -14.30 3.71
N PHE B 336 -5.62 -14.55 2.66
CA PHE B 336 -6.15 -13.47 1.85
C PHE B 336 -7.68 -13.39 1.86
N MET B 337 -8.31 -14.35 2.53
CA MET B 337 -9.76 -14.35 2.79
C MET B 337 -10.64 -14.60 1.57
N PHE B 338 -10.07 -15.20 0.54
CA PHE B 338 -10.83 -15.57 -0.64
C PHE B 338 -12.04 -16.45 -0.29
N ASP B 339 -13.08 -16.32 -1.11
CA ASP B 339 -14.35 -17.02 -0.88
C ASP B 339 -14.46 -18.27 -1.76
N GLY B 340 -13.36 -18.60 -2.44
CA GLY B 340 -13.32 -19.75 -3.33
C GLY B 340 -12.36 -19.49 -4.47
N PHE B 341 -12.45 -20.33 -5.51
CA PHE B 341 -11.48 -20.33 -6.59
C PHE B 341 -12.08 -20.71 -7.92
N ARG B 342 -11.36 -20.38 -8.99
CA ARG B 342 -11.54 -21.05 -10.26
C ARG B 342 -10.27 -21.81 -10.60
N PHE B 343 -10.39 -23.11 -10.77
CA PHE B 343 -9.28 -23.93 -11.24
C PHE B 343 -9.23 -23.82 -12.75
N ASP B 344 -8.17 -23.20 -13.27
CA ASP B 344 -7.99 -23.10 -14.71
C ASP B 344 -7.31 -24.35 -15.24
N GLY B 345 -7.56 -24.66 -16.52
CA GLY B 345 -6.93 -25.77 -17.21
C GLY B 345 -7.31 -27.16 -16.70
N VAL B 346 -8.56 -27.30 -16.27
CA VAL B 346 -9.05 -28.57 -15.73
C VAL B 346 -9.13 -29.66 -16.81
N THR B 347 -9.45 -29.25 -18.05
CA THR B 347 -9.45 -30.16 -19.20
C THR B 347 -8.08 -30.81 -19.39
N SER B 348 -7.02 -30.03 -19.21
CA SER B 348 -5.64 -30.50 -19.30
C SER B 348 -5.32 -31.53 -18.19
N MET B 349 -5.92 -31.32 -17.02
CA MET B 349 -5.68 -32.17 -15.86
C MET B 349 -6.45 -33.49 -15.94
N LEU B 350 -7.63 -33.45 -16.56
CA LEU B 350 -8.51 -34.61 -16.61
C LEU B 350 -8.01 -35.73 -17.52
N TYR B 351 -7.26 -35.36 -18.56
CA TYR B 351 -6.83 -36.32 -19.58
C TYR B 351 -5.35 -36.22 -19.88
N HIS B 352 -4.75 -37.38 -20.16
CA HIS B 352 -3.33 -37.44 -20.54
C HIS B 352 -3.07 -36.79 -21.89
N HIS B 353 -4.08 -36.75 -22.75
CA HIS B 353 -4.01 -36.00 -24.00
C HIS B 353 -4.46 -34.55 -23.82
N HIS B 354 -4.90 -34.20 -22.60
CA HIS B 354 -5.26 -32.82 -22.24
C HIS B 354 -6.39 -32.22 -23.06
N GLY B 355 -7.13 -33.08 -23.76
CA GLY B 355 -8.26 -32.67 -24.58
C GLY B 355 -7.85 -31.94 -25.85
N ILE B 356 -6.56 -31.95 -26.17
CA ILE B 356 -6.03 -31.28 -27.37
C ILE B 356 -6.46 -32.05 -28.62
N ASN B 357 -6.94 -31.30 -29.62
CA ASN B 357 -7.58 -31.86 -30.83
C ASN B 357 -8.69 -32.87 -30.55
N LYS B 358 -9.36 -32.66 -29.42
CA LYS B 358 -10.54 -33.42 -29.03
C LYS B 358 -11.67 -32.41 -28.85
N GLY B 359 -12.89 -32.75 -29.30
CA GLY B 359 -13.22 -34.06 -29.85
C GLY B 359 -14.19 -34.77 -28.94
N PHE B 360 -15.07 -34.00 -28.29
CA PHE B 360 -16.04 -34.53 -27.33
C PHE B 360 -17.45 -34.48 -27.88
N THR B 361 -17.95 -35.67 -28.25
CA THR B 361 -19.21 -35.80 -28.99
C THR B 361 -20.34 -36.39 -28.14
N GLY B 362 -20.07 -36.56 -26.85
CA GLY B 362 -21.10 -37.03 -25.92
C GLY B 362 -20.87 -38.43 -25.40
N ASN B 363 -20.29 -39.29 -26.23
CA ASN B 363 -19.99 -40.67 -25.84
C ASN B 363 -19.13 -40.72 -24.59
N TYR B 364 -19.61 -41.45 -23.58
CA TYR B 364 -18.98 -41.46 -22.25
C TYR B 364 -17.62 -42.17 -22.22
N LYS B 365 -17.34 -42.95 -23.26
CA LYS B 365 -16.04 -43.61 -23.41
C LYS B 365 -14.91 -42.60 -23.53
N GLU B 366 -15.22 -41.44 -24.13
CA GLU B 366 -14.28 -40.34 -24.27
C GLU B 366 -13.90 -39.73 -22.91
N TYR B 367 -14.82 -39.81 -21.95
CA TYR B 367 -14.60 -39.29 -20.60
C TYR B 367 -13.94 -40.30 -19.68
N PHE B 368 -14.38 -41.55 -19.75
CA PHE B 368 -13.96 -42.58 -18.80
C PHE B 368 -13.24 -43.73 -19.48
N SER B 369 -11.91 -43.58 -19.58
CA SER B 369 -11.04 -44.56 -20.23
C SER B 369 -9.63 -44.47 -19.65
N LEU B 370 -8.69 -45.20 -20.25
CA LEU B 370 -7.30 -45.20 -19.79
C LEU B 370 -6.63 -43.85 -19.95
N ASP B 371 -7.22 -42.99 -20.79
CA ASP B 371 -6.76 -41.61 -21.04
CA ASP B 371 -6.69 -41.65 -20.99
C ASP B 371 -7.10 -40.68 -19.88
N THR B 372 -8.05 -41.09 -19.05
CA THR B 372 -8.47 -40.29 -17.91
C THR B 372 -7.37 -40.29 -16.84
N ASP B 373 -6.98 -39.11 -16.40
CA ASP B 373 -5.93 -38.95 -15.41
C ASP B 373 -6.50 -39.09 -14.00
N VAL B 374 -6.29 -40.29 -13.43
CA VAL B 374 -6.74 -40.60 -12.08
C VAL B 374 -5.91 -39.85 -11.02
N ASP B 375 -4.61 -39.74 -11.25
CA ASP B 375 -3.74 -38.94 -10.36
C ASP B 375 -4.29 -37.54 -10.17
N ALA B 376 -4.55 -36.86 -11.28
CA ALA B 376 -5.02 -35.46 -11.25
C ALA B 376 -6.42 -35.33 -10.62
N ILE B 377 -7.30 -36.27 -10.93
CA ILE B 377 -8.65 -36.30 -10.37
C ILE B 377 -8.62 -36.56 -8.85
N VAL B 378 -7.75 -37.46 -8.40
CA VAL B 378 -7.57 -37.69 -6.97
C VAL B 378 -7.17 -36.38 -6.28
N TYR B 379 -6.21 -35.66 -6.86
CA TYR B 379 -5.83 -34.36 -6.31
C TYR B 379 -7.03 -33.42 -6.17
N MET B 380 -7.83 -33.32 -7.24
CA MET B 380 -8.94 -32.37 -7.26
C MET B 380 -10.07 -32.74 -6.29
N MET B 381 -10.28 -34.04 -6.09
CA MET B 381 -11.23 -34.51 -5.07
C MET B 381 -10.73 -34.18 -3.67
N LEU B 382 -9.45 -34.43 -3.44
CA LEU B 382 -8.80 -34.07 -2.17
C LEU B 382 -8.88 -32.56 -1.94
N ALA B 383 -8.73 -31.79 -3.01
CA ALA B 383 -8.77 -30.33 -2.95
C ALA B 383 -10.16 -29.83 -2.60
N ASN B 384 -11.14 -30.35 -3.31
CA ASN B 384 -12.54 -29.97 -3.11
C ASN B 384 -13.09 -30.38 -1.75
N HIS B 385 -12.61 -31.51 -1.21
CA HIS B 385 -12.97 -31.92 0.15
C HIS B 385 -12.38 -30.97 1.17
N LEU B 386 -11.10 -30.64 0.99
CA LEU B 386 -10.39 -29.69 1.85
C LEU B 386 -11.07 -28.33 1.87
N MET B 387 -11.22 -27.73 0.68
CA MET B 387 -11.70 -26.36 0.56
C MET B 387 -13.09 -26.16 1.16
N HIS B 388 -13.97 -27.14 0.95
CA HIS B 388 -15.34 -27.09 1.48
C HIS B 388 -15.44 -27.34 2.98
N LYS B 389 -14.44 -27.98 3.58
CA LYS B 389 -14.42 -28.13 5.02
C LYS B 389 -13.83 -26.87 5.67
N LEU B 390 -12.83 -26.28 5.01
CA LEU B 390 -12.24 -25.02 5.45
C LEU B 390 -13.22 -23.85 5.34
N LEU B 391 -13.94 -23.81 4.22
CA LEU B 391 -14.96 -22.80 4.01
C LEU B 391 -16.16 -23.49 3.36
N PRO B 392 -17.12 -23.95 4.19
CA PRO B 392 -18.28 -24.67 3.69
C PRO B 392 -19.10 -23.89 2.66
N GLU B 393 -19.04 -22.56 2.75
CA GLU B 393 -19.72 -21.69 1.79
C GLU B 393 -18.89 -21.37 0.54
N ALA B 394 -17.72 -21.98 0.41
CA ALA B 394 -16.85 -21.72 -0.75
C ALA B 394 -17.51 -22.09 -2.07
N THR B 395 -17.19 -21.30 -3.09
CA THR B 395 -17.55 -21.64 -4.46
C THR B 395 -16.27 -21.97 -5.23
N ILE B 396 -16.21 -23.19 -5.75
CA ILE B 396 -15.09 -23.62 -6.56
C ILE B 396 -15.59 -23.87 -7.99
N VAL B 397 -15.02 -23.12 -8.93
CA VAL B 397 -15.41 -23.22 -10.35
C VAL B 397 -14.35 -24.00 -11.12
N ALA B 398 -14.81 -24.87 -12.03
CA ALA B 398 -13.90 -25.58 -12.91
C ALA B 398 -13.96 -25.02 -14.33
N GLN B 399 -12.78 -24.68 -14.87
CA GLN B 399 -12.64 -24.30 -16.28
C GLN B 399 -12.36 -25.57 -17.11
N ASP B 400 -13.42 -26.16 -17.66
CA ASP B 400 -13.32 -27.41 -18.41
C ASP B 400 -14.17 -27.41 -19.68
N VAL B 401 -13.50 -27.41 -20.84
CA VAL B 401 -14.20 -27.40 -22.13
C VAL B 401 -14.91 -28.72 -22.42
N SER B 402 -14.45 -29.80 -21.81
CA SER B 402 -14.87 -31.16 -22.17
C SER B 402 -16.28 -31.54 -21.74
N GLY B 403 -16.75 -30.96 -20.63
CA GLY B 403 -18.07 -31.30 -20.11
C GLY B 403 -18.06 -32.65 -19.43
N MET B 404 -16.98 -32.92 -18.70
CA MET B 404 -16.83 -34.11 -17.88
C MET B 404 -18.04 -34.27 -16.94
N PRO B 405 -18.78 -35.38 -17.08
CA PRO B 405 -19.90 -35.69 -16.19
C PRO B 405 -19.40 -35.86 -14.75
N VAL B 406 -20.26 -35.49 -13.79
CA VAL B 406 -19.95 -35.49 -12.35
C VAL B 406 -18.69 -34.73 -11.91
N LEU B 407 -18.25 -33.80 -12.74
CA LEU B 407 -17.21 -32.86 -12.35
C LEU B 407 -17.74 -31.99 -11.22
N CYS B 408 -19.02 -31.64 -11.32
CA CYS B 408 -19.63 -30.68 -10.41
C CYS B 408 -20.70 -31.35 -9.54
N ARG B 409 -20.36 -32.52 -9.03
CA ARG B 409 -21.12 -33.18 -7.98
C ARG B 409 -20.19 -33.41 -6.80
N PRO B 410 -20.73 -33.41 -5.56
CA PRO B 410 -19.89 -33.55 -4.37
C PRO B 410 -19.01 -34.79 -4.38
N VAL B 411 -17.84 -34.66 -3.77
CA VAL B 411 -16.88 -35.76 -3.66
C VAL B 411 -17.52 -36.98 -2.99
N ASP B 412 -18.31 -36.70 -1.95
CA ASP B 412 -18.92 -37.76 -1.15
C ASP B 412 -20.05 -38.47 -1.91
N GLU B 413 -20.59 -37.81 -2.93
CA GLU B 413 -21.50 -38.43 -3.89
C GLU B 413 -20.74 -39.30 -4.90
N GLY B 414 -19.44 -39.04 -5.04
CA GLY B 414 -18.62 -39.75 -6.01
C GLY B 414 -18.15 -38.87 -7.17
N GLY B 415 -18.46 -37.58 -7.09
CA GLY B 415 -18.05 -36.60 -8.11
C GLY B 415 -16.67 -36.03 -7.83
N VAL B 416 -16.26 -35.04 -8.62
CA VAL B 416 -14.93 -34.44 -8.46
C VAL B 416 -14.94 -33.32 -7.39
N GLY B 417 -16.11 -32.77 -7.12
CA GLY B 417 -16.30 -31.84 -6.00
C GLY B 417 -16.48 -30.38 -6.32
N PHE B 418 -16.42 -30.02 -7.61
CA PHE B 418 -16.59 -28.64 -8.04
C PHE B 418 -18.05 -28.20 -7.95
N ASP B 419 -18.26 -26.90 -7.73
CA ASP B 419 -19.61 -26.37 -7.59
C ASP B 419 -20.22 -25.93 -8.92
N PHE B 420 -19.39 -25.39 -9.80
CA PHE B 420 -19.84 -24.90 -11.09
C PHE B 420 -18.81 -25.23 -12.16
N ARG B 421 -19.28 -25.40 -13.38
CA ARG B 421 -18.40 -25.40 -14.55
C ARG B 421 -18.70 -24.14 -15.36
N LEU B 422 -17.78 -23.75 -16.23
CA LEU B 422 -18.01 -22.62 -17.12
C LEU B 422 -18.65 -23.12 -18.41
N ALA B 423 -19.69 -22.42 -18.87
CA ALA B 423 -20.34 -22.80 -20.12
C ALA B 423 -19.55 -22.25 -21.30
N MET B 424 -18.44 -22.92 -21.59
CA MET B 424 -17.41 -22.42 -22.49
C MET B 424 -17.73 -22.49 -23.98
N ALA B 425 -18.78 -23.22 -24.34
CA ALA B 425 -19.16 -23.34 -25.76
C ALA B 425 -19.97 -22.14 -26.26
N ILE B 426 -20.69 -21.50 -25.34
CA ILE B 426 -21.58 -20.37 -25.66
C ILE B 426 -20.95 -19.25 -26.52
N PRO B 427 -19.78 -18.72 -26.12
CA PRO B 427 -19.25 -17.56 -26.85
C PRO B 427 -18.97 -17.82 -28.34
N ASP B 428 -18.64 -19.05 -28.69
CA ASP B 428 -18.37 -19.42 -30.09
C ASP B 428 -19.60 -19.32 -30.98
N ARG B 429 -20.78 -19.52 -30.41
CA ARG B 429 -22.04 -19.35 -31.14
C ARG B 429 -22.23 -17.89 -31.58
N TRP B 430 -22.08 -16.97 -30.62
CA TRP B 430 -22.23 -15.55 -30.91
C TRP B 430 -21.17 -15.06 -31.89
N ILE B 431 -19.93 -15.53 -31.72
CA ILE B 431 -18.84 -15.14 -32.61
C ILE B 431 -19.07 -15.62 -34.05
N ASP B 432 -19.41 -16.90 -34.22
CA ASP B 432 -19.72 -17.43 -35.55
C ASP B 432 -20.84 -16.62 -36.20
N TYR B 433 -21.91 -16.39 -35.44
CA TYR B 433 -23.07 -15.65 -35.92
C TYR B 433 -22.73 -14.24 -36.36
N LEU B 434 -22.00 -13.53 -35.51
CA LEU B 434 -21.64 -12.14 -35.79
C LEU B 434 -20.62 -12.01 -36.92
N LYS B 435 -19.83 -13.05 -37.14
CA LYS B 435 -18.85 -13.04 -38.22
C LYS B 435 -19.44 -13.48 -39.55
N ASN B 436 -20.26 -14.52 -39.53
CA ASN B 436 -20.59 -15.26 -40.75
C ASN B 436 -22.04 -15.20 -41.20
N LYS B 437 -22.97 -15.06 -40.25
CA LYS B 437 -24.38 -15.18 -40.58
C LYS B 437 -25.14 -13.86 -40.48
N GLU B 438 -25.60 -13.38 -41.63
CA GLU B 438 -26.47 -12.20 -41.71
C GLU B 438 -27.67 -12.38 -40.79
N ASP B 439 -28.19 -11.27 -40.28
CA ASP B 439 -29.21 -11.29 -39.22
C ASP B 439 -30.44 -12.18 -39.49
N ARG B 440 -30.90 -12.20 -40.74
CA ARG B 440 -32.09 -13.00 -41.12
C ARG B 440 -31.82 -14.50 -41.19
N LYS B 441 -30.55 -14.88 -41.24
CA LYS B 441 -30.16 -16.29 -41.32
C LYS B 441 -29.94 -16.92 -39.94
N TRP B 442 -29.99 -16.08 -38.90
CA TRP B 442 -29.86 -16.53 -37.51
C TRP B 442 -30.97 -17.49 -37.15
N SER B 443 -30.61 -18.61 -36.53
CA SER B 443 -31.61 -19.59 -36.11
C SER B 443 -31.93 -19.43 -34.64
N MET B 444 -33.20 -19.20 -34.36
CA MET B 444 -33.69 -19.07 -32.98
C MET B 444 -33.51 -20.39 -32.24
N SER B 445 -33.64 -21.50 -32.97
CA SER B 445 -33.51 -22.85 -32.41
C SER B 445 -32.06 -23.23 -32.11
N GLU B 446 -31.14 -22.73 -32.94
CA GLU B 446 -29.71 -23.00 -32.73
C GLU B 446 -29.18 -22.22 -31.52
N ILE B 447 -29.62 -20.97 -31.39
CA ILE B 447 -29.30 -20.15 -30.21
C ILE B 447 -29.77 -20.86 -28.95
N VAL B 448 -31.02 -21.32 -28.97
CA VAL B 448 -31.63 -21.98 -27.82
C VAL B 448 -30.93 -23.29 -27.47
N GLN B 449 -30.63 -24.11 -28.48
CA GLN B 449 -29.89 -25.35 -28.28
C GLN B 449 -28.52 -25.13 -27.64
N THR B 450 -27.80 -24.13 -28.14
CA THR B 450 -26.50 -23.78 -27.55
C THR B 450 -26.64 -23.49 -26.04
N LEU B 451 -27.61 -22.65 -25.68
CA LEU B 451 -27.80 -22.22 -24.29
C LEU B 451 -28.34 -23.30 -23.36
N THR B 452 -29.22 -24.16 -23.89
CA THR B 452 -29.94 -25.13 -23.07
C THR B 452 -29.38 -26.55 -23.16
N ASN B 453 -28.49 -26.77 -24.13
CA ASN B 453 -27.78 -28.05 -24.24
C ASN B 453 -26.72 -28.10 -23.15
N ARG B 454 -27.14 -28.54 -21.96
CA ARG B 454 -26.26 -28.63 -20.80
C ARG B 454 -26.78 -29.68 -19.83
N ARG B 455 -25.95 -29.99 -18.82
CA ARG B 455 -26.34 -30.93 -17.79
C ARG B 455 -27.08 -30.19 -16.69
N TYR B 456 -28.26 -30.69 -16.33
CA TYR B 456 -29.11 -30.01 -15.35
C TYR B 456 -28.96 -30.60 -13.95
N THR B 457 -28.27 -31.72 -13.86
CA THR B 457 -27.89 -32.30 -12.58
C THR B 457 -26.62 -31.61 -12.03
N GLU B 458 -26.03 -30.74 -12.85
CA GLU B 458 -24.86 -29.95 -12.44
C GLU B 458 -25.03 -28.48 -12.83
N LYS B 459 -24.27 -27.61 -12.18
CA LYS B 459 -24.42 -26.18 -12.36
C LYS B 459 -23.30 -25.60 -13.20
N CYS B 460 -23.64 -24.56 -13.97
CA CYS B 460 -22.68 -23.91 -14.84
C CYS B 460 -22.85 -22.39 -14.79
N ILE B 461 -21.78 -21.68 -15.16
CA ILE B 461 -21.79 -20.23 -15.23
C ILE B 461 -21.70 -19.82 -16.69
N ALA B 462 -22.71 -19.08 -17.14
CA ALA B 462 -22.81 -18.72 -18.55
C ALA B 462 -22.32 -17.30 -18.81
N TYR B 463 -21.76 -17.11 -20.00
CA TYR B 463 -21.24 -15.81 -20.41
C TYR B 463 -21.21 -15.71 -21.93
N ALA B 464 -21.45 -14.50 -22.44
CA ALA B 464 -21.47 -14.24 -23.87
C ALA B 464 -20.05 -14.12 -24.45
N GLU B 465 -19.12 -13.70 -23.60
CA GLU B 465 -17.70 -13.58 -23.94
C GLU B 465 -16.91 -13.39 -22.64
N SER B 466 -15.61 -13.67 -22.69
CA SER B 466 -14.73 -13.48 -21.54
C SER B 466 -13.27 -13.26 -21.96
N HIS B 467 -12.34 -13.49 -21.04
CA HIS B 467 -10.92 -13.27 -21.28
C HIS B 467 -10.35 -14.23 -22.32
N ASP B 468 -10.91 -15.43 -22.41
CA ASP B 468 -10.33 -16.47 -23.26
C ASP B 468 -10.57 -16.21 -24.75
N GLN B 469 -11.57 -15.37 -25.04
CA GLN B 469 -11.76 -14.80 -26.38
C GLN B 469 -10.61 -13.87 -26.72
N SER B 470 -10.16 -13.12 -25.71
CA SER B 470 -9.07 -12.15 -25.86
C SER B 470 -7.71 -12.84 -26.07
N ILE B 471 -7.53 -14.01 -25.44
CA ILE B 471 -6.33 -14.85 -25.60
C ILE B 471 -6.15 -15.30 -27.06
N VAL B 472 -7.27 -15.61 -27.70
CA VAL B 472 -7.31 -15.85 -29.15
C VAL B 472 -7.28 -14.46 -29.83
N GLY B 473 -7.34 -14.41 -31.16
CA GLY B 473 -7.35 -13.13 -31.85
C GLY B 473 -8.71 -12.45 -31.85
N ASP B 474 -9.62 -12.93 -31.01
CA ASP B 474 -11.02 -12.51 -31.05
C ASP B 474 -11.27 -11.11 -30.55
N LYS B 475 -12.08 -10.37 -31.30
CA LYS B 475 -12.56 -9.06 -30.89
C LYS B 475 -13.84 -9.22 -30.08
N THR B 476 -14.25 -8.17 -29.39
CA THR B 476 -15.42 -8.21 -28.51
C THR B 476 -16.71 -8.34 -29.31
N ILE B 477 -17.80 -8.70 -28.63
CA ILE B 477 -19.11 -8.74 -29.27
C ILE B 477 -19.47 -7.36 -29.80
N ALA B 478 -19.22 -6.33 -28.99
CA ALA B 478 -19.54 -4.95 -29.36
C ALA B 478 -18.80 -4.51 -30.62
N PHE B 479 -17.49 -4.73 -30.65
CA PHE B 479 -16.66 -4.46 -31.83
C PHE B 479 -17.19 -5.19 -33.07
N LEU B 480 -17.48 -6.48 -32.91
CA LEU B 480 -18.05 -7.30 -33.99
C LEU B 480 -19.38 -6.75 -34.51
N LEU B 481 -20.09 -6.02 -33.67
CA LEU B 481 -21.37 -5.42 -34.04
C LEU B 481 -21.18 -4.08 -34.73
N MET B 482 -20.25 -3.29 -34.23
CA MET B 482 -20.18 -1.87 -34.57
C MET B 482 -18.84 -1.43 -35.16
N ASP B 483 -17.80 -2.22 -34.90
CA ASP B 483 -16.47 -1.99 -35.47
C ASP B 483 -15.92 -0.61 -35.09
N LYS B 484 -15.19 0.01 -36.01
CA LYS B 484 -14.52 1.28 -35.76
C LYS B 484 -15.47 2.48 -35.79
N GLU B 485 -16.74 2.22 -36.11
CA GLU B 485 -17.77 3.26 -36.09
C GLU B 485 -17.99 3.79 -34.66
N MET B 486 -17.68 2.95 -33.67
CA MET B 486 -17.83 3.29 -32.25
C MET B 486 -17.01 4.50 -31.83
N TYR B 487 -15.87 4.72 -32.47
CA TYR B 487 -14.98 5.82 -32.12
C TYR B 487 -15.61 7.20 -32.40
N THR B 488 -16.45 7.28 -33.43
CA THR B 488 -17.08 8.54 -33.83
C THR B 488 -18.60 8.55 -33.67
N GLY B 489 -19.19 7.36 -33.52
CA GLY B 489 -20.65 7.21 -33.52
C GLY B 489 -21.32 6.96 -32.19
N MET B 490 -20.62 7.27 -31.09
CA MET B 490 -21.16 7.00 -29.76
C MET B 490 -21.63 8.24 -29.01
N SER B 491 -21.77 9.36 -29.73
CA SER B 491 -22.26 10.59 -29.11
C SER B 491 -23.74 10.48 -28.77
N ASP B 492 -24.08 10.98 -27.59
CA ASP B 492 -25.44 11.04 -27.08
C ASP B 492 -26.10 12.33 -27.54
N LEU B 493 -25.27 13.29 -27.98
CA LEU B 493 -25.74 14.62 -28.40
C LEU B 493 -26.54 14.61 -29.70
N GLN B 494 -26.13 13.77 -30.65
CA GLN B 494 -26.88 13.58 -31.89
C GLN B 494 -27.50 12.17 -31.93
N PRO B 495 -28.58 12.00 -32.72
CA PRO B 495 -29.14 10.69 -32.97
C PRO B 495 -28.08 9.71 -33.47
N ALA B 496 -28.25 8.44 -33.10
CA ALA B 496 -27.35 7.38 -33.51
C ALA B 496 -27.69 6.89 -34.92
N SER B 497 -26.69 6.31 -35.58
CA SER B 497 -26.87 5.68 -36.88
C SER B 497 -27.59 4.34 -36.72
N PRO B 498 -28.16 3.79 -37.82
CA PRO B 498 -28.84 2.50 -37.75
C PRO B 498 -27.93 1.38 -37.27
N THR B 499 -26.66 1.43 -37.65
CA THR B 499 -25.70 0.40 -37.25
C THR B 499 -25.29 0.50 -35.77
N ILE B 500 -25.19 1.73 -35.26
CA ILE B 500 -24.95 1.95 -33.83
C ILE B 500 -26.17 1.53 -33.00
N ASN B 501 -27.36 2.01 -33.38
CA ASN B 501 -28.61 1.57 -32.75
C ASN B 501 -28.72 0.06 -32.73
N ARG B 502 -28.40 -0.55 -33.86
CA ARG B 502 -28.40 -2.00 -34.01
C ARG B 502 -27.49 -2.67 -32.98
N GLY B 503 -26.25 -2.17 -32.86
CA GLY B 503 -25.25 -2.75 -31.98
C GLY B 503 -25.61 -2.73 -30.50
N ILE B 504 -26.13 -1.59 -30.05
CA ILE B 504 -26.51 -1.41 -28.65
C ILE B 504 -27.61 -2.38 -28.24
N ALA B 505 -28.63 -2.53 -29.09
CA ALA B 505 -29.75 -3.42 -28.83
C ALA B 505 -29.32 -4.87 -28.74
N LEU B 506 -28.56 -5.33 -29.75
CA LEU B 506 -28.07 -6.70 -29.78
C LEU B 506 -27.12 -7.00 -28.62
N GLN B 507 -26.25 -6.06 -28.30
CA GLN B 507 -25.38 -6.14 -27.11
C GLN B 507 -26.20 -6.50 -25.87
N LYS B 508 -27.26 -5.73 -25.62
CA LYS B 508 -28.15 -5.97 -24.50
C LYS B 508 -28.83 -7.34 -24.60
N MET B 509 -29.38 -7.62 -25.78
CA MET B 509 -30.13 -8.87 -26.00
C MET B 509 -29.25 -10.10 -25.81
N ILE B 510 -28.05 -10.08 -26.38
CA ILE B 510 -27.12 -11.21 -26.32
C ILE B 510 -26.71 -11.55 -24.88
N HIS B 511 -26.34 -10.53 -24.12
CA HIS B 511 -26.02 -10.68 -22.69
C HIS B 511 -27.19 -11.22 -21.89
N PHE B 512 -28.39 -10.72 -22.20
CA PHE B 512 -29.58 -11.04 -21.42
C PHE B 512 -30.05 -12.48 -21.60
N ILE B 513 -30.21 -12.91 -22.85
CA ILE B 513 -30.62 -14.30 -23.12
C ILE B 513 -29.56 -15.28 -22.63
N THR B 514 -28.30 -14.87 -22.70
CA THR B 514 -27.19 -15.68 -22.22
C THR B 514 -27.29 -15.85 -20.71
N MET B 515 -27.60 -14.77 -20.02
CA MET B 515 -27.83 -14.84 -18.58
C MET B 515 -29.07 -15.67 -18.26
N ALA B 516 -30.18 -15.33 -18.89
CA ALA B 516 -31.49 -15.92 -18.60
C ALA B 516 -31.61 -17.41 -18.95
N LEU B 517 -31.09 -17.81 -20.11
CA LEU B 517 -31.22 -19.18 -20.57
C LEU B 517 -29.94 -19.99 -20.43
N GLY B 518 -28.83 -19.28 -20.22
CA GLY B 518 -27.50 -19.88 -20.29
C GLY B 518 -27.09 -20.80 -19.16
N GLY B 519 -27.57 -20.54 -17.95
CA GLY B 519 -27.21 -21.38 -16.83
C GLY B 519 -27.58 -20.90 -15.44
N ASP B 520 -26.81 -21.37 -14.46
CA ASP B 520 -27.13 -21.21 -13.05
C ASP B 520 -26.29 -20.13 -12.39
N GLY B 521 -25.46 -19.47 -13.20
CA GLY B 521 -24.62 -18.37 -12.79
C GLY B 521 -24.25 -17.52 -13.99
N TYR B 522 -23.75 -16.31 -13.73
CA TYR B 522 -23.37 -15.39 -14.81
C TYR B 522 -21.97 -14.85 -14.61
N LEU B 523 -21.30 -14.57 -15.74
CA LEU B 523 -19.97 -13.99 -15.74
C LEU B 523 -19.85 -12.90 -16.80
N ASN B 524 -19.15 -11.83 -16.44
CA ASN B 524 -18.89 -10.69 -17.30
C ASN B 524 -17.43 -10.31 -17.16
N PHE B 525 -16.72 -10.18 -18.28
CA PHE B 525 -15.36 -9.68 -18.20
C PHE B 525 -15.32 -8.16 -18.16
N MET B 526 -14.51 -7.67 -17.23
CA MET B 526 -14.22 -6.25 -17.05
C MET B 526 -14.28 -5.41 -18.33
N GLY B 527 -15.27 -4.51 -18.38
CA GLY B 527 -15.41 -3.59 -19.51
C GLY B 527 -16.50 -3.97 -20.48
N ASN B 528 -16.72 -5.27 -20.63
CA ASN B 528 -17.73 -5.79 -21.56
C ASN B 528 -19.16 -5.48 -21.15
N GLU B 529 -19.36 -5.08 -19.90
CA GLU B 529 -20.69 -4.74 -19.39
C GLU B 529 -21.25 -3.50 -20.09
N PHE B 530 -20.38 -2.59 -20.50
CA PHE B 530 -20.80 -1.41 -21.24
C PHE B 530 -20.37 -1.40 -22.71
N GLY B 531 -20.06 -2.58 -23.26
CA GLY B 531 -19.65 -2.71 -24.65
C GLY B 531 -18.37 -1.97 -25.00
N HIS B 532 -17.39 -2.03 -24.10
CA HIS B 532 -16.06 -1.48 -24.32
C HIS B 532 -15.56 -1.79 -25.73
N PRO B 533 -15.08 -0.76 -26.46
CA PRO B 533 -14.70 -0.94 -27.85
C PRO B 533 -13.37 -1.69 -28.02
N GLU B 534 -12.89 -1.72 -29.25
CA GLU B 534 -11.55 -2.23 -29.58
C GLU B 534 -11.33 -3.65 -29.03
N TRP B 535 -10.14 -3.93 -28.53
CA TRP B 535 -9.77 -5.29 -28.09
C TRP B 535 -8.62 -5.28 -27.09
N ILE B 536 -8.30 -6.47 -26.56
CA ILE B 536 -7.21 -6.62 -25.58
C ILE B 536 -5.95 -7.21 -26.22
N ASP B 537 -4.85 -6.48 -26.11
CA ASP B 537 -3.58 -6.87 -26.70
C ASP B 537 -2.43 -6.41 -25.81
N PHE B 538 -1.71 -7.37 -25.24
CA PHE B 538 -0.60 -7.10 -24.32
C PHE B 538 0.62 -6.54 -25.05
N PRO B 539 1.40 -5.66 -24.36
CA PRO B 539 2.64 -5.17 -24.94
C PRO B 539 3.49 -6.30 -25.51
N ARG B 540 3.85 -6.18 -26.78
CA ARG B 540 4.71 -7.15 -27.45
C ARG B 540 5.47 -6.46 -28.57
N GLU B 541 6.47 -7.14 -29.11
CA GLU B 541 7.27 -6.63 -30.22
C GLU B 541 6.39 -6.08 -31.36
N GLY B 542 5.38 -6.86 -31.75
CA GLY B 542 4.49 -6.51 -32.86
C GLY B 542 3.64 -5.27 -32.70
N ASN B 543 3.40 -4.84 -31.47
CA ASN B 543 2.70 -3.58 -31.21
C ASN B 543 3.61 -2.52 -30.59
N ASN B 544 4.92 -2.78 -30.65
CA ASN B 544 5.95 -1.89 -30.12
C ASN B 544 5.85 -1.66 -28.62
N TRP B 545 5.45 -2.71 -27.90
CA TRP B 545 5.34 -2.69 -26.43
C TRP B 545 4.33 -1.66 -25.96
N SER B 546 3.23 -1.57 -26.71
CA SER B 546 2.16 -0.62 -26.42
C SER B 546 1.20 -1.18 -25.39
N TYR B 547 0.78 -0.30 -24.49
CA TYR B 547 -0.20 -0.63 -23.46
C TYR B 547 -1.59 -0.13 -23.85
N ASP B 548 -1.69 0.49 -25.02
CA ASP B 548 -2.93 1.11 -25.48
C ASP B 548 -4.12 0.15 -25.47
N LYS B 549 -3.87 -1.13 -25.70
CA LYS B 549 -4.91 -2.16 -25.62
C LYS B 549 -4.68 -3.08 -24.41
N CYS B 550 -3.97 -2.57 -23.41
CA CYS B 550 -3.77 -3.29 -22.16
C CYS B 550 -4.19 -2.38 -21.02
N ARG B 551 -5.47 -2.04 -21.01
CA ARG B 551 -6.04 -1.01 -20.15
C ARG B 551 -7.56 -1.05 -20.34
N ARG B 552 -8.29 -0.30 -19.52
CA ARG B 552 -9.75 -0.17 -19.65
C ARG B 552 -10.13 1.30 -19.73
N GLN B 553 -10.83 1.69 -20.79
CA GLN B 553 -11.21 3.09 -20.99
C GLN B 553 -12.48 3.44 -20.22
N TRP B 554 -12.33 3.61 -18.91
CA TRP B 554 -13.44 3.96 -18.03
C TRP B 554 -14.14 5.25 -18.42
N SER B 555 -13.36 6.24 -18.89
CA SER B 555 -13.91 7.51 -19.36
C SER B 555 -15.14 7.36 -20.28
N LEU B 556 -15.14 6.31 -21.10
CA LEU B 556 -16.22 6.06 -22.05
C LEU B 556 -17.57 5.77 -21.38
N VAL B 557 -17.54 4.97 -20.32
CA VAL B 557 -18.76 4.67 -19.56
C VAL B 557 -19.15 5.81 -18.62
N ASP B 558 -18.16 6.58 -18.17
CA ASP B 558 -18.37 7.66 -17.23
C ASP B 558 -18.96 8.93 -17.88
N THR B 559 -18.46 9.28 -19.07
CA THR B 559 -18.89 10.51 -19.73
C THR B 559 -20.38 10.47 -20.11
N ASP B 560 -21.10 11.51 -19.71
CA ASP B 560 -22.54 11.58 -19.90
C ASP B 560 -22.97 11.83 -21.36
N HIS B 561 -22.06 12.36 -22.18
CA HIS B 561 -22.40 12.66 -23.58
CA HIS B 561 -22.38 12.66 -23.57
C HIS B 561 -22.08 11.52 -24.54
N LEU B 562 -21.79 10.34 -23.98
CA LEU B 562 -21.61 9.15 -24.80
C LEU B 562 -22.72 8.13 -24.56
N ARG B 563 -22.73 7.05 -25.33
CA ARG B 563 -23.82 6.08 -25.25
C ARG B 563 -23.47 4.79 -24.50
N TYR B 564 -22.21 4.68 -24.06
CA TYR B 564 -21.77 3.49 -23.31
C TYR B 564 -22.58 3.31 -22.02
N LYS B 565 -22.88 4.43 -21.37
CA LYS B 565 -23.74 4.46 -20.17
C LYS B 565 -25.03 3.64 -20.31
N TYR B 566 -25.63 3.65 -21.50
CA TYR B 566 -26.89 2.96 -21.77
C TYR B 566 -26.79 1.44 -21.63
N MET B 567 -25.68 0.89 -22.10
CA MET B 567 -25.42 -0.55 -22.02
C MET B 567 -25.04 -0.94 -20.60
N ASN B 568 -24.30 -0.05 -19.93
CA ASN B 568 -23.96 -0.23 -18.53
C ASN B 568 -25.18 -0.18 -17.63
N ALA B 569 -26.03 0.83 -17.87
CA ALA B 569 -27.31 0.93 -17.17
C ALA B 569 -28.14 -0.33 -17.35
N PHE B 570 -28.16 -0.86 -18.58
CA PHE B 570 -28.88 -2.11 -18.83
C PHE B 570 -28.26 -3.29 -18.10
N ASP B 571 -26.94 -3.35 -18.08
CA ASP B 571 -26.24 -4.42 -17.37
C ASP B 571 -26.55 -4.34 -15.89
N GLN B 572 -26.56 -3.11 -15.37
CA GLN B 572 -26.89 -2.82 -13.98
C GLN B 572 -28.30 -3.32 -13.62
N ALA B 573 -29.27 -3.02 -14.48
CA ALA B 573 -30.67 -3.40 -14.26
C ALA B 573 -30.92 -4.89 -14.51
N MET B 574 -30.13 -5.47 -15.42
CA MET B 574 -30.19 -6.90 -15.71
C MET B 574 -29.77 -7.70 -14.49
N ASN B 575 -28.71 -7.26 -13.82
CA ASN B 575 -28.25 -7.88 -12.58
C ASN B 575 -29.20 -7.63 -11.40
N ALA B 576 -29.76 -6.42 -11.33
CA ALA B 576 -30.76 -6.09 -10.30
C ALA B 576 -32.01 -6.96 -10.46
N LEU B 577 -32.45 -7.18 -11.70
CA LEU B 577 -33.60 -8.03 -11.99
C LEU B 577 -33.39 -9.44 -11.44
N GLU B 578 -32.15 -9.93 -11.57
CA GLU B 578 -31.79 -11.25 -11.08
C GLU B 578 -31.71 -11.29 -9.57
N GLU B 579 -31.28 -10.18 -8.97
CA GLU B 579 -31.29 -10.06 -7.51
C GLU B 579 -32.73 -10.11 -6.98
N GLU B 580 -33.64 -9.40 -7.63
CA GLU B 580 -35.04 -9.42 -7.20
C GLU B 580 -35.72 -10.77 -7.43
N PHE B 581 -35.56 -11.33 -8.63
CA PHE B 581 -36.36 -12.49 -9.03
C PHE B 581 -35.72 -13.88 -8.86
N SER B 582 -34.41 -13.93 -8.64
CA SER B 582 -33.69 -15.18 -8.35
C SER B 582 -33.76 -16.24 -9.45
N PHE B 583 -33.95 -15.81 -10.70
CA PHE B 583 -34.17 -16.77 -11.80
C PHE B 583 -32.98 -17.67 -12.14
N LEU B 584 -31.76 -17.19 -11.90
CA LEU B 584 -30.57 -18.03 -12.16
C LEU B 584 -30.54 -19.29 -11.29
N SER B 585 -31.19 -19.23 -10.13
CA SER B 585 -31.23 -20.37 -9.20
C SER B 585 -32.48 -21.23 -9.37
N SER B 586 -33.26 -20.95 -10.41
CA SER B 586 -34.51 -21.68 -10.66
C SER B 586 -34.33 -22.79 -11.69
N SER B 587 -34.82 -23.98 -11.35
CA SER B 587 -34.85 -25.11 -12.26
C SER B 587 -36.05 -25.02 -13.20
N LYS B 588 -36.79 -23.92 -13.12
CA LYS B 588 -37.92 -23.71 -14.02
C LYS B 588 -37.47 -22.98 -15.28
N GLN B 589 -37.26 -23.77 -16.32
CA GLN B 589 -36.84 -23.26 -17.62
C GLN B 589 -37.69 -23.93 -18.69
N ILE B 590 -38.43 -23.12 -19.45
CA ILE B 590 -39.32 -23.62 -20.50
C ILE B 590 -39.31 -22.69 -21.70
N VAL B 591 -38.76 -23.19 -22.81
CA VAL B 591 -38.83 -22.48 -24.08
C VAL B 591 -40.14 -22.89 -24.75
N SER B 592 -41.06 -21.95 -24.85
CA SER B 592 -42.39 -22.22 -25.37
C SER B 592 -42.49 -21.89 -26.86
N ASP B 593 -41.75 -20.88 -27.30
CA ASP B 593 -41.81 -20.43 -28.68
C ASP B 593 -40.42 -20.18 -29.27
N MET B 594 -40.15 -20.85 -30.39
CA MET B 594 -38.96 -20.61 -31.20
C MET B 594 -39.40 -20.25 -32.62
N ASN B 595 -39.87 -19.01 -32.79
CA ASN B 595 -40.44 -18.54 -34.05
C ASN B 595 -39.36 -18.19 -35.08
N GLU B 596 -39.17 -19.07 -36.06
CA GLU B 596 -38.10 -18.91 -37.05
C GLU B 596 -38.36 -17.82 -38.09
N LYS B 597 -39.60 -17.69 -38.54
CA LYS B 597 -39.97 -16.68 -39.53
C LYS B 597 -39.87 -15.26 -38.98
N ASP B 598 -40.46 -15.04 -37.80
CA ASP B 598 -40.53 -13.73 -37.19
C ASP B 598 -39.26 -13.31 -36.45
N LYS B 599 -38.46 -14.31 -36.07
CA LYS B 599 -37.21 -14.11 -35.29
C LYS B 599 -37.55 -13.72 -33.85
N VAL B 600 -38.25 -14.63 -33.17
CA VAL B 600 -38.72 -14.40 -31.81
C VAL B 600 -38.50 -15.65 -30.96
N ILE B 601 -37.97 -15.44 -29.76
CA ILE B 601 -37.81 -16.50 -28.77
C ILE B 601 -38.63 -16.14 -27.54
N VAL B 602 -39.45 -17.09 -27.07
CA VAL B 602 -40.22 -16.90 -25.84
C VAL B 602 -39.91 -18.04 -24.88
N PHE B 603 -39.57 -17.69 -23.64
CA PHE B 603 -39.24 -18.67 -22.62
C PHE B 603 -39.58 -18.20 -21.21
N GLU B 604 -39.68 -19.18 -20.30
CA GLU B 604 -39.92 -18.91 -18.90
C GLU B 604 -38.72 -19.36 -18.07
N ARG B 605 -38.19 -18.46 -17.25
CA ARG B 605 -37.14 -18.80 -16.29
C ARG B 605 -37.51 -18.23 -14.93
N GLY B 606 -37.61 -19.09 -13.92
CA GLY B 606 -38.15 -18.68 -12.63
C GLY B 606 -39.56 -18.13 -12.82
N ASP B 607 -39.83 -16.99 -12.20
CA ASP B 607 -41.16 -16.37 -12.24
C ASP B 607 -41.32 -15.38 -13.40
N LEU B 608 -40.36 -15.36 -14.32
CA LEU B 608 -40.40 -14.37 -15.40
C LEU B 608 -40.67 -14.97 -16.78
N VAL B 609 -41.39 -14.20 -17.58
CA VAL B 609 -41.65 -14.54 -18.98
C VAL B 609 -40.86 -13.59 -19.84
N PHE B 610 -40.05 -14.14 -20.74
CA PHE B 610 -39.13 -13.35 -21.55
C PHE B 610 -39.56 -13.35 -23.00
N VAL B 611 -39.43 -12.20 -23.65
CA VAL B 611 -39.74 -12.10 -25.08
C VAL B 611 -38.58 -11.44 -25.81
N PHE B 612 -37.98 -12.18 -26.74
CA PHE B 612 -36.84 -11.69 -27.51
C PHE B 612 -37.21 -11.54 -28.98
N ASN B 613 -37.04 -10.33 -29.50
CA ASN B 613 -37.29 -10.07 -30.90
C ASN B 613 -35.99 -9.71 -31.61
N PHE B 614 -35.44 -10.69 -32.33
CA PHE B 614 -34.18 -10.49 -33.05
C PHE B 614 -34.38 -9.94 -34.45
N HIS B 615 -35.64 -9.63 -34.79
CA HIS B 615 -35.97 -9.11 -36.11
C HIS B 615 -35.45 -7.70 -36.32
N PRO B 616 -34.88 -7.42 -37.51
CA PRO B 616 -34.36 -6.11 -37.85
C PRO B 616 -35.37 -4.96 -37.85
N ASN B 617 -36.63 -5.21 -38.22
CA ASN B 617 -37.57 -4.12 -38.51
C ASN B 617 -39.03 -4.29 -38.07
N LYS B 618 -39.50 -5.54 -37.97
CA LYS B 618 -40.92 -5.82 -37.73
C LYS B 618 -41.35 -5.72 -36.26
N THR B 619 -42.29 -4.83 -35.99
CA THR B 619 -42.94 -4.73 -34.69
C THR B 619 -44.17 -5.64 -34.65
N TYR B 620 -44.21 -6.57 -33.71
CA TYR B 620 -45.35 -7.49 -33.56
C TYR B 620 -46.30 -7.03 -32.46
N LYS B 621 -47.52 -6.67 -32.86
CA LYS B 621 -48.54 -6.20 -31.94
C LYS B 621 -49.46 -7.34 -31.54
N GLY B 622 -49.76 -7.44 -30.25
CA GLY B 622 -50.63 -8.49 -29.72
C GLY B 622 -50.06 -9.88 -29.90
N TYR B 623 -48.76 -10.01 -29.67
CA TYR B 623 -48.08 -11.31 -29.79
C TYR B 623 -48.43 -12.19 -28.59
N LYS B 624 -49.09 -13.30 -28.88
CA LYS B 624 -49.56 -14.22 -27.87
C LYS B 624 -48.40 -15.00 -27.27
N VAL B 625 -48.26 -14.96 -25.95
CA VAL B 625 -47.19 -15.68 -25.28
C VAL B 625 -47.72 -16.54 -24.14
N GLY B 626 -47.33 -17.82 -24.14
CA GLY B 626 -47.72 -18.75 -23.10
C GLY B 626 -47.02 -18.45 -21.78
N CYS B 627 -47.71 -18.74 -20.69
CA CYS B 627 -47.17 -18.54 -19.36
C CYS B 627 -47.73 -19.59 -18.40
N ASP B 628 -47.11 -19.74 -17.23
CA ASP B 628 -47.60 -20.66 -16.22
C ASP B 628 -48.86 -20.12 -15.54
N LEU B 629 -48.66 -19.37 -14.45
CA LEU B 629 -49.76 -18.91 -13.60
C LEU B 629 -50.66 -17.87 -14.25
N PRO B 630 -51.98 -17.95 -13.99
CA PRO B 630 -52.92 -16.98 -14.54
C PRO B 630 -52.94 -15.68 -13.74
N GLY B 631 -53.31 -14.58 -14.39
CA GLY B 631 -53.44 -13.29 -13.74
C GLY B 631 -53.14 -12.11 -14.64
N LYS B 632 -52.26 -11.25 -14.16
CA LYS B 632 -52.00 -9.94 -14.73
C LYS B 632 -50.49 -9.70 -14.80
N TYR B 633 -49.99 -9.43 -15.99
CA TYR B 633 -48.54 -9.33 -16.21
C TYR B 633 -48.05 -7.93 -16.58
N ARG B 634 -46.99 -7.49 -15.91
CA ARG B 634 -46.39 -6.18 -16.18
C ARG B 634 -44.93 -6.30 -16.60
N VAL B 635 -44.41 -5.24 -17.22
CA VAL B 635 -43.00 -5.17 -17.62
C VAL B 635 -42.10 -5.21 -16.39
N ALA B 636 -41.19 -6.17 -16.35
CA ALA B 636 -40.23 -6.29 -15.26
C ALA B 636 -38.89 -5.65 -15.63
N LEU B 637 -38.44 -5.90 -16.86
CA LEU B 637 -37.26 -5.25 -17.45
C LEU B 637 -37.43 -5.18 -18.97
N ASP B 638 -37.15 -4.01 -19.54
CA ASP B 638 -37.40 -3.74 -20.95
C ASP B 638 -36.21 -3.02 -21.59
N SER B 639 -35.58 -3.67 -22.57
CA SER B 639 -34.36 -3.15 -23.20
C SER B 639 -34.57 -1.88 -24.02
N ASP B 640 -35.83 -1.64 -24.41
CA ASP B 640 -36.17 -0.51 -25.27
C ASP B 640 -36.44 0.78 -24.49
N ALA B 641 -36.41 0.69 -23.17
CA ALA B 641 -36.58 1.86 -22.30
C ALA B 641 -35.51 2.91 -22.57
N LEU B 642 -35.88 4.17 -22.43
CA LEU B 642 -34.99 5.30 -22.72
C LEU B 642 -33.69 5.30 -21.91
N VAL B 643 -33.78 4.90 -20.64
CA VAL B 643 -32.61 4.81 -19.75
C VAL B 643 -31.54 3.84 -20.27
N PHE B 644 -31.95 2.90 -21.13
CA PHE B 644 -31.04 1.97 -21.79
C PHE B 644 -30.79 2.33 -23.26
N GLY B 645 -31.13 3.56 -23.63
CA GLY B 645 -30.92 4.06 -24.98
C GLY B 645 -31.83 3.47 -26.03
N GLY B 646 -33.02 3.05 -25.60
CA GLY B 646 -34.03 2.53 -26.52
C GLY B 646 -34.95 3.63 -27.03
N HIS B 647 -36.08 3.23 -27.60
CA HIS B 647 -37.04 4.20 -28.15
C HIS B 647 -38.27 4.42 -27.25
N GLY B 648 -38.37 3.65 -26.18
CA GLY B 648 -39.44 3.79 -25.20
C GLY B 648 -40.82 3.53 -25.76
N ARG B 649 -40.92 2.53 -26.63
CA ARG B 649 -42.16 2.20 -27.33
C ARG B 649 -43.05 1.28 -26.49
N VAL B 650 -42.44 0.61 -25.52
CA VAL B 650 -43.15 -0.32 -24.63
C VAL B 650 -43.52 0.38 -23.31
N GLY B 651 -44.78 0.22 -22.91
CA GLY B 651 -45.27 0.81 -21.67
C GLY B 651 -44.99 -0.04 -20.44
N HIS B 652 -44.47 0.59 -19.39
CA HIS B 652 -44.06 -0.09 -18.17
C HIS B 652 -45.21 -0.35 -17.19
N ASP B 653 -46.26 0.46 -17.27
CA ASP B 653 -47.39 0.38 -16.34
C ASP B 653 -48.61 -0.36 -16.92
N VAL B 654 -48.56 -0.67 -18.22
CA VAL B 654 -49.64 -1.35 -18.92
C VAL B 654 -49.83 -2.77 -18.37
N ASP B 655 -51.08 -3.16 -18.16
CA ASP B 655 -51.40 -4.51 -17.70
C ASP B 655 -51.57 -5.46 -18.88
N HIS B 656 -51.16 -6.71 -18.67
CA HIS B 656 -51.36 -7.79 -19.64
C HIS B 656 -52.05 -8.97 -18.94
N PHE B 657 -53.34 -9.11 -19.21
CA PHE B 657 -54.19 -10.10 -18.54
C PHE B 657 -54.14 -11.46 -19.22
N THR B 658 -54.25 -12.53 -18.43
CA THR B 658 -54.14 -13.88 -18.96
C THR B 658 -55.48 -14.52 -19.36
N SER B 659 -55.43 -15.28 -20.46
CA SER B 659 -56.53 -16.13 -20.86
C SER B 659 -56.13 -17.59 -20.58
N PRO B 660 -57.08 -18.42 -20.09
CA PRO B 660 -56.78 -19.85 -19.92
C PRO B 660 -56.67 -20.58 -21.25
N GLU B 661 -55.90 -21.67 -21.27
CA GLU B 661 -55.73 -22.49 -22.46
C GLU B 661 -55.90 -23.96 -22.13
N GLY B 662 -57.07 -24.50 -22.44
CA GLY B 662 -57.41 -25.89 -22.11
C GLY B 662 -57.41 -26.15 -20.62
N MET B 663 -56.90 -27.32 -20.24
CA MET B 663 -56.87 -27.75 -18.85
C MET B 663 -55.42 -28.04 -18.41
N PRO B 664 -55.12 -27.84 -17.11
CA PRO B 664 -53.83 -28.18 -16.49
C PRO B 664 -53.18 -29.47 -17.00
N GLY B 665 -52.32 -29.33 -18.01
CA GLY B 665 -51.49 -30.43 -18.49
C GLY B 665 -52.05 -31.26 -19.64
N VAL B 666 -52.65 -30.60 -20.62
CA VAL B 666 -53.21 -31.28 -21.79
C VAL B 666 -52.56 -30.75 -23.09
N PRO B 667 -51.46 -31.40 -23.52
CA PRO B 667 -50.57 -30.97 -24.63
C PRO B 667 -51.21 -30.59 -25.98
N GLU B 668 -52.47 -30.94 -26.21
CA GLU B 668 -53.13 -30.60 -27.48
C GLU B 668 -53.99 -29.35 -27.35
N THR B 669 -54.53 -29.14 -26.15
CA THR B 669 -55.39 -27.99 -25.85
C THR B 669 -54.57 -26.76 -25.46
N ASN B 670 -53.56 -26.97 -24.61
CA ASN B 670 -52.66 -25.92 -24.13
C ASN B 670 -52.02 -25.10 -25.26
N PHE B 671 -51.63 -23.86 -24.93
CA PHE B 671 -50.92 -23.00 -25.89
C PHE B 671 -49.41 -23.18 -25.76
N ASN B 672 -48.80 -23.65 -26.85
CA ASN B 672 -47.38 -24.01 -26.86
C ASN B 672 -46.97 -24.75 -25.57
N ASN B 673 -47.80 -25.71 -25.18
CA ASN B 673 -47.68 -26.53 -23.96
C ASN B 673 -47.83 -25.82 -22.61
N ARG B 674 -48.29 -24.56 -22.64
CA ARG B 674 -48.46 -23.78 -21.41
C ARG B 674 -49.95 -23.63 -21.03
N PRO B 675 -50.25 -23.58 -19.71
CA PRO B 675 -51.62 -23.56 -19.20
C PRO B 675 -52.39 -22.25 -19.47
N ASN B 676 -51.67 -21.14 -19.54
CA ASN B 676 -52.28 -19.84 -19.82
C ASN B 676 -51.48 -19.03 -20.83
N SER B 677 -52.03 -17.91 -21.27
CA SER B 677 -51.34 -17.01 -22.20
C SER B 677 -51.71 -15.55 -21.98
N PHE B 678 -50.90 -14.65 -22.54
CA PHE B 678 -51.24 -13.23 -22.63
C PHE B 678 -50.57 -12.57 -23.84
N LYS B 679 -50.91 -11.32 -24.10
CA LYS B 679 -50.49 -10.65 -25.34
C LYS B 679 -49.57 -9.47 -25.08
N VAL B 680 -48.57 -9.31 -25.95
CA VAL B 680 -47.55 -8.27 -25.79
C VAL B 680 -47.31 -7.46 -27.05
N LEU B 681 -46.71 -6.29 -26.88
CA LEU B 681 -46.10 -5.53 -27.96
C LEU B 681 -44.62 -5.91 -28.00
N SER B 682 -44.09 -6.14 -29.19
CA SER B 682 -42.71 -6.57 -29.35
C SER B 682 -42.03 -5.88 -30.52
N PRO B 683 -41.41 -4.71 -30.27
CA PRO B 683 -40.71 -3.95 -31.30
C PRO B 683 -39.43 -4.66 -31.74
N PRO B 684 -38.89 -4.30 -32.92
CA PRO B 684 -37.73 -5.00 -33.44
C PRO B 684 -36.50 -4.85 -32.54
N ARG B 685 -35.76 -5.94 -32.36
CA ARG B 685 -34.53 -5.97 -31.57
C ARG B 685 -34.74 -5.44 -30.16
N THR B 686 -35.71 -6.03 -29.47
CA THR B 686 -35.99 -5.75 -28.08
C THR B 686 -36.02 -7.06 -27.33
N CYS B 687 -35.67 -7.00 -26.05
CA CYS B 687 -35.91 -8.09 -25.13
C CYS B 687 -36.63 -7.54 -23.92
N VAL B 688 -37.73 -8.17 -23.55
CA VAL B 688 -38.55 -7.73 -22.43
C VAL B 688 -38.87 -8.91 -21.54
N ALA B 689 -38.60 -8.76 -20.25
CA ALA B 689 -39.01 -9.74 -19.25
C ALA B 689 -40.31 -9.26 -18.62
N TYR B 690 -41.13 -10.21 -18.17
CA TYR B 690 -42.45 -9.91 -17.63
C TYR B 690 -42.66 -10.62 -16.30
N TYR B 691 -43.33 -9.95 -15.37
CA TYR B 691 -43.67 -10.55 -14.10
C TYR B 691 -45.18 -10.49 -13.83
N ARG B 692 -45.65 -11.42 -13.01
CA ARG B 692 -47.04 -11.46 -12.62
C ARG B 692 -47.26 -10.59 -11.39
N VAL B 693 -48.11 -9.58 -11.53
CA VAL B 693 -48.48 -8.70 -10.42
C VAL B 693 -49.09 -9.57 -9.31
N ASP B 694 -48.60 -9.39 -8.09
CA ASP B 694 -49.14 -10.13 -6.95
C ASP B 694 -50.56 -9.67 -6.64
N GLU B 695 -51.51 -10.57 -6.87
CA GLU B 695 -52.93 -10.26 -6.70
C GLU B 695 -53.29 -9.94 -5.24
N ASP B 696 -52.94 -10.85 -4.34
CA ASP B 696 -53.34 -10.75 -2.93
C ASP B 696 -52.74 -9.56 -2.16
N ARG B 697 -51.50 -9.20 -2.49
CA ARG B 697 -50.71 -8.26 -1.68
C ARG B 697 -51.28 -6.84 -1.59
N GLU B 698 -51.79 -6.33 -2.71
CA GLU B 698 -52.41 -4.99 -2.75
C GLU B 698 -53.76 -4.97 -2.02
N GLU B 699 -53.83 -4.14 -0.97
CA GLU B 699 -54.93 -4.11 -0.01
C GLU B 699 -55.12 -5.48 0.69
#